data_4EIH
# 
_entry.id   4EIH 
# 
_audit_conform.dict_name       mmcif_pdbx.dic 
_audit_conform.dict_version    5.379 
_audit_conform.dict_location   http://mmcif.pdb.org/dictionaries/ascii/mmcif_pdbx.dic 
# 
loop_
_database_2.database_id 
_database_2.database_code 
_database_2.pdbx_database_accession 
_database_2.pdbx_DOI 
PDB   4EIH         pdb_00004eih 10.2210/pdb4eih/pdb 
RCSB  RCSB071659   ?            ?                   
WWPDB D_1000071659 ?            ?                   
# 
_pdbx_database_status.status_code                     REL 
_pdbx_database_status.entry_id                        4EIH 
_pdbx_database_status.recvd_initial_deposition_date   2012-04-05 
_pdbx_database_status.deposit_site                    RCSB 
_pdbx_database_status.process_site                    RCSB 
_pdbx_database_status.status_code_sf                  REL 
_pdbx_database_status.status_code_mr                  ? 
_pdbx_database_status.SG_entry                        ? 
_pdbx_database_status.status_code_cs                  ? 
_pdbx_database_status.methods_development_category    ? 
_pdbx_database_status.pdb_format_compatible           Y 
_pdbx_database_status.status_code_nmr_data            ? 
# 
loop_
_audit_author.name 
_audit_author.pdbx_ordinal 
'Liu, W.'        1 
'MacGrath, S.M.' 2 
'Koleske, A.J.'  3 
'Boggon, T.J.'   4 
# 
_citation.id                        primary 
_citation.title                     
;Two Amino Acid Residues Confer Different Binding Affinities of Abelson Family Kinase Src Homology 2 Domains for Phosphorylated Cortactin.
;
_citation.journal_abbrev            J.Biol.Chem. 
_citation.journal_volume            289 
_citation.page_first                19704 
_citation.page_last                 19713 
_citation.year                      2014 
_citation.journal_id_ASTM           JBCHA3 
_citation.country                   US 
_citation.journal_id_ISSN           0021-9258 
_citation.journal_id_CSD            0071 
_citation.book_publisher            ? 
_citation.pdbx_database_id_PubMed   24891505 
_citation.pdbx_database_id_DOI      10.1074/jbc.M114.556480 
# 
loop_
_citation_author.citation_id 
_citation_author.name 
_citation_author.ordinal 
_citation_author.identifier_ORCID 
primary 'Gifford, S.M.' 1 ? 
primary 'Liu, W.'       2 ? 
primary 'Mader, C.C.'   3 ? 
primary 'Halo, T.L.'    4 ? 
primary 'Machida, K.'   5 ? 
primary 'Boggon, T.J.'  6 ? 
primary 'Koleske, A.J.' 7 ? 
# 
_cell.entry_id           4EIH 
_cell.length_a           56.294 
_cell.length_b           81.845 
_cell.length_c           37.686 
_cell.angle_alpha        90.00 
_cell.angle_beta         90.00 
_cell.angle_gamma        90.00 
_cell.Z_PDB              8 
_cell.pdbx_unique_axis   ? 
_cell.length_a_esd       ? 
_cell.length_b_esd       ? 
_cell.length_c_esd       ? 
_cell.angle_alpha_esd    ? 
_cell.angle_beta_esd     ? 
_cell.angle_gamma_esd    ? 
# 
_symmetry.entry_id                         4EIH 
_symmetry.space_group_name_H-M             'C 2 2 21' 
_symmetry.pdbx_full_space_group_name_H-M   ? 
_symmetry.cell_setting                     ? 
_symmetry.Int_Tables_number                20 
_symmetry.space_group_name_Hall            ? 
# 
loop_
_entity.id 
_entity.type 
_entity.src_method 
_entity.pdbx_description 
_entity.formula_weight 
_entity.pdbx_number_of_molecules 
_entity.pdbx_ec 
_entity.pdbx_mutation 
_entity.pdbx_fragment 
_entity.details 
1 polymer     man 'Abelson tyrosine-protein kinase 2' 12763.295 1   2.7.10.2 ? 'SH2 domain, UNP residues 165-273' ? 
2 non-polymer syn 'CHLORIDE ION'                      35.453    1   ?        ? ?                                  ? 
3 water       nat water                               18.015    100 ?        ? ?                                  ? 
# 
_entity_name_com.entity_id   1 
_entity_name_com.name        
'Abelson murine leukemia viral oncogene homolog 2, Abelson-related gene protein, Tyrosine-protein kinase ARG' 
# 
_entity_poly.entity_id                      1 
_entity_poly.type                           'polypeptide(L)' 
_entity_poly.nstd_linkage                   no 
_entity_poly.nstd_monomer                   no 
_entity_poly.pdbx_seq_one_letter_code       
;GPLGSVNSLEKHSWYHGPVSRSAAEYLLSSLINGSFLVRESESSPGQLSISLRYEGRVYHYRINTTADGKVYVTAESRFS
TLAELVHHHSTVADGLVTTLHYPAPKCNKPTVYGIL
;
_entity_poly.pdbx_seq_one_letter_code_can   
;GPLGSVNSLEKHSWYHGPVSRSAAEYLLSSLINGSFLVRESESSPGQLSISLRYEGRVYHYRINTTADGKVYVTAESRFS
TLAELVHHHSTVADGLVTTLHYPAPKCNKPTVYGIL
;
_entity_poly.pdbx_strand_id                 A 
_entity_poly.pdbx_target_identifier         ? 
# 
loop_
_entity_poly_seq.entity_id 
_entity_poly_seq.num 
_entity_poly_seq.mon_id 
_entity_poly_seq.hetero 
1 1   GLY n 
1 2   PRO n 
1 3   LEU n 
1 4   GLY n 
1 5   SER n 
1 6   VAL n 
1 7   ASN n 
1 8   SER n 
1 9   LEU n 
1 10  GLU n 
1 11  LYS n 
1 12  HIS n 
1 13  SER n 
1 14  TRP n 
1 15  TYR n 
1 16  HIS n 
1 17  GLY n 
1 18  PRO n 
1 19  VAL n 
1 20  SER n 
1 21  ARG n 
1 22  SER n 
1 23  ALA n 
1 24  ALA n 
1 25  GLU n 
1 26  TYR n 
1 27  LEU n 
1 28  LEU n 
1 29  SER n 
1 30  SER n 
1 31  LEU n 
1 32  ILE n 
1 33  ASN n 
1 34  GLY n 
1 35  SER n 
1 36  PHE n 
1 37  LEU n 
1 38  VAL n 
1 39  ARG n 
1 40  GLU n 
1 41  SER n 
1 42  GLU n 
1 43  SER n 
1 44  SER n 
1 45  PRO n 
1 46  GLY n 
1 47  GLN n 
1 48  LEU n 
1 49  SER n 
1 50  ILE n 
1 51  SER n 
1 52  LEU n 
1 53  ARG n 
1 54  TYR n 
1 55  GLU n 
1 56  GLY n 
1 57  ARG n 
1 58  VAL n 
1 59  TYR n 
1 60  HIS n 
1 61  TYR n 
1 62  ARG n 
1 63  ILE n 
1 64  ASN n 
1 65  THR n 
1 66  THR n 
1 67  ALA n 
1 68  ASP n 
1 69  GLY n 
1 70  LYS n 
1 71  VAL n 
1 72  TYR n 
1 73  VAL n 
1 74  THR n 
1 75  ALA n 
1 76  GLU n 
1 77  SER n 
1 78  ARG n 
1 79  PHE n 
1 80  SER n 
1 81  THR n 
1 82  LEU n 
1 83  ALA n 
1 84  GLU n 
1 85  LEU n 
1 86  VAL n 
1 87  HIS n 
1 88  HIS n 
1 89  HIS n 
1 90  SER n 
1 91  THR n 
1 92  VAL n 
1 93  ALA n 
1 94  ASP n 
1 95  GLY n 
1 96  LEU n 
1 97  VAL n 
1 98  THR n 
1 99  THR n 
1 100 LEU n 
1 101 HIS n 
1 102 TYR n 
1 103 PRO n 
1 104 ALA n 
1 105 PRO n 
1 106 LYS n 
1 107 CYS n 
1 108 ASN n 
1 109 LYS n 
1 110 PRO n 
1 111 THR n 
1 112 VAL n 
1 113 TYR n 
1 114 GLY n 
1 115 ILE n 
1 116 LEU n 
# 
_entity_src_gen.entity_id                          1 
_entity_src_gen.pdbx_src_id                        1 
_entity_src_gen.pdbx_alt_source_flag               sample 
_entity_src_gen.pdbx_seq_type                      ? 
_entity_src_gen.pdbx_beg_seq_num                   ? 
_entity_src_gen.pdbx_end_seq_num                   ? 
_entity_src_gen.gene_src_common_name               human 
_entity_src_gen.gene_src_genus                     ? 
_entity_src_gen.pdbx_gene_src_gene                 'ABL2, ABLL, ARG' 
_entity_src_gen.gene_src_species                   ? 
_entity_src_gen.gene_src_strain                    ? 
_entity_src_gen.gene_src_tissue                    ? 
_entity_src_gen.gene_src_tissue_fraction           ? 
_entity_src_gen.gene_src_details                   ? 
_entity_src_gen.pdbx_gene_src_fragment             ? 
_entity_src_gen.pdbx_gene_src_scientific_name      'Homo sapiens' 
_entity_src_gen.pdbx_gene_src_ncbi_taxonomy_id     9606 
_entity_src_gen.pdbx_gene_src_variant              ? 
_entity_src_gen.pdbx_gene_src_cell_line            ? 
_entity_src_gen.pdbx_gene_src_atcc                 ? 
_entity_src_gen.pdbx_gene_src_organ                ? 
_entity_src_gen.pdbx_gene_src_organelle            ? 
_entity_src_gen.pdbx_gene_src_cell                 ? 
_entity_src_gen.pdbx_gene_src_cellular_location    ? 
_entity_src_gen.host_org_common_name               ? 
_entity_src_gen.pdbx_host_org_scientific_name      'Escherichia coli' 
_entity_src_gen.pdbx_host_org_ncbi_taxonomy_id     511693 
_entity_src_gen.host_org_genus                     ? 
_entity_src_gen.pdbx_host_org_gene                 ? 
_entity_src_gen.pdbx_host_org_organ                ? 
_entity_src_gen.host_org_species                   ? 
_entity_src_gen.pdbx_host_org_tissue               ? 
_entity_src_gen.pdbx_host_org_tissue_fraction      ? 
_entity_src_gen.pdbx_host_org_strain               BL21 
_entity_src_gen.pdbx_host_org_variant              ? 
_entity_src_gen.pdbx_host_org_cell_line            ? 
_entity_src_gen.pdbx_host_org_atcc                 ? 
_entity_src_gen.pdbx_host_org_culture_collection   ? 
_entity_src_gen.pdbx_host_org_cell                 ? 
_entity_src_gen.pdbx_host_org_organelle            ? 
_entity_src_gen.pdbx_host_org_cellular_location    ? 
_entity_src_gen.pdbx_host_org_vector_type          Plasmid 
_entity_src_gen.pdbx_host_org_vector               ? 
_entity_src_gen.host_org_details                   ? 
_entity_src_gen.expression_system_id               ? 
_entity_src_gen.plasmid_name                       pGEX6p-1 
_entity_src_gen.plasmid_details                    ? 
_entity_src_gen.pdbx_description                   ? 
# 
_struct_ref.id                         1 
_struct_ref.db_name                    UNP 
_struct_ref.db_code                    ABL2_HUMAN 
_struct_ref.pdbx_db_accession          P42684 
_struct_ref.entity_id                  1 
_struct_ref.pdbx_seq_one_letter_code   
;VNSLEKHSWYHGPVSRSAAEYLLSSLINGSFLVRESESSPGQLSISLRYEGRVYHYRINTTADGKVYVTAESRFSTLAEL
VHHHSTVADGLVTTLHYPAPKCNKPTVYG
;
_struct_ref.pdbx_align_begin           165 
_struct_ref.pdbx_db_isoform            ? 
# 
_struct_ref_seq.align_id                      1 
_struct_ref_seq.ref_id                        1 
_struct_ref_seq.pdbx_PDB_id_code              4EIH 
_struct_ref_seq.pdbx_strand_id                A 
_struct_ref_seq.seq_align_beg                 6 
_struct_ref_seq.pdbx_seq_align_beg_ins_code   ? 
_struct_ref_seq.seq_align_end                 114 
_struct_ref_seq.pdbx_seq_align_end_ins_code   ? 
_struct_ref_seq.pdbx_db_accession             P42684 
_struct_ref_seq.db_align_beg                  165 
_struct_ref_seq.pdbx_db_align_beg_ins_code    ? 
_struct_ref_seq.db_align_end                  273 
_struct_ref_seq.pdbx_db_align_end_ins_code    ? 
_struct_ref_seq.pdbx_auth_seq_align_beg       165 
_struct_ref_seq.pdbx_auth_seq_align_end       273 
# 
loop_
_struct_ref_seq_dif.align_id 
_struct_ref_seq_dif.pdbx_pdb_id_code 
_struct_ref_seq_dif.mon_id 
_struct_ref_seq_dif.pdbx_pdb_strand_id 
_struct_ref_seq_dif.seq_num 
_struct_ref_seq_dif.pdbx_pdb_ins_code 
_struct_ref_seq_dif.pdbx_seq_db_name 
_struct_ref_seq_dif.pdbx_seq_db_accession_code 
_struct_ref_seq_dif.db_mon_id 
_struct_ref_seq_dif.pdbx_seq_db_seq_num 
_struct_ref_seq_dif.details 
_struct_ref_seq_dif.pdbx_auth_seq_num 
_struct_ref_seq_dif.pdbx_ordinal 
1 4EIH GLY A 1   ? UNP P42684 ? ? 'expression tag' 160 1 
1 4EIH PRO A 2   ? UNP P42684 ? ? 'expression tag' 161 2 
1 4EIH LEU A 3   ? UNP P42684 ? ? 'expression tag' 162 3 
1 4EIH GLY A 4   ? UNP P42684 ? ? 'expression tag' 163 4 
1 4EIH SER A 5   ? UNP P42684 ? ? 'expression tag' 164 5 
1 4EIH ILE A 115 ? UNP P42684 ? ? 'expression tag' 274 6 
1 4EIH LEU A 116 ? UNP P42684 ? ? 'expression tag' 275 7 
# 
loop_
_chem_comp.id 
_chem_comp.type 
_chem_comp.mon_nstd_flag 
_chem_comp.name 
_chem_comp.pdbx_synonyms 
_chem_comp.formula 
_chem_comp.formula_weight 
ALA 'L-peptide linking' y ALANINE         ? 'C3 H7 N O2'     89.093  
ARG 'L-peptide linking' y ARGININE        ? 'C6 H15 N4 O2 1' 175.209 
ASN 'L-peptide linking' y ASPARAGINE      ? 'C4 H8 N2 O3'    132.118 
ASP 'L-peptide linking' y 'ASPARTIC ACID' ? 'C4 H7 N O4'     133.103 
CL  non-polymer         . 'CHLORIDE ION'  ? 'Cl -1'          35.453  
CYS 'L-peptide linking' y CYSTEINE        ? 'C3 H7 N O2 S'   121.158 
GLN 'L-peptide linking' y GLUTAMINE       ? 'C5 H10 N2 O3'   146.144 
GLU 'L-peptide linking' y 'GLUTAMIC ACID' ? 'C5 H9 N O4'     147.129 
GLY 'peptide linking'   y GLYCINE         ? 'C2 H5 N O2'     75.067  
HIS 'L-peptide linking' y HISTIDINE       ? 'C6 H10 N3 O2 1' 156.162 
HOH non-polymer         . WATER           ? 'H2 O'           18.015  
ILE 'L-peptide linking' y ISOLEUCINE      ? 'C6 H13 N O2'    131.173 
LEU 'L-peptide linking' y LEUCINE         ? 'C6 H13 N O2'    131.173 
LYS 'L-peptide linking' y LYSINE          ? 'C6 H15 N2 O2 1' 147.195 
PHE 'L-peptide linking' y PHENYLALANINE   ? 'C9 H11 N O2'    165.189 
PRO 'L-peptide linking' y PROLINE         ? 'C5 H9 N O2'     115.130 
SER 'L-peptide linking' y SERINE          ? 'C3 H7 N O3'     105.093 
THR 'L-peptide linking' y THREONINE       ? 'C4 H9 N O3'     119.119 
TRP 'L-peptide linking' y TRYPTOPHAN      ? 'C11 H12 N2 O2'  204.225 
TYR 'L-peptide linking' y TYROSINE        ? 'C9 H11 N O3'    181.189 
VAL 'L-peptide linking' y VALINE          ? 'C5 H11 N O2'    117.146 
# 
_exptl.entry_id          4EIH 
_exptl.method            'X-RAY DIFFRACTION' 
_exptl.crystals_number   1 
# 
_exptl_crystal.id                    1 
_exptl_crystal.density_meas          ? 
_exptl_crystal.density_Matthews      1.70 
_exptl_crystal.density_percent_sol   27.67 
_exptl_crystal.description           ? 
_exptl_crystal.F_000                 ? 
_exptl_crystal.preparation           ? 
# 
_exptl_crystal_grow.crystal_id      1 
_exptl_crystal_grow.method          'VAPOR DIFFUSION, HANGING DROP' 
_exptl_crystal_grow.temp            293 
_exptl_crystal_grow.temp_details    ? 
_exptl_crystal_grow.pH              8.5 
_exptl_crystal_grow.pdbx_details    
'pH8.5 100mM Tris,  15-17% PEG4000  0.2M Na Acetate, VAPOR DIFFUSION, HANGING DROP, temperature 293K' 
_exptl_crystal_grow.pdbx_pH_range   ? 
# 
_diffrn.id                     1 
_diffrn.ambient_temp           100 
_diffrn.ambient_temp_details   ? 
_diffrn.crystal_id             1 
# 
_diffrn_detector.diffrn_id              1 
_diffrn_detector.detector               CCD 
_diffrn_detector.type                   'ADSC QUANTUM 270' 
_diffrn_detector.pdbx_collection_date   2010-10-05 
_diffrn_detector.details                ? 
# 
_diffrn_radiation.diffrn_id                        1 
_diffrn_radiation.wavelength_id                    1 
_diffrn_radiation.pdbx_monochromatic_or_laue_m_l   M 
_diffrn_radiation.monochromator                    'Si 111' 
_diffrn_radiation.pdbx_diffrn_protocol             'SINGLE WAVELENGTH' 
_diffrn_radiation.pdbx_scattering_type             x-ray 
# 
_diffrn_radiation_wavelength.id           1 
_diffrn_radiation_wavelength.wavelength   1.0781 
_diffrn_radiation_wavelength.wt           1.0 
# 
_diffrn_source.diffrn_id                   1 
_diffrn_source.source                      SYNCHROTRON 
_diffrn_source.type                        'NSLS BEAMLINE X6A' 
_diffrn_source.pdbx_synchrotron_site       NSLS 
_diffrn_source.pdbx_synchrotron_beamline   X6A 
_diffrn_source.pdbx_wavelength             ? 
_diffrn_source.pdbx_wavelength_list        1.0781 
# 
_reflns.entry_id                     4EIH 
_reflns.observed_criterion_sigma_I   0 
_reflns.observed_criterion_sigma_F   0 
_reflns.d_resolution_low             20.00 
_reflns.d_resolution_high            1.2 
_reflns.number_obs                   25189 
_reflns.number_all                   25920 
_reflns.percent_possible_obs         95.1 
_reflns.pdbx_Rsym_value              0.046 
_reflns.pdbx_netI_over_sigmaI        29.00 
_reflns.B_iso_Wilson_estimate        17.6 
_reflns.pdbx_redundancy              6.7 
_reflns.R_free_details               ? 
_reflns.limit_h_max                  ? 
_reflns.limit_h_min                  ? 
_reflns.limit_k_max                  ? 
_reflns.limit_k_min                  ? 
_reflns.limit_l_max                  ? 
_reflns.limit_l_min                  ? 
_reflns.observed_criterion_F_max     ? 
_reflns.observed_criterion_F_min     ? 
_reflns.pdbx_chi_squared             ? 
_reflns.pdbx_scaling_rejects         ? 
_reflns.pdbx_Rmerge_I_obs            ? 
_reflns.pdbx_ordinal                 1 
_reflns.pdbx_diffrn_id               1 
# 
_reflns_shell.d_res_high             1.20 
_reflns_shell.d_res_low              1.24 
_reflns_shell.percent_possible_all   69.3 
_reflns_shell.Rmerge_I_obs           ? 
_reflns_shell.pdbx_Rsym_value        0.237 
_reflns_shell.meanI_over_sigI_obs    5.27 
_reflns_shell.pdbx_redundancy        3.7 
_reflns_shell.percent_possible_obs   ? 
_reflns_shell.number_unique_all      1844 
_reflns_shell.number_measured_all    ? 
_reflns_shell.number_measured_obs    ? 
_reflns_shell.number_unique_obs      ? 
_reflns_shell.pdbx_chi_squared       ? 
_reflns_shell.pdbx_ordinal           1 
_reflns_shell.pdbx_diffrn_id         1 
# 
_refine.entry_id                                 4EIH 
_refine.ls_number_reflns_obs                     24512 
_refine.ls_number_reflns_all                     25814 
_refine.pdbx_ls_sigma_I                          ? 
_refine.pdbx_ls_sigma_F                          ? 
_refine.pdbx_data_cutoff_high_absF               ? 
_refine.pdbx_data_cutoff_low_absF                ? 
_refine.pdbx_data_cutoff_high_rms_absF           ? 
_refine.ls_d_res_low                             19.75 
_refine.ls_d_res_high                            1.20 
_refine.ls_percent_reflns_obs                    94.23 
_refine.ls_R_factor_obs                          0.16147 
_refine.ls_R_factor_R_work                       0.16043 
_refine.ls_R_factor_R_free                       0.18108 
_refine.ls_R_factor_R_free_error                 ? 
_refine.ls_R_factor_R_free_error_details         ? 
_refine.ls_percent_reflns_R_free                 5.0 
_refine.ls_number_reflns_R_free                  1302 
_refine.ls_number_parameters                     ? 
_refine.ls_number_restraints                     ? 
_refine.occupancy_min                            ? 
_refine.occupancy_max                            ? 
_refine.correlation_coeff_Fo_to_Fc               0.977 
_refine.correlation_coeff_Fo_to_Fc_free          0.974 
_refine.B_iso_mean                               26.278 
_refine.aniso_B[1][1]                            -0.11 
_refine.aniso_B[2][2]                            -0.25 
_refine.aniso_B[3][3]                            0.36 
_refine.aniso_B[1][2]                            0.00 
_refine.aniso_B[1][3]                            0.00 
_refine.aniso_B[2][3]                            0.00 
_refine.solvent_model_details                    'BABINET MODEL WITH MASK' 
_refine.solvent_model_param_ksol                 ? 
_refine.solvent_model_param_bsol                 ? 
_refine.pdbx_solvent_vdw_probe_radii             1.40 
_refine.pdbx_solvent_ion_probe_radii             0.80 
_refine.pdbx_solvent_shrinkage_radii             0.80 
_refine.pdbx_ls_cross_valid_method               THROUGHOUT 
_refine.details                                  'HYDROGENS HAVE BEEN ADDED IN THE RIDING POSITIONS' 
_refine.pdbx_starting_model                      'PDB entry 3K2M' 
_refine.pdbx_method_to_determine_struct          'MOLECULAR REPLACEMENT' 
_refine.pdbx_isotropic_thermal_model             ? 
_refine.pdbx_stereochemistry_target_values       'MAXIMUM LIKELIHOOD' 
_refine.pdbx_stereochem_target_val_spec_case     ? 
_refine.pdbx_R_Free_selection_details            RANDOM 
_refine.pdbx_overall_ESU_R                       0.048 
_refine.pdbx_overall_ESU_R_Free                  0.044 
_refine.overall_SU_ML                            0.036 
_refine.pdbx_overall_phase_error                 ? 
_refine.overall_SU_B                             1.779 
_refine.overall_SU_R_Cruickshank_DPI             ? 
_refine.ls_redundancy_reflns_obs                 ? 
_refine.B_iso_min                                ? 
_refine.B_iso_max                                ? 
_refine.overall_SU_R_free                        ? 
_refine.ls_wR_factor_R_free                      ? 
_refine.ls_wR_factor_R_work                      ? 
_refine.overall_FOM_free_R_set                   ? 
_refine.overall_FOM_work_R_set                   ? 
_refine.ls_R_factor_all                          ? 
_refine.pdbx_diffrn_id                           1 
_refine.pdbx_refine_id                           'X-RAY DIFFRACTION' 
_refine.pdbx_TLS_residual_ADP_flag               ? 
_refine.pdbx_overall_SU_R_free_Cruickshank_DPI   ? 
_refine.pdbx_overall_SU_R_Blow_DPI               ? 
_refine.pdbx_overall_SU_R_free_Blow_DPI          ? 
# 
_refine_hist.pdbx_refine_id                   'X-RAY DIFFRACTION' 
_refine_hist.cycle_id                         LAST 
_refine_hist.pdbx_number_atoms_protein        792 
_refine_hist.pdbx_number_atoms_nucleic_acid   0 
_refine_hist.pdbx_number_atoms_ligand         1 
_refine_hist.number_atoms_solvent             100 
_refine_hist.number_atoms_total               893 
_refine_hist.d_res_high                       1.20 
_refine_hist.d_res_low                        19.75 
# 
loop_
_refine_ls_restr.type 
_refine_ls_restr.dev_ideal 
_refine_ls_restr.dev_ideal_target 
_refine_ls_restr.weight 
_refine_ls_restr.number 
_refine_ls_restr.pdbx_restraint_function 
_refine_ls_restr.pdbx_refine_id 
r_bond_refined_d             0.014  0.021  ? 847  ? 'X-RAY DIFFRACTION' 
r_bond_other_d               ?      ?      ? ?    ? 'X-RAY DIFFRACTION' 
r_angle_refined_deg          1.539  1.939  ? 1162 ? 'X-RAY DIFFRACTION' 
r_angle_other_deg            ?      ?      ? ?    ? 'X-RAY DIFFRACTION' 
r_dihedral_angle_1_deg       6.407  5.000  ? 112  ? 'X-RAY DIFFRACTION' 
r_dihedral_angle_2_deg       30.851 21.667 ? 36   ? 'X-RAY DIFFRACTION' 
r_dihedral_angle_3_deg       11.663 15.000 ? 135  ? 'X-RAY DIFFRACTION' 
r_dihedral_angle_4_deg       19.539 15.000 ? 6    ? 'X-RAY DIFFRACTION' 
r_chiral_restr               0.112  0.200  ? 132  ? 'X-RAY DIFFRACTION' 
r_gen_planes_refined         0.009  0.021  ? 646  ? 'X-RAY DIFFRACTION' 
r_gen_planes_other           ?      ?      ? ?    ? 'X-RAY DIFFRACTION' 
r_nbd_refined                ?      ?      ? ?    ? 'X-RAY DIFFRACTION' 
r_nbd_other                  ?      ?      ? ?    ? 'X-RAY DIFFRACTION' 
r_nbtor_refined              ?      ?      ? ?    ? 'X-RAY DIFFRACTION' 
r_nbtor_other                ?      ?      ? ?    ? 'X-RAY DIFFRACTION' 
r_xyhbond_nbd_refined        ?      ?      ? ?    ? 'X-RAY DIFFRACTION' 
r_xyhbond_nbd_other          ?      ?      ? ?    ? 'X-RAY DIFFRACTION' 
r_metal_ion_refined          ?      ?      ? ?    ? 'X-RAY DIFFRACTION' 
r_metal_ion_other            ?      ?      ? ?    ? 'X-RAY DIFFRACTION' 
r_symmetry_vdw_refined       ?      ?      ? ?    ? 'X-RAY DIFFRACTION' 
r_symmetry_vdw_other         ?      ?      ? ?    ? 'X-RAY DIFFRACTION' 
r_symmetry_hbond_refined     ?      ?      ? ?    ? 'X-RAY DIFFRACTION' 
r_symmetry_hbond_other       ?      ?      ? ?    ? 'X-RAY DIFFRACTION' 
r_symmetry_metal_ion_refined ?      ?      ? ?    ? 'X-RAY DIFFRACTION' 
r_symmetry_metal_ion_other   ?      ?      ? ?    ? 'X-RAY DIFFRACTION' 
r_mcbond_it                  1.878  1.500  ? 520  ? 'X-RAY DIFFRACTION' 
r_mcbond_other               ?      ?      ? ?    ? 'X-RAY DIFFRACTION' 
r_mcangle_it                 2.939  2.000  ? 847  ? 'X-RAY DIFFRACTION' 
r_scbond_it                  3.625  3.000  ? 327  ? 'X-RAY DIFFRACTION' 
r_scangle_it                 5.332  4.500  ? 309  ? 'X-RAY DIFFRACTION' 
r_rigid_bond_restr           1.697  3.000  ? 847  ? 'X-RAY DIFFRACTION' 
r_sphericity_free            ?      ?      ? ?    ? 'X-RAY DIFFRACTION' 
r_sphericity_bonded          ?      ?      ? ?    ? 'X-RAY DIFFRACTION' 
# 
_refine_ls_shell.pdbx_total_number_of_bins_used   20 
_refine_ls_shell.d_res_high                       1.2 
_refine_ls_shell.d_res_low                        1.235 
_refine_ls_shell.number_reflns_R_work             1151 
_refine_ls_shell.R_factor_R_work                  0.205 
_refine_ls_shell.percent_reflns_obs               61.13 
_refine_ls_shell.R_factor_R_free                  0.227 
_refine_ls_shell.R_factor_R_free_error            ? 
_refine_ls_shell.percent_reflns_R_free            ? 
_refine_ls_shell.number_reflns_R_free             60 
_refine_ls_shell.number_reflns_all                ? 
_refine_ls_shell.R_factor_all                     ? 
_refine_ls_shell.number_reflns_obs                ? 
_refine_ls_shell.redundancy_reflns_obs            ? 
_refine_ls_shell.pdbx_refine_id                   'X-RAY DIFFRACTION' 
# 
_struct.entry_id                  4EIH 
_struct.title                     'Crystal structure of Arg SH2 domain' 
_struct.pdbx_model_details        ? 
_struct.pdbx_CASP_flag            ? 
_struct.pdbx_model_type_details   ? 
# 
_struct_keywords.entry_id        4EIH 
_struct_keywords.pdbx_keywords   TRANSFERASE 
_struct_keywords.text            'SH2 domain, Protein/protein interaction, phosphotyrosine, Phosphopeptide, TRANSFERASE' 
# 
loop_
_struct_asym.id 
_struct_asym.pdbx_blank_PDB_chainid_flag 
_struct_asym.pdbx_modified 
_struct_asym.entity_id 
_struct_asym.details 
A N N 1 ? 
B N N 2 ? 
C N N 3 ? 
# 
_struct_biol.id        1 
_struct_biol.details   ? 
# 
loop_
_struct_conf.conf_type_id 
_struct_conf.id 
_struct_conf.pdbx_PDB_helix_id 
_struct_conf.beg_label_comp_id 
_struct_conf.beg_label_asym_id 
_struct_conf.beg_label_seq_id 
_struct_conf.pdbx_beg_PDB_ins_code 
_struct_conf.end_label_comp_id 
_struct_conf.end_label_asym_id 
_struct_conf.end_label_seq_id 
_struct_conf.pdbx_end_PDB_ins_code 
_struct_conf.beg_auth_comp_id 
_struct_conf.beg_auth_asym_id 
_struct_conf.beg_auth_seq_id 
_struct_conf.end_auth_comp_id 
_struct_conf.end_auth_asym_id 
_struct_conf.end_auth_seq_id 
_struct_conf.pdbx_PDB_helix_class 
_struct_conf.details 
_struct_conf.pdbx_PDB_helix_length 
HELX_P HELX_P1 1 SER A 8  ? HIS A 12 ? SER A 167 HIS A 171 5 ? 5  
HELX_P HELX_P2 2 SER A 20 ? SER A 29 ? SER A 179 SER A 188 1 ? 10 
HELX_P HELX_P3 3 THR A 81 ? SER A 90 ? THR A 240 SER A 249 1 ? 10 
# 
_struct_conf_type.id          HELX_P 
_struct_conf_type.criteria    ? 
_struct_conf_type.reference   ? 
# 
loop_
_struct_sheet.id 
_struct_sheet.type 
_struct_sheet.number_strands 
_struct_sheet.details 
A ? 4 ? 
B ? 3 ? 
C ? 3 ? 
# 
loop_
_struct_sheet_order.sheet_id 
_struct_sheet_order.range_id_1 
_struct_sheet_order.range_id_2 
_struct_sheet_order.offset 
_struct_sheet_order.sense 
A 1 2 ? parallel      
A 2 3 ? anti-parallel 
A 3 4 ? anti-parallel 
B 1 2 ? parallel      
B 2 3 ? parallel      
C 1 2 ? anti-parallel 
C 2 3 ? anti-parallel 
# 
loop_
_struct_sheet_range.sheet_id 
_struct_sheet_range.id 
_struct_sheet_range.beg_label_comp_id 
_struct_sheet_range.beg_label_asym_id 
_struct_sheet_range.beg_label_seq_id 
_struct_sheet_range.pdbx_beg_PDB_ins_code 
_struct_sheet_range.end_label_comp_id 
_struct_sheet_range.end_label_asym_id 
_struct_sheet_range.end_label_seq_id 
_struct_sheet_range.pdbx_end_PDB_ins_code 
_struct_sheet_range.beg_auth_comp_id 
_struct_sheet_range.beg_auth_asym_id 
_struct_sheet_range.beg_auth_seq_id 
_struct_sheet_range.end_auth_comp_id 
_struct_sheet_range.end_auth_asym_id 
_struct_sheet_range.end_auth_seq_id 
A 1 TYR A 15  ? PRO A 18  ? TYR A 174 PRO A 177 
A 2 SER A 35  ? GLU A 40  ? SER A 194 GLU A 199 
A 3 LEU A 48  ? TYR A 54  ? LEU A 207 TYR A 213 
A 4 ARG A 57  ? ARG A 62  ? ARG A 216 ARG A 221 
B 1 TYR A 15  ? PRO A 18  ? TYR A 174 PRO A 177 
B 2 SER A 35  ? GLU A 40  ? SER A 194 GLU A 199 
B 3 TYR A 102 ? PRO A 103 ? TYR A 261 PRO A 262 
C 1 ASN A 64  ? THR A 65  ? ASN A 223 THR A 224 
C 2 VAL A 71  ? THR A 74  ? VAL A 230 THR A 233 
C 3 SER A 77  ? PHE A 79  ? SER A 236 PHE A 238 
# 
loop_
_pdbx_struct_sheet_hbond.sheet_id 
_pdbx_struct_sheet_hbond.range_id_1 
_pdbx_struct_sheet_hbond.range_id_2 
_pdbx_struct_sheet_hbond.range_1_label_atom_id 
_pdbx_struct_sheet_hbond.range_1_label_comp_id 
_pdbx_struct_sheet_hbond.range_1_label_asym_id 
_pdbx_struct_sheet_hbond.range_1_label_seq_id 
_pdbx_struct_sheet_hbond.range_1_PDB_ins_code 
_pdbx_struct_sheet_hbond.range_1_auth_atom_id 
_pdbx_struct_sheet_hbond.range_1_auth_comp_id 
_pdbx_struct_sheet_hbond.range_1_auth_asym_id 
_pdbx_struct_sheet_hbond.range_1_auth_seq_id 
_pdbx_struct_sheet_hbond.range_2_label_atom_id 
_pdbx_struct_sheet_hbond.range_2_label_comp_id 
_pdbx_struct_sheet_hbond.range_2_label_asym_id 
_pdbx_struct_sheet_hbond.range_2_label_seq_id 
_pdbx_struct_sheet_hbond.range_2_PDB_ins_code 
_pdbx_struct_sheet_hbond.range_2_auth_atom_id 
_pdbx_struct_sheet_hbond.range_2_auth_comp_id 
_pdbx_struct_sheet_hbond.range_2_auth_asym_id 
_pdbx_struct_sheet_hbond.range_2_auth_seq_id 
A 1 2 N HIS A 16 ? N HIS A 175 O VAL A 38  ? O VAL A 197 
A 2 3 N SER A 35 ? N SER A 194 O ARG A 53  ? O ARG A 212 
A 3 4 N ILE A 50 ? N ILE A 209 O TYR A 61  ? O TYR A 220 
B 1 2 N HIS A 16 ? N HIS A 175 O VAL A 38  ? O VAL A 197 
B 2 3 N PHE A 36 ? N PHE A 195 O TYR A 102 ? O TYR A 261 
C 1 2 N ASN A 64 ? N ASN A 223 O TYR A 72  ? O TYR A 231 
C 2 3 N VAL A 71 ? N VAL A 230 O PHE A 79  ? O PHE A 238 
# 
_struct_site.id                   AC1 
_struct_site.pdbx_evidence_code   Software 
_struct_site.pdbx_auth_asym_id    A 
_struct_site.pdbx_auth_comp_id    CL 
_struct_site.pdbx_auth_seq_id     301 
_struct_site.pdbx_auth_ins_code   ? 
_struct_site.pdbx_num_residues    4 
_struct_site.details              'BINDING SITE FOR RESIDUE CL A 301' 
# 
loop_
_struct_site_gen.id 
_struct_site_gen.site_id 
_struct_site_gen.pdbx_num_res 
_struct_site_gen.label_comp_id 
_struct_site_gen.label_asym_id 
_struct_site_gen.label_seq_id 
_struct_site_gen.pdbx_auth_ins_code 
_struct_site_gen.auth_comp_id 
_struct_site_gen.auth_asym_id 
_struct_site_gen.auth_seq_id 
_struct_site_gen.label_atom_id 
_struct_site_gen.label_alt_id 
_struct_site_gen.symmetry 
_struct_site_gen.details 
1 AC1 4 SER A 44 ? SER A 203 . ? 6_555 ? 
2 AC1 4 GLY A 46 ? GLY A 205 . ? 6_555 ? 
3 AC1 4 HIS A 60 ? HIS A 219 . ? 1_555 ? 
4 AC1 4 HOH C .  ? HOH A 430 . ? 1_555 ? 
# 
_atom_sites.entry_id                    4EIH 
_atom_sites.fract_transf_matrix[1][1]   -0.00120896 
_atom_sites.fract_transf_matrix[1][2]   -0.00093535 
_atom_sites.fract_transf_matrix[1][3]   -0.01769811 
_atom_sites.fract_transf_matrix[2][1]   0.00464688 
_atom_sites.fract_transf_matrix[2][2]   -0.01129636 
_atom_sites.fract_transf_matrix[2][3]   0.00027959 
_atom_sites.fract_transf_matrix[3][1]   -0.02447437 
_atom_sites.fract_transf_matrix[3][2]   -0.01001332 
_atom_sites.fract_transf_matrix[3][3]   0.00220106 
_atom_sites.fract_transf_vector[1]      0.248483 
_atom_sites.fract_transf_vector[2]      0.139369 
_atom_sites.fract_transf_vector[3]      0.436304 
# 
loop_
_atom_type.symbol 
C  
CL 
N  
O  
S  
# 
loop_
_atom_site.group_PDB 
_atom_site.id 
_atom_site.type_symbol 
_atom_site.label_atom_id 
_atom_site.label_alt_id 
_atom_site.label_comp_id 
_atom_site.label_asym_id 
_atom_site.label_entity_id 
_atom_site.label_seq_id 
_atom_site.pdbx_PDB_ins_code 
_atom_site.Cartn_x 
_atom_site.Cartn_y 
_atom_site.Cartn_z 
_atom_site.occupancy 
_atom_site.B_iso_or_equiv 
_atom_site.pdbx_formal_charge 
_atom_site.auth_seq_id 
_atom_site.auth_comp_id 
_atom_site.auth_asym_id 
_atom_site.auth_atom_id 
_atom_site.pdbx_PDB_model_num 
ATOM   1   N  N   . SER A 1 8   ? 8.377   11.695  -7.743  1.00 45.06  ? 167 SER A N   1 
ATOM   2   C  CA  . SER A 1 8   ? 6.955   11.421  -8.122  1.00 44.35  ? 167 SER A CA  1 
ATOM   3   C  C   . SER A 1 8   ? 6.109   10.652  -7.094  1.00 42.79  ? 167 SER A C   1 
ATOM   4   O  O   . SER A 1 8   ? 5.053   11.138  -6.719  1.00 43.18  ? 167 SER A O   1 
ATOM   5   C  CB  . SER A 1 8   ? 6.846   10.720  -9.484  1.00 45.24  ? 167 SER A CB  1 
ATOM   6   O  OG  . SER A 1 8   ? 5.475   10.475  -9.795  1.00 45.44  ? 167 SER A OG  1 
ATOM   7   N  N   . LEU A 1 9   ? 6.523   9.452   -6.673  1.00 39.89  ? 168 LEU A N   1 
ATOM   8   C  CA  . LEU A 1 9   ? 5.680   8.686   -5.740  1.00 35.87  ? 168 LEU A CA  1 
ATOM   9   C  C   . LEU A 1 9   ? 5.644   9.312   -4.365  1.00 33.52  ? 168 LEU A C   1 
ATOM   10  O  O   . LEU A 1 9   ? 4.597   9.280   -3.687  1.00 29.09  ? 168 LEU A O   1 
ATOM   11  C  CB  . LEU A 1 9   ? 6.091   7.219   -5.645  1.00 35.96  ? 168 LEU A CB  1 
ATOM   12  C  CG  . LEU A 1 9   ? 5.769   6.338   -6.845  1.00 37.47  ? 168 LEU A CG  1 
ATOM   13  C  CD1 . LEU A 1 9   ? 6.349   4.963   -6.675  1.00 38.10  ? 168 LEU A CD1 1 
ATOM   14  C  CD2 . LEU A 1 9   ? 4.262   6.248   -7.041  1.00 39.02  ? 168 LEU A CD2 1 
ATOM   15  N  N   . GLU A 1 10  ? 6.750   9.926   -3.965  1.00 31.97  ? 169 GLU A N   1 
ATOM   16  C  CA  . GLU A 1 10  ? 6.852   10.467  -2.616  1.00 31.73  ? 169 GLU A CA  1 
ATOM   17  C  C   . GLU A 1 10  ? 5.918   11.672  -2.375  1.00 29.71  ? 169 GLU A C   1 
ATOM   18  O  O   . GLU A 1 10  ? 5.625   12.030  -1.229  1.00 31.21  ? 169 GLU A O   1 
ATOM   19  C  CB  . GLU A 1 10  ? 8.305   10.805  -2.253  1.00 32.89  ? 169 GLU A CB  1 
ATOM   20  C  CG  . GLU A 1 10  ? 9.161   11.313  -3.402  1.00 39.71  ? 169 GLU A CG  1 
ATOM   21  C  CD  . GLU A 1 10  ? 9.458   10.240  -4.461  1.00 44.52  ? 169 GLU A CD  1 
ATOM   22  O  OE1 . GLU A 1 10  ? 9.323   10.555  -5.668  1.00 46.09  ? 169 GLU A OE1 1 
ATOM   23  O  OE2 . GLU A 1 10  ? 9.797   9.087   -4.089  1.00 47.14  ? 169 GLU A OE2 1 
ATOM   24  N  N   . LYS A 1 11  ? 5.403   12.248  -3.461  1.00 27.69  ? 170 LYS A N   1 
ATOM   25  C  CA  A LYS A 1 11  ? 4.429   13.324  -3.347  0.50 26.38  ? 170 LYS A CA  1 
ATOM   26  C  CA  B LYS A 1 11  ? 4.416   13.314  -3.384  0.50 26.67  ? 170 LYS A CA  1 
ATOM   27  C  C   . LYS A 1 11  ? 3.083   12.837  -2.799  1.00 24.94  ? 170 LYS A C   1 
ATOM   28  O  O   . LYS A 1 11  ? 2.268   13.671  -2.362  1.00 25.90  ? 170 LYS A O   1 
ATOM   29  C  CB  A LYS A 1 11  ? 4.209   13.999  -4.697  0.50 26.80  ? 170 LYS A CB  1 
ATOM   30  C  CB  B LYS A 1 11  ? 4.162   13.919  -4.767  0.50 27.36  ? 170 LYS A CB  1 
ATOM   31  C  CG  A LYS A 1 11  ? 3.675   13.054  -5.741  0.50 27.65  ? 170 LYS A CG  1 
ATOM   32  C  CG  B LYS A 1 11  ? 5.379   14.579  -5.411  0.50 29.05  ? 170 LYS A CG  1 
ATOM   33  C  CD  A LYS A 1 11  ? 3.486   13.696  -7.108  0.50 30.65  ? 170 LYS A CD  1 
ATOM   34  C  CD  B LYS A 1 11  ? 4.964   15.716  -6.318  0.50 33.19  ? 170 LYS A CD  1 
ATOM   35  C  CE  A LYS A 1 11  ? 2.984   12.642  -8.091  0.50 30.94  ? 170 LYS A CE  1 
ATOM   36  C  CE  B LYS A 1 11  ? 6.179   16.506  -6.767  0.50 35.40  ? 170 LYS A CE  1 
ATOM   37  N  NZ  A LYS A 1 11  ? 3.141   13.024  -9.512  0.50 32.60  ? 170 LYS A NZ  1 
ATOM   38  N  NZ  B LYS A 1 11  ? 5.785   17.778  -7.437  0.50 38.37  ? 170 LYS A NZ  1 
ATOM   39  N  N   . HIS A 1 12  ? 2.812   11.514  -2.837  1.00 22.76  ? 171 HIS A N   1 
ATOM   40  C  CA  . HIS A 1 12  ? 1.544   10.985  -2.329  1.00 20.98  ? 171 HIS A CA  1 
ATOM   41  C  C   . HIS A 1 12  ? 1.670   10.795  -0.833  1.00 20.50  ? 171 HIS A C   1 
ATOM   42  O  O   . HIS A 1 12  ? 2.645   10.220  -0.343  1.00 20.98  ? 171 HIS A O   1 
ATOM   43  C  CB  . HIS A 1 12  ? 1.205   9.661   -3.002  1.00 22.99  ? 171 HIS A CB  1 
ATOM   44  C  CG  . HIS A 1 12  ? 0.906   9.781   -4.462  1.00 23.78  ? 171 HIS A CG  1 
ATOM   45  N  ND1 . HIS A 1 12  ? -0.320  10.179  -4.949  1.00 26.22  ? 171 HIS A ND1 1 
ATOM   46  C  CD2 . HIS A 1 12  ? 1.685   9.541   -5.549  1.00 26.18  ? 171 HIS A CD2 1 
ATOM   47  C  CE1 . HIS A 1 12  ? -0.290  10.169  -6.274  1.00 27.86  ? 171 HIS A CE1 1 
ATOM   48  N  NE2 . HIS A 1 12  ? 0.917   9.789   -6.663  1.00 28.41  ? 171 HIS A NE2 1 
ATOM   49  N  N   . SER A 1 13  ? 0.618   11.165  -0.094  1.00 20.23  ? 172 SER A N   1 
ATOM   50  C  CA  . SER A 1 13  ? 0.647   11.003  1.350   1.00 20.78  ? 172 SER A CA  1 
ATOM   51  C  C   . SER A 1 13  ? 0.719   9.527   1.733   1.00 19.09  ? 172 SER A C   1 
ATOM   52  O  O   . SER A 1 13  ? 1.199   9.180   2.785   1.00 20.38  ? 172 SER A O   1 
ATOM   53  C  CB  . SER A 1 13  ? -0.570  11.657  2.003   1.00 22.09  ? 172 SER A CB  1 
ATOM   54  O  OG  . SER A 1 13  ? -1.732  11.053  1.490   1.00 22.28  ? 172 SER A OG  1 
ATOM   55  N  N   . TRP A 1 14  ? 0.254   8.644   0.852   1.00 18.53  ? 173 TRP A N   1 
ATOM   56  C  CA  . TRP A 1 14  ? 0.278   7.233   1.140   1.00 19.03  ? 173 TRP A CA  1 
ATOM   57  C  C   . TRP A 1 14  ? 1.580   6.527   0.825   1.00 18.66  ? 173 TRP A C   1 
ATOM   58  O  O   . TRP A 1 14  ? 1.745   5.378   1.168   1.00 19.49  ? 173 TRP A O   1 
ATOM   59  C  CB  . TRP A 1 14  ? -0.871  6.498   0.425   1.00 19.43  ? 173 TRP A CB  1 
ATOM   60  C  CG  . TRP A 1 14  ? -1.081  6.856   -0.990  1.00 20.38  ? 173 TRP A CG  1 
ATOM   61  C  CD1 . TRP A 1 14  ? -2.085  7.666   -1.469  1.00 21.59  ? 173 TRP A CD1 1 
ATOM   62  C  CD2 . TRP A 1 14  ? -0.348  6.393   -2.147  1.00 20.26  ? 173 TRP A CD2 1 
ATOM   63  N  NE1 . TRP A 1 14  ? -1.980  7.769   -2.838  1.00 22.48  ? 173 TRP A NE1 1 
ATOM   64  C  CE2 . TRP A 1 14  ? -0.962  6.970   -3.287  1.00 21.43  ? 173 TRP A CE2 1 
ATOM   65  C  CE3 . TRP A 1 14  ? 0.742   5.541   -2.340  1.00 20.68  ? 173 TRP A CE3 1 
ATOM   66  C  CZ2 . TRP A 1 14  ? -0.492  6.775   -4.584  1.00 22.64  ? 173 TRP A CZ2 1 
ATOM   67  C  CZ3 . TRP A 1 14  ? 1.204   5.333   -3.668  1.00 22.93  ? 173 TRP A CZ3 1 
ATOM   68  C  CH2 . TRP A 1 14  ? 0.577   5.938   -4.754  1.00 23.32  ? 173 TRP A CH2 1 
ATOM   69  N  N   . TYR A 1 15  ? 2.518   7.217   0.157   1.00 18.52  ? 174 TYR A N   1 
ATOM   70  C  CA  . TYR A 1 15  ? 3.796   6.573   -0.194  1.00 18.70  ? 174 TYR A CA  1 
ATOM   71  C  C   . TYR A 1 15  ? 4.843   6.935   0.831   1.00 19.26  ? 174 TYR A C   1 
ATOM   72  O  O   . TYR A 1 15  ? 5.279   8.086   0.864   1.00 20.45  ? 174 TYR A O   1 
ATOM   73  C  CB  . TYR A 1 15  ? 4.235   6.971   -1.583  1.00 19.87  ? 174 TYR A CB  1 
ATOM   74  C  CG  . TYR A 1 15  ? 5.371   6.130   -2.091  1.00 21.87  ? 174 TYR A CG  1 
ATOM   75  C  CD1 . TYR A 1 15  ? 6.708   6.544   -1.923  1.00 22.56  ? 174 TYR A CD1 1 
ATOM   76  C  CD2 . TYR A 1 15  ? 5.132   4.921   -2.734  1.00 23.49  ? 174 TYR A CD2 1 
ATOM   77  C  CE1 . TYR A 1 15  ? 7.776   5.744   -2.391  1.00 22.00  ? 174 TYR A CE1 1 
ATOM   78  C  CE2 . TYR A 1 15  ? 6.166   4.118   -3.207  1.00 24.54  ? 174 TYR A CE2 1 
ATOM   79  C  CZ  . TYR A 1 15  ? 7.489   4.538   -3.045  1.00 22.68  ? 174 TYR A CZ  1 
ATOM   80  O  OH  . TYR A 1 15  ? 8.513   3.744   -3.528  1.00 23.35  ? 174 TYR A OH  1 
ATOM   81  N  N   . HIS A 1 16  ? 5.275   5.970   1.632   1.00 18.66  ? 175 HIS A N   1 
ATOM   82  C  CA  . HIS A 1 16  ? 6.146   6.252   2.770   1.00 18.83  ? 175 HIS A CA  1 
ATOM   83  C  C   . HIS A 1 16  ? 7.608   5.919   2.514   1.00 19.51  ? 175 HIS A C   1 
ATOM   84  O  O   . HIS A 1 16  ? 8.420   6.084   3.412   1.00 20.14  ? 175 HIS A O   1 
ATOM   85  C  CB  . HIS A 1 16  ? 5.665   5.496   4.015   1.00 18.76  ? 175 HIS A CB  1 
ATOM   86  C  CG  . HIS A 1 16  ? 4.460   6.091   4.638   1.00 19.68  ? 175 HIS A CG  1 
ATOM   87  N  ND1 . HIS A 1 16  ? 4.335   6.216   5.998   1.00 21.05  ? 175 HIS A ND1 1 
ATOM   88  C  CD2 . HIS A 1 16  ? 3.322   6.592   4.088   1.00 20.25  ? 175 HIS A CD2 1 
ATOM   89  C  CE1 . HIS A 1 16  ? 3.153   6.746   6.266   1.00 21.55  ? 175 HIS A CE1 1 
ATOM   90  N  NE2 . HIS A 1 16  ? 2.519   6.990   5.131   1.00 20.70  ? 175 HIS A NE2 1 
ATOM   91  N  N   . GLY A 1 17  ? 7.939   5.379   1.357   1.00 18.91  ? 176 GLY A N   1 
ATOM   92  C  CA  . GLY A 1 17  ? 9.344   5.039   1.097   1.00 19.50  ? 176 GLY A CA  1 
ATOM   93  C  C   . GLY A 1 17  ? 9.736   3.778   1.845   1.00 18.19  ? 176 GLY A C   1 
ATOM   94  O  O   . GLY A 1 17  ? 8.878   2.928   2.147   1.00 18.02  ? 176 GLY A O   1 
ATOM   95  N  N   . PRO A 1 18  ? 11.039  3.643   2.186   1.00 18.46  ? 177 PRO A N   1 
ATOM   96  C  CA  . PRO A 1 18  ? 11.470  2.382   2.809   1.00 18.62  ? 177 PRO A CA  1 
ATOM   97  C  C   . PRO A 1 18  ? 10.970  2.266   4.254   1.00 18.19  ? 177 PRO A C   1 
ATOM   98  O  O   . PRO A 1 18  ? 11.250  3.144   5.087   1.00 18.78  ? 177 PRO A O   1 
ATOM   99  C  CB  . PRO A 1 18  ? 13.006  2.496   2.810   1.00 18.45  ? 177 PRO A CB  1 
ATOM   100 C  CG  . PRO A 1 18  ? 13.280  3.875   2.579   1.00 23.16  ? 177 PRO A CG  1 
ATOM   101 C  CD  . PRO A 1 18  ? 12.167  4.540   1.874   1.00 18.45  ? 177 PRO A CD  1 
ATOM   102 N  N   . VAL A 1 19  ? 10.244  1.195   4.554   1.00 18.01  ? 178 VAL A N   1 
ATOM   103 C  CA  . VAL A 1 19  ? 9.713   0.989   5.891   1.00 17.95  ? 178 VAL A CA  1 
ATOM   104 C  C   . VAL A 1 19  ? 9.697   -0.510  6.132   1.00 17.79  ? 178 VAL A C   1 
ATOM   105 O  O   . VAL A 1 19  ? 9.132   -1.263  5.285   1.00 18.61  ? 178 VAL A O   1 
ATOM   106 C  CB  . VAL A 1 19  ? 8.232   1.532   6.050   1.00 18.67  ? 178 VAL A CB  1 
ATOM   107 C  CG1 . VAL A 1 19  ? 7.809   1.400   7.486   1.00 18.94  ? 178 VAL A CG1 1 
ATOM   108 C  CG2 . VAL A 1 19  ? 8.072   2.964   5.571   1.00 18.95  ? 178 VAL A CG2 1 
ATOM   109 N  N   . SER A 1 20  ? 10.249  -0.957  7.250   1.00 18.27  ? 179 SER A N   1 
ATOM   110 C  CA  . SER A 1 20  ? 10.210  -2.371  7.593   1.00 18.14  ? 179 SER A CA  1 
ATOM   111 C  C   . SER A 1 20  ? 8.789   -2.844  7.911   1.00 17.92  ? 179 SER A C   1 
ATOM   112 O  O   . SER A 1 20  ? 7.889   -2.033  8.191   1.00 18.56  ? 179 SER A O   1 
ATOM   113 C  CB  . SER A 1 20  ? 11.106  -2.667  8.781   1.00 19.57  ? 179 SER A CB  1 
ATOM   114 O  OG  . SER A 1 20  ? 10.599  -2.087  9.965   1.00 20.03  ? 179 SER A OG  1 
ATOM   115 N  N   . ARG A 1 21  ? 8.632   -4.162  7.901   1.00 18.82  ? 180 ARG A N   1 
ATOM   116 C  CA  . ARG A 1 21  ? 7.314   -4.738  8.267   1.00 19.42  ? 180 ARG A CA  1 
ATOM   117 C  C   . ARG A 1 21  ? 6.907   -4.303  9.683   1.00 19.28  ? 180 ARG A C   1 
ATOM   118 O  O   . ARG A 1 21  ? 5.775   -3.843  9.903   1.00 18.93  ? 180 ARG A O   1 
ATOM   119 C  CB  . ARG A 1 21  ? 7.395   -6.256  8.204   1.00 20.77  ? 180 ARG A CB  1 
ATOM   120 C  CG  . ARG A 1 21  ? 6.117   -6.995  8.565   1.00 23.95  ? 180 ARG A CG  1 
ATOM   121 C  CD  . ARG A 1 21  ? 6.412   -8.511  8.517   1.00 28.24  ? 180 ARG A CD  1 
ATOM   122 N  NE  . ARG A 1 21  ? 5.194   -9.307  8.552   1.00 35.04  ? 180 ARG A NE  1 
ATOM   123 C  CZ  . ARG A 1 21  ? 4.607   -9.804  7.466   1.00 35.92  ? 180 ARG A CZ  1 
ATOM   124 N  NH1 . ARG A 1 21  ? 5.129   -9.570  6.246   1.00 35.91  ? 180 ARG A NH1 1 
ATOM   125 N  NH2 . ARG A 1 21  ? 3.502   -10.524 7.600   1.00 39.55  ? 180 ARG A NH2 1 
ATOM   126 N  N   . SER A 1 22  ? 7.816   -4.424  10.655  1.00 19.93  ? 181 SER A N   1 
ATOM   127 C  CA  A SER A 1 22  ? 7.505   -4.078  12.039  0.50 19.30  ? 181 SER A CA  1 
ATOM   128 C  CA  B SER A 1 22  ? 7.445   -4.094  12.022  0.50 19.96  ? 181 SER A CA  1 
ATOM   129 C  C   . SER A 1 22  ? 7.230   -2.596  12.220  1.00 19.19  ? 181 SER A C   1 
ATOM   130 O  O   . SER A 1 22  ? 6.343   -2.202  12.964  1.00 19.65  ? 181 SER A O   1 
ATOM   131 C  CB  A SER A 1 22  ? 8.612   -4.530  12.987  0.50 20.49  ? 181 SER A CB  1 
ATOM   132 C  CB  B SER A 1 22  ? 8.444   -4.649  13.024  0.50 21.39  ? 181 SER A CB  1 
ATOM   133 O  OG  A SER A 1 22  ? 8.621   -5.937  13.072  0.50 20.82  ? 181 SER A OG  1 
ATOM   134 O  OG  B SER A 1 22  ? 9.717   -4.171  12.695  0.50 24.66  ? 181 SER A OG  1 
ATOM   135 N  N   . ALA A 1 23  ? 8.018   -1.753  11.535  1.00 18.80  ? 182 ALA A N   1 
ATOM   136 C  CA  . ALA A 1 23  ? 7.776   -0.325  11.636  1.00 18.58  ? 182 ALA A CA  1 
ATOM   137 C  C   . ALA A 1 23  ? 6.418   0.038   11.025  1.00 18.41  ? 182 ALA A C   1 
ATOM   138 O  O   . ALA A 1 23  ? 5.669   0.858   11.603  1.00 18.94  ? 182 ALA A O   1 
ATOM   139 C  CB  . ALA A 1 23  ? 8.902   0.491   10.976  1.00 19.41  ? 182 ALA A CB  1 
ATOM   140 N  N   . ALA A 1 24  ? 6.083   -0.571  9.874   1.00 18.43  ? 183 ALA A N   1 
ATOM   141 C  CA  . ALA A 1 24  ? 4.791   -0.297  9.245   1.00 18.71  ? 183 ALA A CA  1 
ATOM   142 C  C   . ALA A 1 24  ? 3.636   -0.708  10.167  1.00 19.28  ? 183 ALA A C   1 
ATOM   143 O  O   . ALA A 1 24  ? 2.640   0.013   10.290  1.00 18.67  ? 183 ALA A O   1 
ATOM   144 C  CB  . ALA A 1 24  ? 4.699   -1.040  7.941   1.00 19.16  ? 183 ALA A CB  1 
ATOM   145 N  N   . GLU A 1 25  ? 3.792   -1.846  10.827  1.00 18.17  ? 184 GLU A N   1 
ATOM   146 C  CA  . GLU A 1 25  ? 2.760   -2.305  11.755  1.00 18.83  ? 184 GLU A CA  1 
ATOM   147 C  C   . GLU A 1 25  ? 2.629   -1.318  12.894  1.00 19.16  ? 184 GLU A C   1 
ATOM   148 O  O   . GLU A 1 25  ? 1.499   -0.991  13.316  1.00 20.23  ? 184 GLU A O   1 
ATOM   149 C  CB  . GLU A 1 25  ? 3.083   -3.700  12.225  1.00 19.91  ? 184 GLU A CB  1 
ATOM   150 C  CG  . GLU A 1 25  ? 2.841   -4.706  11.149  1.00 20.30  ? 184 GLU A CG  1 
ATOM   151 C  CD  . GLU A 1 25  ? 3.192   -6.096  11.503  1.00 26.56  ? 184 GLU A CD  1 
ATOM   152 O  OE1 . GLU A 1 25  ? 3.624   -6.356  12.646  1.00 30.81  ? 184 GLU A OE1 1 
ATOM   153 O  OE2 . GLU A 1 25  ? 2.984   -6.965  10.625  1.00 28.71  ? 184 GLU A OE2 1 
ATOM   154 N  N   . TYR A 1 26  ? 3.740   -0.829  13.426  1.00 19.49  ? 185 TYR A N   1 
ATOM   155 C  CA  . TYR A 1 26  ? 3.658   0.174   14.463  1.00 19.66  ? 185 TYR A CA  1 
ATOM   156 C  C   . TYR A 1 26  ? 2.949   1.450   14.007  1.00 19.86  ? 185 TYR A C   1 
ATOM   157 O  O   . TYR A 1 26  ? 2.086   1.985   14.713  1.00 20.38  ? 185 TYR A O   1 
ATOM   158 C  CB  . TYR A 1 26  ? 5.059   0.502   15.029  1.00 20.26  ? 185 TYR A CB  1 
ATOM   159 C  CG  . TYR A 1 26  ? 4.962   1.537   16.133  1.00 20.49  ? 185 TYR A CG  1 
ATOM   160 C  CD1 . TYR A 1 26  ? 4.503   1.182   17.407  1.00 21.46  ? 185 TYR A CD1 1 
ATOM   161 C  CD2 . TYR A 1 26  ? 5.224   2.882   15.884  1.00 20.84  ? 185 TYR A CD2 1 
ATOM   162 C  CE1 . TYR A 1 26  ? 4.341   2.129   18.396  1.00 22.01  ? 185 TYR A CE1 1 
ATOM   163 C  CE2 . TYR A 1 26  ? 5.082   3.849   16.869  1.00 21.97  ? 185 TYR A CE2 1 
ATOM   164 C  CZ  . TYR A 1 26  ? 4.635   3.466   18.130  1.00 21.18  ? 185 TYR A CZ  1 
ATOM   165 O  OH  . TYR A 1 26  ? 4.458   4.392   19.129  1.00 23.69  ? 185 TYR A OH  1 
ATOM   166 N  N   . LEU A 1 27  ? 3.290   1.950   12.821  1.00 19.20  ? 186 LEU A N   1 
ATOM   167 C  CA  . LEU A 1 27  ? 2.669   3.164   12.286  1.00 19.62  ? 186 LEU A CA  1 
ATOM   168 C  C   . LEU A 1 27  ? 1.168   3.011   12.175  1.00 20.66  ? 186 LEU A C   1 
ATOM   169 O  O   . LEU A 1 27  ? 0.429   3.974   12.369  1.00 22.80  ? 186 LEU A O   1 
ATOM   170 C  CB  . LEU A 1 27  ? 3.218   3.514   10.881  1.00 20.45  ? 186 LEU A CB  1 
ATOM   171 C  CG  . LEU A 1 27  ? 4.661   4.002   10.809  1.00 23.67  ? 186 LEU A CG  1 
ATOM   172 C  CD1 . LEU A 1 27  ? 4.959   4.407   9.398   1.00 27.07  ? 186 LEU A CD1 1 
ATOM   173 C  CD2 . LEU A 1 27  ? 4.936   5.119   11.773  1.00 27.66  ? 186 LEU A CD2 1 
ATOM   174 N  N   . LEU A 1 28  ? 0.745   1.810   11.835  1.00 19.22  ? 187 LEU A N   1 
ATOM   175 C  CA  . LEU A 1 28  ? -0.691  1.555   11.604  1.00 19.98  ? 187 LEU A CA  1 
ATOM   176 C  C   . LEU A 1 28  ? -1.429  1.106   12.849  1.00 20.61  ? 187 LEU A C   1 
ATOM   177 O  O   . LEU A 1 28  ? -2.642  1.047   12.847  1.00 22.15  ? 187 LEU A O   1 
ATOM   178 C  CB  . LEU A 1 28  ? -0.877  0.519   10.491  1.00 20.43  ? 187 LEU A CB  1 
ATOM   179 C  CG  . LEU A 1 28  ? -0.400  1.009   9.118   1.00 20.52  ? 187 LEU A CG  1 
ATOM   180 C  CD1 . LEU A 1 28  ? -0.296  -0.130  8.177   1.00 22.71  ? 187 LEU A CD1 1 
ATOM   181 C  CD2 . LEU A 1 28  ? -1.338  2.096   8.593   1.00 22.60  ? 187 LEU A CD2 1 
ATOM   182 N  N   . SER A 1 29  ? -0.697  0.810   13.915  1.00 22.39  ? 188 SER A N   1 
ATOM   183 C  CA  . SER A 1 29  ? -1.237  0.087   15.064  1.00 24.97  ? 188 SER A CA  1 
ATOM   184 C  C   . SER A 1 29  ? -2.337  0.796   15.814  1.00 26.21  ? 188 SER A C   1 
ATOM   185 O  O   . SER A 1 29  ? -3.190  0.142   16.423  1.00 27.85  ? 188 SER A O   1 
ATOM   186 C  CB  . SER A 1 29  ? -0.130  -0.329  16.056  1.00 25.70  ? 188 SER A CB  1 
ATOM   187 O  OG  . SER A 1 29  ? 0.484   0.799   16.666  1.00 28.77  ? 188 SER A OG  1 
ATOM   188 N  N   . SER A 1 30  ? -2.351  2.119   15.822  1.00 27.18  ? 189 SER A N   1 
ATOM   189 C  CA  . SER A 1 30  ? -3.460  2.734   16.549  1.00 31.05  ? 189 SER A CA  1 
ATOM   190 C  C   . SER A 1 30  ? -4.488  3.387   15.629  1.00 30.55  ? 189 SER A C   1 
ATOM   191 O  O   . SER A 1 30  ? -5.383  4.099   16.099  1.00 32.44  ? 189 SER A O   1 
ATOM   192 C  CB  . SER A 1 30  ? -2.968  3.696   17.637  1.00 32.33  ? 189 SER A CB  1 
ATOM   193 O  OG  . SER A 1 30  ? -2.249  4.765   17.045  1.00 38.88  ? 189 SER A OG  1 
ATOM   194 N  N   . LEU A 1 31  ? -4.368  3.126   14.323  1.00 28.63  ? 190 LEU A N   1 
ATOM   195 C  CA  . LEU A 1 31  ? -5.225  3.778   13.345  1.00 27.81  ? 190 LEU A CA  1 
ATOM   196 C  C   . LEU A 1 31  ? -6.503  2.991   13.045  1.00 27.28  ? 190 LEU A C   1 
ATOM   197 O  O   . LEU A 1 31  ? -6.610  1.803   13.307  1.00 28.25  ? 190 LEU A O   1 
ATOM   198 C  CB  . LEU A 1 31  ? -4.461  4.069   12.064  1.00 26.06  ? 190 LEU A CB  1 
ATOM   199 C  CG  . LEU A 1 31  ? -3.144  4.869   12.170  1.00 25.86  ? 190 LEU A CG  1 
ATOM   200 C  CD1 . LEU A 1 31  ? -2.545  5.124   10.795  1.00 25.97  ? 190 LEU A CD1 1 
ATOM   201 C  CD2 . LEU A 1 31  ? -3.364  6.195   12.907  1.00 28.43  ? 190 LEU A CD2 1 
ATOM   202 N  N   . ILE A 1 32  ? -7.468  3.671   12.458  1.00 26.69  ? 191 ILE A N   1 
ATOM   203 C  CA  . ILE A 1 32  ? -8.756  3.055   12.120  1.00 26.58  ? 191 ILE A CA  1 
ATOM   204 C  C   . ILE A 1 32  ? -8.706  2.096   10.901  1.00 25.00  ? 191 ILE A C   1 
ATOM   205 O  O   . ILE A 1 32  ? -7.777  2.154   10.073  1.00 24.20  ? 191 ILE A O   1 
ATOM   206 C  CB  . ILE A 1 32  ? -9.824  4.168   11.921  1.00 26.90  ? 191 ILE A CB  1 
ATOM   207 C  CG1 . ILE A 1 32  ? -9.432  5.114   10.773  1.00 27.33  ? 191 ILE A CG1 1 
ATOM   208 C  CG2 . ILE A 1 32  ? -10.004 4.937   13.242  1.00 29.82  ? 191 ILE A CG2 1 
ATOM   209 C  CD1 . ILE A 1 32  ? -10.469 6.187   10.516  1.00 29.00  ? 191 ILE A CD1 1 
ATOM   210 N  N   . ASN A 1 33  ? -9.727  1.245   10.757  1.00 25.19  ? 192 ASN A N   1 
ATOM   211 C  CA  . ASN A 1 33  ? -9.878  0.407   9.562   1.00 23.67  ? 192 ASN A CA  1 
ATOM   212 C  C   . ASN A 1 33  ? -9.726  1.212   8.291   1.00 21.80  ? 192 ASN A C   1 
ATOM   213 O  O   . ASN A 1 33  ? -10.286 2.293   8.159   1.00 22.62  ? 192 ASN A O   1 
ATOM   214 C  CB  . ASN A 1 33  ? -11.286 -0.211  9.506   1.00 24.58  ? 192 ASN A CB  1 
ATOM   215 C  CG  . ASN A 1 33  ? -11.437 -1.451  10.368  1.00 26.30  ? 192 ASN A CG  1 
ATOM   216 O  OD1 . ASN A 1 33  ? -10.439 -1.937  10.939  1.00 28.30  ? 192 ASN A OD1 1 
ATOM   217 N  ND2 . ASN A 1 33  ? -12.662 -1.977  10.456  1.00 30.60  ? 192 ASN A ND2 1 
ATOM   218 N  N   . GLY A 1 34  ? -9.006  0.631   7.348   1.00 21.22  ? 193 GLY A N   1 
ATOM   219 C  CA  . GLY A 1 34  ? -8.827  1.270   6.070   1.00 19.91  ? 193 GLY A CA  1 
ATOM   220 C  C   . GLY A 1 34  ? -7.638  2.221   6.045   1.00 18.88  ? 193 GLY A C   1 
ATOM   221 O  O   . GLY A 1 34  ? -7.386  2.815   5.011   1.00 20.12  ? 193 GLY A O   1 
ATOM   222 N  N   . SER A 1 35  ? -6.949  2.380   7.173   1.00 18.81  ? 194 SER A N   1 
ATOM   223 C  CA  . SER A 1 35  ? -5.685  3.125   7.179   1.00 18.20  ? 194 SER A CA  1 
ATOM   224 C  C   . SER A 1 35  ? -4.643  2.280   6.493   1.00 18.38  ? 194 SER A C   1 
ATOM   225 O  O   . SER A 1 35  ? -4.579  1.077   6.649   1.00 18.31  ? 194 SER A O   1 
ATOM   226 C  CB  . SER A 1 35  ? -5.273  3.451   8.608   1.00 19.78  ? 194 SER A CB  1 
ATOM   227 O  OG  . SER A 1 35  ? -6.263  4.272   9.226   1.00 21.11  ? 194 SER A OG  1 
ATOM   228 N  N   . PHE A 1 36  ? -3.767  2.934   5.719   1.00 17.98  ? 195 PHE A N   1 
ATOM   229 C  CA  . PHE A 1 36  ? -2.834  2.161   4.904   1.00 17.55  ? 195 PHE A CA  1 
ATOM   230 C  C   . PHE A 1 36  ? -1.611  3.005   4.525   1.00 17.32  ? 195 PHE A C   1 
ATOM   231 O  O   . PHE A 1 36  ? -1.645  4.228   4.602   1.00 18.08  ? 195 PHE A O   1 
ATOM   232 C  CB  . PHE A 1 36  ? -3.488  1.646   3.606   1.00 18.60  ? 195 PHE A CB  1 
ATOM   233 C  CG  . PHE A 1 36  ? -3.714  2.731   2.576   1.00 18.46  ? 195 PHE A CG  1 
ATOM   234 C  CD1 . PHE A 1 36  ? -4.734  3.687   2.722   1.00 18.31  ? 195 PHE A CD1 1 
ATOM   235 C  CD2 . PHE A 1 36  ? -2.872  2.805   1.460   1.00 18.72  ? 195 PHE A CD2 1 
ATOM   236 C  CE1 . PHE A 1 36  ? -4.890  4.687   1.781   1.00 18.69  ? 195 PHE A CE1 1 
ATOM   237 C  CE2 . PHE A 1 36  ? -3.044  3.804   0.532   1.00 18.29  ? 195 PHE A CE2 1 
ATOM   238 C  CZ  . PHE A 1 36  ? -4.049  4.741   0.667   1.00 18.96  ? 195 PHE A CZ  1 
ATOM   239 N  N   . LEU A 1 37  ? -0.581  2.306   4.065   1.00 17.32  ? 196 LEU A N   1 
ATOM   240 C  CA  . LEU A 1 37  ? 0.578   2.971   3.483   1.00 16.80  ? 196 LEU A CA  1 
ATOM   241 C  C   . LEU A 1 37  ? 1.167   2.038   2.463   1.00 17.82  ? 196 LEU A C   1 
ATOM   242 O  O   . LEU A 1 37  ? 0.994   0.820   2.534   1.00 18.81  ? 196 LEU A O   1 
ATOM   243 C  CB  . LEU A 1 37  ? 1.589   3.418   4.558   1.00 18.26  ? 196 LEU A CB  1 
ATOM   244 C  CG  . LEU A 1 37  ? 2.136   2.301   5.434   1.00 19.73  ? 196 LEU A CG  1 
ATOM   245 C  CD1 . LEU A 1 37  ? 3.372   1.660   4.839   1.00 22.74  ? 196 LEU A CD1 1 
ATOM   246 C  CD2 . LEU A 1 37  ? 2.436   2.809   6.850   1.00 21.71  ? 196 LEU A CD2 1 
ATOM   247 N  N   . VAL A 1 38  ? 1.772   2.637   1.455   1.00 17.98  ? 197 VAL A N   1 
ATOM   248 C  CA  A VAL A 1 38  ? 2.608   1.935   0.486   0.50 17.15  ? 197 VAL A CA  1 
ATOM   249 C  CA  B VAL A 1 38  ? 2.629   1.853   0.549   0.50 18.59  ? 197 VAL A CA  1 
ATOM   250 C  C   . VAL A 1 38  ? 4.069   2.121   0.909   1.00 17.40  ? 197 VAL A C   1 
ATOM   251 O  O   . VAL A 1 38  ? 4.463   3.253   1.195   1.00 18.13  ? 197 VAL A O   1 
ATOM   252 C  CB  A VAL A 1 38  ? 2.353   2.513   -0.903  0.50 17.21  ? 197 VAL A CB  1 
ATOM   253 C  CB  B VAL A 1 38  ? 2.386   2.112   -0.948  0.50 19.56  ? 197 VAL A CB  1 
ATOM   254 C  CG1 A VAL A 1 38  ? 3.258   1.890   -1.896  0.50 18.10  ? 197 VAL A CG1 1 
ATOM   255 C  CG1 B VAL A 1 38  ? 2.624   3.506   -1.266  0.50 23.75  ? 197 VAL A CG1 1 
ATOM   256 C  CG2 A VAL A 1 38  ? 0.901   2.229   -1.288  0.50 16.37  ? 197 VAL A CG2 1 
ATOM   257 C  CG2 B VAL A 1 38  ? 3.266   1.231   -1.806  0.50 21.18  ? 197 VAL A CG2 1 
ATOM   258 N  N   . ARG A 1 39  ? 4.812   1.038   0.972   1.00 17.19  ? 198 ARG A N   1 
ATOM   259 C  CA  . ARG A 1 39  ? 6.217   1.126   1.372   1.00 17.40  ? 198 ARG A CA  1 
ATOM   260 C  C   . ARG A 1 39  ? 7.086   0.307   0.444   1.00 17.39  ? 198 ARG A C   1 
ATOM   261 O  O   . ARG A 1 39  ? 6.665   -0.685  -0.171  1.00 18.05  ? 198 ARG A O   1 
ATOM   262 C  CB  . ARG A 1 39  ? 6.372   0.619   2.813   1.00 18.58  ? 198 ARG A CB  1 
ATOM   263 C  CG  . ARG A 1 39  ? 5.921   -0.814  3.027   1.00 19.00  ? 198 ARG A CG  1 
ATOM   264 C  CD  . ARG A 1 39  ? 5.899   -1.194  4.509   1.00 18.90  ? 198 ARG A CD  1 
ATOM   265 N  NE  . ARG A 1 39  ? 5.429   -2.555  4.695   1.00 18.95  ? 198 ARG A NE  1 
ATOM   266 C  CZ  . ARG A 1 39  ? 6.175   -3.628  4.609   1.00 19.43  ? 198 ARG A CZ  1 
ATOM   267 N  NH1 . ARG A 1 39  ? 7.507   -3.500  4.449   1.00 20.53  ? 198 ARG A NH1 1 
ATOM   268 N  NH2 . ARG A 1 39  ? 5.638   -4.823  4.723   1.00 22.08  ? 198 ARG A NH2 1 
ATOM   269 N  N   . GLU A 1 40  ? 8.324   0.781   0.321   1.00 17.32  ? 199 GLU A N   1 
ATOM   270 C  CA  . GLU A 1 40  ? 9.387   -0.076  -0.161  1.00 17.10  ? 199 GLU A CA  1 
ATOM   271 C  C   . GLU A 1 40  ? 9.888   -0.904  0.987   1.00 17.44  ? 199 GLU A C   1 
ATOM   272 O  O   . GLU A 1 40  ? 9.735   -0.528  2.175   1.00 18.11  ? 199 GLU A O   1 
ATOM   273 C  CB  . GLU A 1 40  ? 10.550  0.760   -0.639  1.00 18.42  ? 199 GLU A CB  1 
ATOM   274 C  CG  . GLU A 1 40  ? 10.175  1.762   -1.713  1.00 20.51  ? 199 GLU A CG  1 
ATOM   275 C  CD  . GLU A 1 40  ? 11.221  2.882   -1.859  1.00 21.08  ? 199 GLU A CD  1 
ATOM   276 O  OE1 . GLU A 1 40  ? 12.380  2.737   -1.393  1.00 21.59  ? 199 GLU A OE1 1 
ATOM   277 O  OE2 . GLU A 1 40  ? 10.862  3.908   -2.451  1.00 22.97  ? 199 GLU A OE2 1 
ATOM   278 N  N   . SER A 1 41  ? 10.488  -2.041  0.685   1.00 17.90  ? 200 SER A N   1 
ATOM   279 C  CA  A SER A 1 41  ? 11.221  -2.696  1.733   0.50 17.97  ? 200 SER A CA  1 
ATOM   280 C  CA  B SER A 1 41  ? 11.349  -2.740  1.620   0.50 18.65  ? 200 SER A CA  1 
ATOM   281 C  C   . SER A 1 41  ? 12.281  -1.743  2.299   1.00 18.70  ? 200 SER A C   1 
ATOM   282 O  O   . SER A 1 41  ? 12.711  -0.749  1.663   1.00 18.86  ? 200 SER A O   1 
ATOM   283 C  CB  A SER A 1 41  ? 11.838  -3.992  1.247   0.50 17.87  ? 200 SER A CB  1 
ATOM   284 C  CB  B SER A 1 41  ? 12.202  -3.747  0.857   0.50 19.45  ? 200 SER A CB  1 
ATOM   285 O  OG  A SER A 1 41  ? 12.903  -3.725  0.352   0.50 16.68  ? 200 SER A OG  1 
ATOM   286 O  OG  B SER A 1 41  ? 13.423  -4.019  1.515   0.50 20.50  ? 200 SER A OG  1 
ATOM   287 N  N   . GLU A 1 42  ? 12.653  -2.009  3.531   1.00 18.26  ? 201 GLU A N   1 
ATOM   288 C  CA  . GLU A 1 42  ? 13.634  -1.176  4.213   1.00 19.00  ? 201 GLU A CA  1 
ATOM   289 C  C   . GLU A 1 42  ? 14.961  -1.108  3.492   1.00 18.69  ? 201 GLU A C   1 
ATOM   290 O  O   . GLU A 1 42  ? 15.644  -0.118  3.667   1.00 20.32  ? 201 GLU A O   1 
ATOM   291 C  CB  . GLU A 1 42  ? 13.749  -1.560  5.702   1.00 19.84  ? 201 GLU A CB  1 
ATOM   292 C  CG  . GLU A 1 42  ? 14.201  -2.985  5.958   1.00 20.06  ? 201 GLU A CG  1 
ATOM   293 C  CD  . GLU A 1 42  ? 13.053  -4.002  6.054   1.00 20.09  ? 201 GLU A CD  1 
ATOM   294 O  OE1 . GLU A 1 42  ? 12.118  -3.951  5.258   1.00 20.45  ? 201 GLU A OE1 1 
ATOM   295 O  OE2 . GLU A 1 42  ? 13.157  -4.897  6.898   1.00 22.38  ? 201 GLU A OE2 1 
ATOM   296 N  N   . SER A 1 43  ? 15.291  -2.115  2.700   1.00 17.63  ? 202 SER A N   1 
ATOM   297 C  CA  . SER A 1 43  ? 16.598  -2.162  2.039   1.00 18.27  ? 202 SER A CA  1 
ATOM   298 C  C   . SER A 1 43  ? 16.569  -2.138  0.518   1.00 18.31  ? 202 SER A C   1 
ATOM   299 O  O   . SER A 1 43  ? 17.619  -1.904  -0.088  1.00 18.69  ? 202 SER A O   1 
ATOM   300 C  CB  . SER A 1 43  ? 17.370  -3.351  2.544   1.00 18.84  ? 202 SER A CB  1 
ATOM   301 O  OG  . SER A 1 43  ? 17.529  -3.237  3.936   1.00 20.37  ? 202 SER A OG  1 
ATOM   302 N  N   . SER A 1 44  ? 15.430  -2.416  -0.113  1.00 19.30  ? 203 SER A N   1 
ATOM   303 C  CA  . SER A 1 44  ? 15.387  -2.445  -1.571  1.00 18.86  ? 203 SER A CA  1 
ATOM   304 C  C   . SER A 1 44  ? 14.194  -1.683  -2.112  1.00 18.70  ? 203 SER A C   1 
ATOM   305 O  O   . SER A 1 44  ? 13.035  -2.014  -1.783  1.00 19.21  ? 203 SER A O   1 
ATOM   306 C  CB  . SER A 1 44  ? 15.331  -3.873  -2.116  1.00 20.28  ? 203 SER A CB  1 
ATOM   307 O  OG  . SER A 1 44  ? 15.104  -3.833  -3.528  1.00 21.91  ? 203 SER A OG  1 
ATOM   308 N  N   . PRO A 1 45  ? 14.413  -0.702  -2.990  1.00 20.15  ? 204 PRO A N   1 
ATOM   309 C  CA  . PRO A 1 45  ? 13.292  0.013   -3.607  1.00 20.91  ? 204 PRO A CA  1 
ATOM   310 C  C   . PRO A 1 45  ? 12.466  -0.828  -4.562  1.00 21.30  ? 204 PRO A C   1 
ATOM   311 O  O   . PRO A 1 45  ? 11.368  -0.391  -4.909  1.00 24.44  ? 204 PRO A O   1 
ATOM   312 C  CB  . PRO A 1 45  ? 13.976  1.164   -4.336  1.00 22.82  ? 204 PRO A CB  1 
ATOM   313 C  CG  . PRO A 1 45  ? 15.349  1.306   -3.626  1.00 25.04  ? 204 PRO A CG  1 
ATOM   314 C  CD  . PRO A 1 45  ? 15.722  -0.081  -3.290  1.00 20.94  ? 204 PRO A CD  1 
ATOM   315 N  N   . GLY A 1 46  ? 12.966  -1.992  -4.961  1.00 19.93  ? 205 GLY A N   1 
ATOM   316 C  CA  . GLY A 1 46  ? 12.309  -2.847  -5.931  1.00 21.69  ? 205 GLY A CA  1 
ATOM   317 C  C   . GLY A 1 46  ? 11.144  -3.651  -5.357  1.00 20.55  ? 205 GLY A C   1 
ATOM   318 O  O   . GLY A 1 46  ? 10.254  -4.136  -6.101  1.00 22.82  ? 205 GLY A O   1 
ATOM   319 N  N   . GLN A 1 47  ? 11.121  -3.819  -4.038  1.00 18.77  ? 206 GLN A N   1 
ATOM   320 C  CA  . GLN A 1 47  ? 10.114  -4.640  -3.399  1.00 19.59  ? 206 GLN A CA  1 
ATOM   321 C  C   . GLN A 1 47  ? 9.104   -3.723  -2.707  1.00 19.16  ? 206 GLN A C   1 
ATOM   322 O  O   . GLN A 1 47  ? 9.384   -3.146  -1.658  1.00 20.39  ? 206 GLN A O   1 
ATOM   323 C  CB  . GLN A 1 47  ? 10.873  -5.512  -2.386  1.00 20.68  ? 206 GLN A CB  1 
ATOM   324 C  CG  . GLN A 1 47  ? 10.017  -6.512  -1.653  1.00 21.54  ? 206 GLN A CG  1 
ATOM   325 C  CD  . GLN A 1 47  ? 10.791  -7.374  -0.697  1.00 22.07  ? 206 GLN A CD  1 
ATOM   326 O  OE1 . GLN A 1 47  ? 11.967  -7.203  -0.473  1.00 22.20  ? 206 GLN A OE1 1 
ATOM   327 N  NE2 . GLN A 1 47  ? 10.117  -8.306  -0.102  1.00 25.64  ? 206 GLN A NE2 1 
ATOM   328 N  N   . LEU A 1 48  ? 7.906   -3.631  -3.297  1.00 19.02  ? 207 LEU A N   1 
ATOM   329 C  CA  . LEU A 1 48  ? 6.856   -2.740  -2.788  1.00 19.03  ? 207 LEU A CA  1 
ATOM   330 C  C   . LEU A 1 48  ? 5.691   -3.505  -2.191  1.00 19.03  ? 207 LEU A C   1 
ATOM   331 O  O   . LEU A 1 48  ? 5.319   -4.563  -2.703  1.00 19.55  ? 207 LEU A O   1 
ATOM   332 C  CB  . LEU A 1 48  ? 6.281   -1.883  -3.888  1.00 21.31  ? 207 LEU A CB  1 
ATOM   333 C  CG  . LEU A 1 48  ? 7.201   -0.964  -4.649  1.00 22.67  ? 207 LEU A CG  1 
ATOM   334 C  CD1 . LEU A 1 48  ? 6.333   -0.168  -5.626  1.00 25.97  ? 207 LEU A CD1 1 
ATOM   335 C  CD2 . LEU A 1 48  ? 7.912   -0.061  -3.690  1.00 24.79  ? 207 LEU A CD2 1 
ATOM   336 N  N   . SER A 1 49  ? 5.124   -2.958  -1.119  1.00 17.82  ? 208 SER A N   1 
ATOM   337 C  CA  . SER A 1 49  ? 3.964   -3.554  -0.480  1.00 17.94  ? 208 SER A CA  1 
ATOM   338 C  C   . SER A 1 49  ? 2.970   -2.484  -0.099  1.00 17.65  ? 208 SER A C   1 
ATOM   339 O  O   . SER A 1 49  ? 3.333   -1.335  0.202   1.00 18.79  ? 208 SER A O   1 
ATOM   340 C  CB  . SER A 1 49  ? 4.358   -4.299  0.771   1.00 19.68  ? 208 SER A CB  1 
ATOM   341 O  OG  . SER A 1 49  ? 5.275   -5.343  0.507   1.00 22.64  ? 208 SER A OG  1 
ATOM   342 N  N   . ILE A 1 50  ? 1.700   -2.897  0.012   1.00 17.94  ? 209 ILE A N   1 
ATOM   343 C  CA  . ILE A 1 50  ? 0.710   -2.087  0.691   1.00 18.37  ? 209 ILE A CA  1 
ATOM   344 C  C   . ILE A 1 50  ? 0.450   -2.704  2.052   1.00 18.26  ? 209 ILE A C   1 
ATOM   345 O  O   . ILE A 1 50  ? 0.140   -3.893  2.135   1.00 20.59  ? 209 ILE A O   1 
ATOM   346 C  CB  . ILE A 1 50  ? -0.654  -2.059  -0.094  1.00 18.79  ? 209 ILE A CB  1 
ATOM   347 C  CG1 . ILE A 1 50  ? -0.399  -1.662  -1.550  1.00 20.94  ? 209 ILE A CG1 1 
ATOM   348 C  CG2 . ILE A 1 50  ? -1.602  -1.158  0.616   1.00 20.39  ? 209 ILE A CG2 1 
ATOM   349 C  CD1 . ILE A 1 50  ? -1.598  -1.408  -2.392  1.00 24.42  ? 209 ILE A CD1 1 
ATOM   350 N  N   . SER A 1 51  ? 0.572   -1.927  3.105   1.00 17.53  ? 210 SER A N   1 
ATOM   351 C  CA  . SER A 1 51  ? 0.220   -2.384  4.433   1.00 17.54  ? 210 SER A CA  1 
ATOM   352 C  C   . SER A 1 51  ? -1.079  -1.727  4.844   1.00 17.30  ? 210 SER A C   1 
ATOM   353 O  O   . SER A 1 51  ? -1.198  -0.521  4.799   1.00 17.97  ? 210 SER A O   1 
ATOM   354 C  CB  . SER A 1 51  ? 1.368   -2.054  5.407   1.00 17.93  ? 210 SER A CB  1 
ATOM   355 O  OG  . SER A 1 51  ? 2.552   -2.742  5.052   1.00 18.86  ? 210 SER A OG  1 
ATOM   356 N  N   . LEU A 1 52  ? -2.061  -2.570  5.201   1.00 18.17  ? 211 LEU A N   1 
ATOM   357 C  CA  . LEU A 1 52  ? -3.461  -2.162  5.329   1.00 18.41  ? 211 LEU A CA  1 
ATOM   358 C  C   . LEU A 1 52  ? -3.980  -2.614  6.698   1.00 18.59  ? 211 LEU A C   1 
ATOM   359 O  O   . LEU A 1 52  ? -3.941  -3.813  7.018   1.00 19.01  ? 211 LEU A O   1 
ATOM   360 C  CB  . LEU A 1 52  ? -4.276  -2.803  4.198   1.00 19.07  ? 211 LEU A CB  1 
ATOM   361 C  CG  . LEU A 1 52  ? -5.806  -2.608  4.251   1.00 19.86  ? 211 LEU A CG  1 
ATOM   362 C  CD1 . LEU A 1 52  ? -6.171  -1.144  4.351   1.00 19.99  ? 211 LEU A CD1 1 
ATOM   363 C  CD2 . LEU A 1 52  ? -6.407  -3.266  3.054   1.00 20.36  ? 211 LEU A CD2 1 
ATOM   364 N  N   . ARG A 1 53  ? -4.466  -1.651  7.471   1.00 19.33  ? 212 ARG A N   1 
ATOM   365 C  CA  . ARG A 1 53  ? -5.106  -1.957  8.765   1.00 21.04  ? 212 ARG A CA  1 
ATOM   366 C  C   . ARG A 1 53  ? -6.553  -2.380  8.554   1.00 21.60  ? 212 ARG A C   1 
ATOM   367 O  O   . ARG A 1 53  ? -7.357  -1.650  7.956   1.00 21.75  ? 212 ARG A O   1 
ATOM   368 C  CB  . ARG A 1 53  ? -5.050  -0.699  9.620   1.00 22.91  ? 212 ARG A CB  1 
ATOM   369 C  CG  . ARG A 1 53  ? -5.715  -0.761  10.948  1.00 26.09  ? 212 ARG A CG  1 
ATOM   370 C  CD  . ARG A 1 53  ? -4.803  -1.239  12.020  1.00 28.56  ? 212 ARG A CD  1 
ATOM   371 N  NE  . ARG A 1 53  ? -5.417  -0.909  13.290  1.00 32.34  ? 212 ARG A NE  1 
ATOM   372 C  CZ  . ARG A 1 53  ? -5.290  -1.607  14.408  1.00 34.37  ? 212 ARG A CZ  1 
ATOM   373 N  NH1 . ARG A 1 53  ? -4.521  -2.680  14.440  1.00 37.12  ? 212 ARG A NH1 1 
ATOM   374 N  NH2 . ARG A 1 53  ? -5.914  -1.199  15.502  1.00 37.73  ? 212 ARG A NH2 1 
ATOM   375 N  N   . TYR A 1 54  ? -6.898  -3.555  9.089   1.00 21.95  ? 213 TYR A N   1 
ATOM   376 C  CA  . TYR A 1 54  ? -8.286  -4.011  9.063   1.00 22.95  ? 213 TYR A CA  1 
ATOM   377 C  C   . TYR A 1 54  ? -8.531  -4.938  10.233  1.00 23.27  ? 213 TYR A C   1 
ATOM   378 O  O   . TYR A 1 54  ? -7.803  -5.918  10.446  1.00 22.86  ? 213 TYR A O   1 
ATOM   379 C  CB  . TYR A 1 54  ? -8.500  -4.742  7.764   1.00 24.00  ? 213 TYR A CB  1 
ATOM   380 C  CG  . TYR A 1 54  ? -9.877  -5.302  7.643   1.00 28.40  ? 213 TYR A CG  1 
ATOM   381 C  CD1 . TYR A 1 54  ? -10.969 -4.448  7.494   1.00 29.38  ? 213 TYR A CD1 1 
ATOM   382 C  CD2 . TYR A 1 54  ? -10.100 -6.676  7.691   1.00 29.29  ? 213 TYR A CD2 1 
ATOM   383 C  CE1 . TYR A 1 54  ? -12.267 -4.950  7.392   1.00 32.78  ? 213 TYR A CE1 1 
ATOM   384 C  CE2 . TYR A 1 54  ? -11.412 -7.197  7.573   1.00 32.69  ? 213 TYR A CE2 1 
ATOM   385 C  CZ  . TYR A 1 54  ? -12.459 -6.309  7.417   1.00 34.10  ? 213 TYR A CZ  1 
ATOM   386 O  OH  . TYR A 1 54  ? -13.730 -6.795  7.300   1.00 38.38  ? 213 TYR A OH  1 
ATOM   387 N  N   . GLU A 1 55  ? -9.580  -4.626  10.989  1.00 24.29  ? 214 GLU A N   1 
ATOM   388 C  CA  . GLU A 1 55  ? -10.002 -5.484  12.093  1.00 24.42  ? 214 GLU A CA  1 
ATOM   389 C  C   . GLU A 1 55  ? -8.834  -5.835  13.005  1.00 23.70  ? 214 GLU A C   1 
ATOM   390 O  O   . GLU A 1 55  ? -8.563  -7.008  13.283  1.00 23.56  ? 214 GLU A O   1 
ATOM   391 C  CB  . GLU A 1 55  ? -10.700 -6.758  11.564  1.00 25.89  ? 214 GLU A CB  1 
ATOM   392 C  CG  . GLU A 1 55  ? -11.949 -6.411  10.819  1.00 30.64  ? 214 GLU A CG  1 
ATOM   393 C  CD  . GLU A 1 55  ? -13.002 -5.870  11.749  1.00 34.61  ? 214 GLU A CD  1 
ATOM   394 O  OE1 . GLU A 1 55  ? -13.160 -4.628  11.802  1.00 37.45  ? 214 GLU A OE1 1 
ATOM   395 O  OE2 . GLU A 1 55  ? -13.624 -6.671  12.480  1.00 39.16  ? 214 GLU A OE2 1 
ATOM   396 N  N   . GLY A 1 56  ? -8.106  -4.790  13.405  1.00 23.44  ? 215 GLY A N   1 
ATOM   397 C  CA  . GLY A 1 56  ? -7.090  -4.943  14.411  1.00 24.69  ? 215 GLY A CA  1 
ATOM   398 C  C   . GLY A 1 56  ? -5.774  -5.543  13.975  1.00 24.15  ? 215 GLY A C   1 
ATOM   399 O  O   . GLY A 1 56  ? -4.933  -5.803  14.837  1.00 27.01  ? 215 GLY A O   1 
ATOM   400 N  N   . ARG A 1 57  ? -5.611  -5.805  12.678  1.00 22.79  ? 216 ARG A N   1 
ATOM   401 C  CA  . ARG A 1 57  ? -4.379  -6.441  12.190  1.00 23.65  ? 216 ARG A CA  1 
ATOM   402 C  C   . ARG A 1 57  ? -3.903  -5.709  10.964  1.00 22.17  ? 216 ARG A C   1 
ATOM   403 O  O   . ARG A 1 57  ? -4.664  -4.995  10.347  1.00 23.34  ? 216 ARG A O   1 
ATOM   404 C  CB  . ARG A 1 57  ? -4.598  -7.906  11.803  1.00 25.02  ? 216 ARG A CB  1 
ATOM   405 C  CG  . ARG A 1 57  ? -5.261  -8.792  12.845  1.00 29.46  ? 216 ARG A CG  1 
ATOM   406 C  CD  . ARG A 1 57  ? -4.319  -9.097  13.986  1.00 32.80  ? 216 ARG A CD  1 
ATOM   407 N  NE  . ARG A 1 57  ? -4.943  -9.919  15.032  1.00 37.35  ? 216 ARG A NE  1 
ATOM   408 C  CZ  . ARG A 1 57  ? -5.729  -9.462  16.015  1.00 38.34  ? 216 ARG A CZ  1 
ATOM   409 N  NH1 . ARG A 1 57  ? -6.023  -8.165  16.112  1.00 41.53  ? 216 ARG A NH1 1 
ATOM   410 N  NH2 . ARG A 1 57  ? -6.247  -10.308 16.905  1.00 42.30  ? 216 ARG A NH2 1 
ATOM   411 N  N   . VAL A 1 58  ? -2.633  -5.887  10.628  1.00 20.74  ? 217 VAL A N   1 
ATOM   412 C  CA  . VAL A 1 58  ? -2.082  -5.275  9.441   1.00 20.19  ? 217 VAL A CA  1 
ATOM   413 C  C   . VAL A 1 58  ? -1.783  -6.328  8.392   1.00 19.47  ? 217 VAL A C   1 
ATOM   414 O  O   . VAL A 1 58  ? -0.978  -7.238  8.626   1.00 21.94  ? 217 VAL A O   1 
ATOM   415 C  CB  . VAL A 1 58  ? -0.800  -4.476  9.778   1.00 20.64  ? 217 VAL A CB  1 
ATOM   416 C  CG1 . VAL A 1 58  ? -0.182  -3.961  8.487   1.00 21.83  ? 217 VAL A CG1 1 
ATOM   417 C  CG2 . VAL A 1 58  ? -1.210  -3.327  10.710  1.00 21.54  ? 217 VAL A CG2 1 
ATOM   418 N  N   . TYR A 1 59  ? -2.437  -6.193  7.244   1.00 19.19  ? 218 TYR A N   1 
ATOM   419 C  CA  . TYR A 1 59  ? -2.270  -7.114  6.134   1.00 19.28  ? 218 TYR A CA  1 
ATOM   420 C  C   . TYR A 1 59  ? -1.257  -6.494  5.180   1.00 19.21  ? 218 TYR A C   1 
ATOM   421 O  O   . TYR A 1 59  ? -1.389  -5.326  4.829   1.00 20.69  ? 218 TYR A O   1 
ATOM   422 C  CB  . TYR A 1 59  ? -3.582  -7.277  5.379   1.00 19.38  ? 218 TYR A CB  1 
ATOM   423 C  CG  . TYR A 1 59  ? -4.621  -7.996  6.186   1.00 19.94  ? 218 TYR A CG  1 
ATOM   424 C  CD1 . TYR A 1 59  ? -5.276  -7.345  7.217   1.00 20.93  ? 218 TYR A CD1 1 
ATOM   425 C  CD2 . TYR A 1 59  ? -4.883  -9.342  5.969   1.00 19.45  ? 218 TYR A CD2 1 
ATOM   426 C  CE1 . TYR A 1 59  ? -6.210  -8.012  8.008   1.00 21.44  ? 218 TYR A CE1 1 
ATOM   427 C  CE2 . TYR A 1 59  ? -5.862  -10.019 6.749   1.00 21.52  ? 218 TYR A CE2 1 
ATOM   428 C  CZ  . TYR A 1 59  ? -6.511  -9.346  7.758   1.00 21.02  ? 218 TYR A CZ  1 
ATOM   429 O  OH  . TYR A 1 59  ? -7.418  -9.974  8.562   1.00 26.11  ? 218 TYR A OH  1 
ATOM   430 N  N   . HIS A 1 60  ? -0.313  -7.303  4.747   1.00 18.02  ? 219 HIS A N   1 
ATOM   431 C  CA  . HIS A 1 60  ? 0.752   -6.822  3.857   1.00 18.43  ? 219 HIS A CA  1 
ATOM   432 C  C   . HIS A 1 60  ? 0.517   -7.444  2.495   1.00 17.99  ? 219 HIS A C   1 
ATOM   433 O  O   . HIS A 1 60  ? 0.576   -8.680  2.358   1.00 19.95  ? 219 HIS A O   1 
ATOM   434 C  CB  . HIS A 1 60  ? 2.124   -7.203  4.409   1.00 18.78  ? 219 HIS A CB  1 
ATOM   435 C  CG  . HIS A 1 60  ? 2.400   -6.664  5.766   1.00 18.61  ? 219 HIS A CG  1 
ATOM   436 N  ND1 . HIS A 1 60  ? 2.822   -5.370  6.023   1.00 18.66  ? 219 HIS A ND1 1 
ATOM   437 C  CD2 . HIS A 1 60  ? 2.295   -7.279  6.962   1.00 20.26  ? 219 HIS A CD2 1 
ATOM   438 C  CE1 . HIS A 1 60  ? 2.963   -5.235  7.334   1.00 19.24  ? 219 HIS A CE1 1 
ATOM   439 N  NE2 . HIS A 1 60  ? 2.651   -6.381  7.924   1.00 20.30  ? 219 HIS A NE2 1 
ATOM   440 N  N   . TYR A 1 61  ? 0.266   -6.604  1.519   1.00 17.72  ? 220 TYR A N   1 
ATOM   441 C  CA  . TYR A 1 61  ? -0.005  -7.049  0.156   1.00 17.93  ? 220 TYR A CA  1 
ATOM   442 C  C   . TYR A 1 61  ? 1.204   -6.708  -0.727  1.00 17.69  ? 220 TYR A C   1 
ATOM   443 O  O   . TYR A 1 61  ? 1.529   -5.533  -0.869  1.00 19.09  ? 220 TYR A O   1 
ATOM   444 C  CB  . TYR A 1 61  ? -1.200  -6.311  -0.418  1.00 17.76  ? 220 TYR A CB  1 
ATOM   445 C  CG  . TYR A 1 61  ? -2.507  -6.744  0.206   1.00 18.10  ? 220 TYR A CG  1 
ATOM   446 C  CD1 . TYR A 1 61  ? -3.057  -6.102  1.309   1.00 19.46  ? 220 TYR A CD1 1 
ATOM   447 C  CD2 . TYR A 1 61  ? -3.210  -7.834  -0.323  1.00 19.10  ? 220 TYR A CD2 1 
ATOM   448 C  CE1 . TYR A 1 61  ? -4.264  -6.535  1.873   1.00 20.41  ? 220 TYR A CE1 1 
ATOM   449 C  CE2 . TYR A 1 61  ? -4.419  -8.266  0.233   1.00 19.75  ? 220 TYR A CE2 1 
ATOM   450 C  CZ  . TYR A 1 61  ? -4.930  -7.603  1.307   1.00 19.11  ? 220 TYR A CZ  1 
ATOM   451 O  OH  . TYR A 1 61  ? -6.113  -7.994  1.878   1.00 21.10  ? 220 TYR A OH  1 
ATOM   452 N  N   . ARG A 1 62  ? 1.832   -7.721  -1.303  1.00 17.93  ? 221 ARG A N   1 
ATOM   453 C  CA  . ARG A 1 62  ? 2.876   -7.496  -2.295  1.00 18.69  ? 221 ARG A CA  1 
ATOM   454 C  C   . ARG A 1 62  ? 2.279   -6.827  -3.523  1.00 18.74  ? 221 ARG A C   1 
ATOM   455 O  O   . ARG A 1 62  ? 1.234   -7.227  -4.019  1.00 20.20  ? 221 ARG A O   1 
ATOM   456 C  CB  . ARG A 1 62  ? 3.447   -8.848  -2.720  1.00 21.11  ? 221 ARG A CB  1 
ATOM   457 C  CG  . ARG A 1 62  ? 4.030   -9.735  -1.636  1.00 25.86  ? 221 ARG A CG  1 
ATOM   458 C  CD  . ARG A 1 62  ? 4.432   -11.145 -2.189  1.00 27.08  ? 221 ARG A CD  1 
ATOM   459 N  NE  . ARG A 1 62  ? 3.310   -12.018 -2.495  1.00 26.14  ? 221 ARG A NE  1 
ATOM   460 C  CZ  . ARG A 1 62  ? 2.776   -12.875 -1.620  1.00 25.64  ? 221 ARG A CZ  1 
ATOM   461 N  NH1 . ARG A 1 62  ? 3.276   -12.927 -0.393  1.00 30.24  ? 221 ARG A NH1 1 
ATOM   462 N  NH2 . ARG A 1 62  ? 1.738   -13.640 -1.965  1.00 24.51  ? 221 ARG A NH2 1 
ATOM   463 N  N   . ILE A 1 63  ? 2.999   -5.852  -4.085  1.00 18.56  ? 222 ILE A N   1 
ATOM   464 C  CA  . ILE A 1 63  ? 2.595   -5.254  -5.327  1.00 19.30  ? 222 ILE A CA  1 
ATOM   465 C  C   . ILE A 1 63  ? 3.257   -6.006  -6.439  1.00 19.70  ? 222 ILE A C   1 
ATOM   466 O  O   . ILE A 1 63  ? 4.474   -6.115  -6.480  1.00 21.38  ? 222 ILE A O   1 
ATOM   467 C  CB  . ILE A 1 63  ? 2.911   -3.729  -5.364  1.00 20.25  ? 222 ILE A CB  1 
ATOM   468 C  CG1 . ILE A 1 63  ? 2.083   -3.035  -4.282  1.00 21.46  ? 222 ILE A CG1 1 
ATOM   469 C  CG2 . ILE A 1 63  ? 2.614   -3.108  -6.742  1.00 22.82  ? 222 ILE A CG2 1 
ATOM   470 C  CD1 . ILE A 1 63  ? 2.452   -1.612  -3.978  1.00 22.37  ? 222 ILE A CD1 1 
ATOM   471 N  N   . ASN A 1 64  ? 2.460   -6.519  -7.360  1.00 19.71  ? 223 ASN A N   1 
ATOM   472 C  CA  . ASN A 1 64  ? 2.925   -7.334  -8.475  1.00 20.55  ? 223 ASN A CA  1 
ATOM   473 C  C   . ASN A 1 64  ? 2.928   -6.539  -9.756  1.00 20.37  ? 223 ASN A C   1 
ATOM   474 O  O   . ASN A 1 64  ? 2.191   -5.590  -9.900  1.00 20.31  ? 223 ASN A O   1 
ATOM   475 C  CB  . ASN A 1 64  ? 1.917   -8.472  -8.682  1.00 21.33  ? 223 ASN A CB  1 
ATOM   476 C  CG  . ASN A 1 64  ? 1.670   -9.211  -7.420  1.00 22.15  ? 223 ASN A CG  1 
ATOM   477 O  OD1 . ASN A 1 64  ? 2.495   -10.024 -7.011  1.00 28.12  ? 223 ASN A OD1 1 
ATOM   478 N  ND2 . ASN A 1 64  ? 0.550   -8.895  -6.737  1.00 21.38  ? 223 ASN A ND2 1 
ATOM   479 N  N   . THR A 1 65  ? 3.784   -6.950  -10.689 1.00 20.97  ? 224 THR A N   1 
ATOM   480 C  CA  A THR A 1 65  ? 3.899   -6.295  -11.972 0.50 22.28  ? 224 THR A CA  1 
ATOM   481 C  CA  B THR A 1 65  ? 3.893   -6.288  -11.984 0.50 22.51  ? 224 THR A CA  1 
ATOM   482 C  C   . THR A 1 65  ? 3.674   -7.303  -13.101 1.00 22.70  ? 224 THR A C   1 
ATOM   483 O  O   . THR A 1 65  ? 4.025   -8.479  -12.984 1.00 25.03  ? 224 THR A O   1 
ATOM   484 C  CB  A THR A 1 65  ? 5.263   -5.613  -12.120 0.50 23.16  ? 224 THR A CB  1 
ATOM   485 C  CB  B THR A 1 65  ? 5.246   -5.529  -12.167 0.50 23.52  ? 224 THR A CB  1 
ATOM   486 O  OG1 A THR A 1 65  ? 6.266   -6.603  -12.326 0.50 24.66  ? 224 THR A OG1 1 
ATOM   487 O  OG1 B THR A 1 65  ? 5.304   -4.420  -11.266 0.50 24.38  ? 224 THR A OG1 1 
ATOM   488 C  CG2 A THR A 1 65  ? 5.620   -4.904  -10.837 0.50 22.91  ? 224 THR A CG2 1 
ATOM   489 C  CG2 B THR A 1 65  ? 5.423   -4.994  -13.576 0.50 25.17  ? 224 THR A CG2 1 
ATOM   490 N  N   . THR A 1 66  ? 3.085   -6.836  -14.176 1.00 22.38  ? 225 THR A N   1 
ATOM   491 C  CA  . THR A 1 66  ? 2.754   -7.698  -15.320 1.00 22.72  ? 225 THR A CA  1 
ATOM   492 C  C   . THR A 1 66  ? 3.761   -7.461  -16.447 1.00 22.67  ? 225 THR A C   1 
ATOM   493 O  O   . THR A 1 66  ? 4.518   -6.469  -16.419 1.00 22.79  ? 225 THR A O   1 
ATOM   494 C  CB  . THR A 1 66  ? 1.365   -7.329  -15.870 1.00 23.32  ? 225 THR A CB  1 
ATOM   495 O  OG1 . THR A 1 66  ? 1.451   -5.994  -16.411 1.00 25.16  ? 225 THR A OG1 1 
ATOM   496 C  CG2 . THR A 1 66  ? 0.283   -7.470  -14.788 1.00 24.07  ? 225 THR A CG2 1 
ATOM   497 N  N   . ALA A 1 67  ? 3.724   -8.300  -17.478 1.00 22.02  ? 226 ALA A N   1 
ATOM   498 C  CA  . ALA A 1 67  ? 4.655   -8.131  -18.612 1.00 22.07  ? 226 ALA A CA  1 
ATOM   499 C  C   . ALA A 1 67  ? 4.429   -6.798  -19.322 1.00 22.67  ? 226 ALA A C   1 
ATOM   500 O  O   . ALA A 1 67  ? 5.374   -6.172  -19.864 1.00 24.46  ? 226 ALA A O   1 
ATOM   501 C  CB  . ALA A 1 67  ? 4.509   -9.291  -19.590 1.00 22.17  ? 226 ALA A CB  1 
ATOM   502 N  N   . ASP A 1 68  ? 3.174   -6.356  -19.344 1.00 23.19  ? 227 ASP A N   1 
ATOM   503 C  CA  . ASP A 1 68  ? 2.822   -5.104  -19.988 1.00 26.65  ? 227 ASP A CA  1 
ATOM   504 C  C   . ASP A 1 68  ? 2.947   -3.869  -19.077 1.00 27.19  ? 227 ASP A C   1 
ATOM   505 O  O   . ASP A 1 68  ? 2.411   -2.810  -19.407 1.00 29.37  ? 227 ASP A O   1 
ATOM   506 C  CB  . ASP A 1 68  ? 1.475   -5.200  -20.745 1.00 28.31  ? 227 ASP A CB  1 
ATOM   507 C  CG  . ASP A 1 68  ? 0.272   -5.369  -19.846 1.00 30.98  ? 227 ASP A CG  1 
ATOM   508 O  OD1 . ASP A 1 68  ? 0.424   -5.581  -18.628 1.00 32.73  ? 227 ASP A OD1 1 
ATOM   509 O  OD2 . ASP A 1 68  ? -0.860  -5.281  -20.382 1.00 35.60  ? 227 ASP A OD2 1 
ATOM   510 N  N   . GLY A 1 69  ? 3.660   -4.026  -17.954 1.00 25.58  ? 228 GLY A N   1 
ATOM   511 C  CA  . GLY A 1 69  ? 4.060   -2.918  -17.079 1.00 26.68  ? 228 GLY A CA  1 
ATOM   512 C  C   . GLY A 1 69  ? 2.953   -2.426  -16.151 1.00 25.79  ? 228 GLY A C   1 
ATOM   513 O  O   . GLY A 1 69  ? 3.065   -1.354  -15.579 1.00 29.65  ? 228 GLY A O   1 
ATOM   514 N  N   . LYS A 1 70  ? 1.851   -3.169  -16.011 1.00 23.58  ? 229 LYS A N   1 
ATOM   515 C  CA  . LYS A 1 70  ? 0.824   -2.799  -15.058 1.00 22.49  ? 229 LYS A CA  1 
ATOM   516 C  C   . LYS A 1 70  ? 1.167   -3.332  -13.667 1.00 21.68  ? 229 LYS A C   1 
ATOM   517 O  O   . LYS A 1 70  ? 2.002   -4.223  -13.514 1.00 23.92  ? 229 LYS A O   1 
ATOM   518 C  CB  . LYS A 1 70  ? -0.529  -3.320  -15.544 1.00 22.48  ? 229 LYS A CB  1 
ATOM   519 C  CG  . LYS A 1 70  ? -0.963  -2.665  -16.846 1.00 25.38  ? 229 LYS A CG  1 
ATOM   520 C  CD  . LYS A 1 70  ? -2.342  -3.078  -17.225 1.00 29.94  ? 229 LYS A CD  1 
ATOM   521 C  CE  . LYS A 1 70  ? -2.771  -2.445  -18.534 1.00 31.41  ? 229 LYS A CE  1 
ATOM   522 N  NZ  . LYS A 1 70  ? -4.124  -2.955  -18.841 1.00 35.77  ? 229 LYS A NZ  1 
ATOM   523 N  N   . VAL A 1 71  ? 0.505   -2.780  -12.656 1.00 21.49  ? 230 VAL A N   1 
ATOM   524 C  CA  . VAL A 1 71  ? 0.656   -3.220  -11.269 1.00 20.28  ? 230 VAL A CA  1 
ATOM   525 C  C   . VAL A 1 71  ? -0.680  -3.688  -10.740 1.00 19.71  ? 230 VAL A C   1 
ATOM   526 O  O   . VAL A 1 71  ? -1.760  -3.200  -11.170 1.00 19.92  ? 230 VAL A O   1 
ATOM   527 C  CB  . VAL A 1 71  ? 1.255   -2.091  -10.354 1.00 21.28  ? 230 VAL A CB  1 
ATOM   528 C  CG1 . VAL A 1 71  ? 2.768   -1.864  -10.618 1.00 23.37  ? 230 VAL A CG1 1 
ATOM   529 C  CG2 . VAL A 1 71  ? 0.495   -0.796  -10.483 1.00 22.02  ? 230 VAL A CG2 1 
ATOM   530 N  N   . TYR A 1 72  ? -0.613  -4.613  -9.808  1.00 19.21  ? 231 TYR A N   1 
ATOM   531 C  CA  . TYR A 1 72  ? -1.846  -5.106  -9.222  1.00 18.77  ? 231 TYR A CA  1 
ATOM   532 C  C   . TYR A 1 72  ? -1.521  -5.666  -7.859  1.00 19.33  ? 231 TYR A C   1 
ATOM   533 O  O   . TYR A 1 72  ? -0.418  -6.181  -7.600  1.00 19.43  ? 231 TYR A O   1 
ATOM   534 C  CB  . TYR A 1 72  ? -2.534  -6.174  -10.103 1.00 20.60  ? 231 TYR A CB  1 
ATOM   535 C  CG  . TYR A 1 72  ? -1.852  -7.513  -10.196 1.00 21.17  ? 231 TYR A CG  1 
ATOM   536 C  CD1 . TYR A 1 72  ? -0.999  -7.831  -11.261 1.00 25.15  ? 231 TYR A CD1 1 
ATOM   537 C  CD2 . TYR A 1 72  ? -2.132  -8.521  -9.258  1.00 22.88  ? 231 TYR A CD2 1 
ATOM   538 C  CE1 . TYR A 1 72  ? -0.418  -9.106  -11.365 1.00 26.64  ? 231 TYR A CE1 1 
ATOM   539 C  CE2 . TYR A 1 72  ? -1.554  -9.775  -9.343  1.00 23.76  ? 231 TYR A CE2 1 
ATOM   540 C  CZ  . TYR A 1 72  ? -0.728  -10.075 -10.397 1.00 25.18  ? 231 TYR A CZ  1 
ATOM   541 O  OH  . TYR A 1 72  ? -0.176  -11.333 -10.481 1.00 30.16  ? 231 TYR A OH  1 
ATOM   542 N  N   . VAL A 1 73  ? -2.537  -5.618  -6.998  1.00 18.62  ? 232 VAL A N   1 
ATOM   543 C  CA  . VAL A 1 73  ? -2.597  -6.431  -5.781  1.00 18.84  ? 232 VAL A CA  1 
ATOM   544 C  C   . VAL A 1 73  ? -3.663  -7.537  -5.884  1.00 19.41  ? 232 VAL A C   1 
ATOM   545 O  O   . VAL A 1 73  ? -3.493  -8.586  -5.279  1.00 20.54  ? 232 VAL A O   1 
ATOM   546 C  CB  . VAL A 1 73  ? -2.790  -5.587  -4.532  1.00 19.17  ? 232 VAL A CB  1 
ATOM   547 C  CG1 . VAL A 1 73  ? -1.463  -4.863  -4.205  1.00 20.51  ? 232 VAL A CG1 1 
ATOM   548 C  CG2 . VAL A 1 73  ? -3.928  -4.568  -4.651  1.00 20.51  ? 232 VAL A CG2 1 
ATOM   549 N  N   . THR A 1 74  ? -4.709  -7.312  -6.692  1.00 19.32  ? 233 THR A N   1 
ATOM   550 C  CA  . THR A 1 74  ? -5.729  -8.322  -7.034  1.00 20.91  ? 233 THR A CA  1 
ATOM   551 C  C   . THR A 1 74  ? -5.559  -8.644  -8.481  1.00 20.42  ? 233 THR A C   1 
ATOM   552 O  O   . THR A 1 74  ? -5.461  -7.717  -9.290  1.00 21.09  ? 233 THR A O   1 
ATOM   553 C  CB  . THR A 1 74  ? -7.185  -7.773  -6.786  1.00 21.62  ? 233 THR A CB  1 
ATOM   554 O  OG1 . THR A 1 74  ? -7.317  -7.646  -5.354  1.00 25.59  ? 233 THR A OG1 1 
ATOM   555 C  CG2 . THR A 1 74  ? -8.292  -8.637  -7.428  1.00 26.03  ? 233 THR A CG2 1 
ATOM   556 N  N   . ALA A 1 75  ? -5.479  -9.926  -8.824  1.00 21.34  ? 234 ALA A N   1 
ATOM   557 C  CA  . ALA A 1 75  ? -5.110  -10.313 -10.185 1.00 23.87  ? 234 ALA A CA  1 
ATOM   558 C  C   . ALA A 1 75  ? -6.073  -9.768  -11.207 1.00 25.09  ? 234 ALA A C   1 
ATOM   559 O  O   . ALA A 1 75  ? -5.719  -9.524  -12.365 1.00 27.62  ? 234 ALA A O   1 
ATOM   560 C  CB  . ALA A 1 75  ? -5.062  -11.833 -10.297 1.00 25.23  ? 234 ALA A CB  1 
ATOM   561 N  N   . GLU A 1 76  ? -7.310  -9.583  -10.795 1.00 24.81  ? 235 GLU A N   1 
ATOM   562 C  CA  . GLU A 1 76  ? -8.338  -9.161  -11.730 1.00 26.40  ? 235 GLU A CA  1 
ATOM   563 C  C   . GLU A 1 76  ? -8.460  -7.651  -11.920 1.00 26.23  ? 235 GLU A C   1 
ATOM   564 O  O   . GLU A 1 76  ? -9.269  -7.196  -12.742 1.00 27.44  ? 235 GLU A O   1 
ATOM   565 C  CB  . GLU A 1 76  ? -9.674  -9.744  -11.273 1.00 27.72  ? 235 GLU A CB  1 
ATOM   566 C  CG  . GLU A 1 76  ? -9.758  -11.305 -11.283 1.00 29.39  ? 235 GLU A CG  1 
ATOM   567 C  CD  . GLU A 1 76  ? -9.221  -11.957 -10.005 1.00 29.82  ? 235 GLU A CD  1 
ATOM   568 O  OE1 . GLU A 1 76  ? -9.094  -13.168 -9.958  1.00 30.52  ? 235 GLU A OE1 1 
ATOM   569 O  OE2 . GLU A 1 76  ? -8.893  -11.234 -9.048  1.00 29.16  ? 235 GLU A OE2 1 
ATOM   570 N  N   . SER A 1 77  ? -7.626  -6.879  -11.214 1.00 25.57  ? 236 SER A N   1 
ATOM   571 C  CA  . SER A 1 77  ? -7.679  -5.442  -11.344 1.00 24.53  ? 236 SER A CA  1 
ATOM   572 C  C   . SER A 1 77  ? -6.262  -4.893  -11.462 1.00 22.34  ? 236 SER A C   1 
ATOM   573 O  O   . SER A 1 77  ? -5.557  -4.738  -10.468 1.00 21.90  ? 236 SER A O   1 
ATOM   574 C  CB  . SER A 1 77  ? -8.380  -4.874  -10.118 1.00 26.15  ? 236 SER A CB  1 
ATOM   575 O  OG  . SER A 1 77  ? -9.691  -5.421  -10.099 1.00 29.49  ? 236 SER A OG  1 
ATOM   576 N  N   . ARG A 1 78  ? -5.859  -4.619  -12.684 1.00 22.65  ? 237 ARG A N   1 
ATOM   577 C  CA  . ARG A 1 78  ? -4.497  -4.159  -12.933 1.00 22.16  ? 237 ARG A CA  1 
ATOM   578 C  C   . ARG A 1 78  ? -4.516  -2.791  -13.515 1.00 21.58  ? 237 ARG A C   1 
ATOM   579 O  O   . ARG A 1 78  ? -5.455  -2.433  -14.223 1.00 23.43  ? 237 ARG A O   1 
ATOM   580 C  CB  . ARG A 1 78  ? -3.832  -5.115  -13.910 1.00 25.06  ? 237 ARG A CB  1 
ATOM   581 C  CG  . ARG A 1 78  ? -4.072  -6.567  -13.557 1.00 28.99  ? 237 ARG A CG  1 
ATOM   582 C  CD  . ARG A 1 78  ? -3.700  -7.517  -14.653 1.00 33.09  ? 237 ARG A CD  1 
ATOM   583 N  NE  . ARG A 1 78  ? -3.991  -8.882  -14.200 1.00 35.90  ? 237 ARG A NE  1 
ATOM   584 C  CZ  . ARG A 1 78  ? -3.268  -9.945  -14.539 1.00 35.70  ? 237 ARG A CZ  1 
ATOM   585 N  NH1 . ARG A 1 78  ? -2.207  -9.784  -15.346 1.00 38.46  ? 237 ARG A NH1 1 
ATOM   586 N  NH2 . ARG A 1 78  ? -3.598  -11.161 -14.090 1.00 34.78  ? 237 ARG A NH2 1 
ATOM   587 N  N   . PHE A 1 79  ? -3.458  -2.024  -13.227 1.00 21.61  ? 238 PHE A N   1 
ATOM   588 C  CA  . PHE A 1 79  ? -3.422  -0.590  -13.533 1.00 21.62  ? 238 PHE A CA  1 
ATOM   589 C  C   . PHE A 1 79  ? -2.084  -0.178  -14.078 1.00 21.89  ? 238 PHE A C   1 
ATOM   590 O  O   . PHE A 1 79  ? -1.040  -0.708  -13.669 1.00 22.83  ? 238 PHE A O   1 
ATOM   591 C  CB  . PHE A 1 79  ? -3.722  0.230   -12.257 1.00 21.65  ? 238 PHE A CB  1 
ATOM   592 C  CG  . PHE A 1 79  ? -5.055  -0.106  -11.676 1.00 22.60  ? 238 PHE A CG  1 
ATOM   593 C  CD1 . PHE A 1 79  ? -6.198  0.506   -12.181 1.00 25.10  ? 238 PHE A CD1 1 
ATOM   594 C  CD2 . PHE A 1 79  ? -5.191  -1.143  -10.748 1.00 24.37  ? 238 PHE A CD2 1 
ATOM   595 C  CE1 . PHE A 1 79  ? -7.469  0.139   -11.720 1.00 27.76  ? 238 PHE A CE1 1 
ATOM   596 C  CE2 . PHE A 1 79  ? -6.450  -1.497  -10.269 1.00 26.31  ? 238 PHE A CE2 1 
ATOM   597 C  CZ  . PHE A 1 79  ? -7.581  -0.861  -10.765 1.00 26.99  ? 238 PHE A CZ  1 
ATOM   598 N  N   . SER A 1 80  ? -2.110  0.801   -14.969 1.00 23.74  ? 239 SER A N   1 
ATOM   599 C  CA  . SER A 1 80  ? -0.857  1.377   -15.516 1.00 23.92  ? 239 SER A CA  1 
ATOM   600 C  C   . SER A 1 80  ? 0.040   1.994   -14.447 1.00 23.52  ? 239 SER A C   1 
ATOM   601 O  O   . SER A 1 80  ? 1.277   2.026   -14.621 1.00 24.86  ? 239 SER A O   1 
ATOM   602 C  CB  . SER A 1 80  ? -1.173  2.422   -16.590 1.00 26.00  ? 239 SER A CB  1 
ATOM   603 O  OG  . SER A 1 80  ? -2.001  1.870   -17.609 1.00 31.23  ? 239 SER A OG  1 
ATOM   604 N  N   . THR A 1 81  ? -0.568  2.534   -13.387 1.00 22.75  ? 240 THR A N   1 
ATOM   605 C  CA  . THR A 1 81  ? 0.215   3.204   -12.370 1.00 22.59  ? 240 THR A CA  1 
ATOM   606 C  C   . THR A 1 81  ? -0.236  2.819   -10.987 1.00 21.23  ? 240 THR A C   1 
ATOM   607 O  O   . THR A 1 81  ? -1.413  2.448   -10.739 1.00 22.02  ? 240 THR A O   1 
ATOM   608 C  CB  . THR A 1 81  ? 0.134   4.754   -12.470 1.00 24.21  ? 240 THR A CB  1 
ATOM   609 O  OG1 . THR A 1 81  ? -1.193  5.199   -12.150 1.00 25.85  ? 240 THR A OG1 1 
ATOM   610 C  CG2 . THR A 1 81  ? 0.567   5.263   -13.845 1.00 25.17  ? 240 THR A CG2 1 
ATOM   611 N  N   . LEU A 1 82  ? 0.686   2.934   -10.042 1.00 22.04  ? 241 LEU A N   1 
ATOM   612 C  CA  . LEU A 1 82  ? 0.382   2.701   -8.650  1.00 21.50  ? 241 LEU A CA  1 
ATOM   613 C  C   . LEU A 1 82  ? -0.653  3.695   -8.124  1.00 20.93  ? 241 LEU A C   1 
ATOM   614 O  O   . LEU A 1 82  ? -1.520  3.306   -7.338  1.00 21.16  ? 241 LEU A O   1 
ATOM   615 C  CB  . LEU A 1 82  ? 1.673   2.734   -7.836  1.00 22.88  ? 241 LEU A CB  1 
ATOM   616 C  CG  . LEU A 1 82  ? 1.481   2.333   -6.364  1.00 25.41  ? 241 LEU A CG  1 
ATOM   617 C  CD1 . LEU A 1 82  ? 0.754   0.951   -6.160  1.00 26.57  ? 241 LEU A CD1 1 
ATOM   618 C  CD2 . LEU A 1 82  ? 2.853   2.361   -5.692  1.00 27.45  ? 241 LEU A CD2 1 
ATOM   619 N  N   . ALA A 1 83  ? -0.620  4.951   -8.563  1.00 21.20  ? 242 ALA A N   1 
ATOM   620 C  CA  . ALA A 1 83  ? -1.609  5.941   -8.138  1.00 21.02  ? 242 ALA A CA  1 
ATOM   621 C  C   . ALA A 1 83  ? -3.019  5.531   -8.556  1.00 20.69  ? 242 ALA A C   1 
ATOM   622 O  O   . ALA A 1 83  ? -3.954  5.680   -7.766  1.00 20.54  ? 242 ALA A O   1 
ATOM   623 C  CB  . ALA A 1 83  ? -1.286  7.335   -8.638  1.00 22.15  ? 242 ALA A CB  1 
ATOM   624 N  N   . GLU A 1 84  ? -3.161  5.028   -9.774  1.00 21.08  ? 243 GLU A N   1 
ATOM   625 C  CA  . GLU A 1 84  ? -4.453  4.493   -10.203 1.00 21.72  ? 243 GLU A CA  1 
ATOM   626 C  C   . GLU A 1 84  ? -4.896  3.273   -9.404  1.00 20.14  ? 243 GLU A C   1 
ATOM   627 O  O   . GLU A 1 84  ? -6.084  3.157   -9.055  1.00 21.11  ? 243 GLU A O   1 
ATOM   628 C  CB  . GLU A 1 84  ? -4.431  4.125   -11.671 1.00 23.54  ? 243 GLU A CB  1 
ATOM   629 C  CG  . GLU A 1 84  ? -4.363  5.273   -12.627 1.00 28.19  ? 243 GLU A CG  1 
ATOM   630 C  CD  . GLU A 1 84  ? -4.123  4.767   -14.018 1.00 33.95  ? 243 GLU A CD  1 
ATOM   631 O  OE1 . GLU A 1 84  ? -5.103  4.567   -14.767 1.00 39.42  ? 243 GLU A OE1 1 
ATOM   632 O  OE2 . GLU A 1 84  ? -2.957  4.513   -14.344 1.00 36.73  ? 243 GLU A OE2 1 
ATOM   633 N  N   . LEU A 1 85  ? -3.980  2.353   -9.103  1.00 19.87  ? 244 LEU A N   1 
ATOM   634 C  CA  . LEU A 1 85  ? -4.279  1.197   -8.261  1.00 20.02  ? 244 LEU A CA  1 
ATOM   635 C  C   . LEU A 1 85  ? -4.804  1.656   -6.904  1.00 19.09  ? 244 LEU A C   1 
ATOM   636 O  O   . LEU A 1 85  ? -5.865  1.197   -6.428  1.00 20.01  ? 244 LEU A O   1 
ATOM   637 C  CB  . LEU A 1 85  ? -3.015  0.334   -8.140  1.00 20.55  ? 244 LEU A CB  1 
ATOM   638 C  CG  . LEU A 1 85  ? -3.136  -0.936  -7.282  1.00 20.63  ? 244 LEU A CG  1 
ATOM   639 C  CD1 . LEU A 1 85  ? -2.016  -1.827  -7.627  1.00 22.29  ? 244 LEU A CD1 1 
ATOM   640 C  CD2 . LEU A 1 85  ? -3.088  -0.734  -5.787  1.00 22.10  ? 244 LEU A CD2 1 
ATOM   641 N  N   . VAL A 1 86  ? -4.085  2.586   -6.256  1.00 19.36  ? 245 VAL A N   1 
ATOM   642 C  CA  . VAL A 1 86  ? -4.521  3.044   -4.948  1.00 19.29  ? 245 VAL A CA  1 
ATOM   643 C  C   . VAL A 1 86  ? -5.876  3.738   -5.045  1.00 19.33  ? 245 VAL A C   1 
ATOM   644 O  O   . VAL A 1 86  ? -6.758  3.525   -4.213  1.00 20.15  ? 245 VAL A O   1 
ATOM   645 C  CB  . VAL A 1 86  ? -3.457  3.933   -4.306  1.00 19.43  ? 245 VAL A CB  1 
ATOM   646 C  CG1 . VAL A 1 86  ? -3.986  4.642   -3.079  1.00 20.28  ? 245 VAL A CG1 1 
ATOM   647 C  CG2 . VAL A 1 86  ? -2.193  3.114   -4.006  1.00 20.80  ? 245 VAL A CG2 1 
ATOM   648 N  N   . HIS A 1 87  ? -6.011  4.560   -6.046  1.00 19.98  ? 246 HIS A N   1 
ATOM   649 C  CA  A HIS A 1 87  ? -7.266  5.274   -6.231  0.50 20.72  ? 246 HIS A CA  1 
ATOM   650 C  CA  B HIS A 1 87  ? -7.257  5.261   -6.223  0.50 20.78  ? 246 HIS A CA  1 
ATOM   651 C  C   . HIS A 1 87  ? -8.432  4.294   -6.448  1.00 20.40  ? 246 HIS A C   1 
ATOM   652 O  O   . HIS A 1 87  ? -9.505  4.447   -5.849  1.00 21.25  ? 246 HIS A O   1 
ATOM   653 C  CB  A HIS A 1 87  ? -7.218  6.286   -7.378  0.50 21.98  ? 246 HIS A CB  1 
ATOM   654 C  CB  B HIS A 1 87  ? -7.183  6.329   -7.316  0.50 22.18  ? 246 HIS A CB  1 
ATOM   655 C  CG  A HIS A 1 87  ? -8.464  7.102   -7.457  0.50 23.72  ? 246 HIS A CG  1 
ATOM   656 C  CG  B HIS A 1 87  ? -8.402  7.192   -7.351  0.50 24.05  ? 246 HIS A CG  1 
ATOM   657 N  ND1 A HIS A 1 87  ? -8.695  8.183   -6.636  0.50 26.53  ? 246 HIS A ND1 1 
ATOM   658 N  ND1 B HIS A 1 87  ? -9.557  6.815   -8.002  0.50 25.94  ? 246 HIS A ND1 1 
ATOM   659 C  CD2 A HIS A 1 87  ? -9.608  6.915   -8.159  0.50 24.68  ? 246 HIS A CD2 1 
ATOM   660 C  CD2 B HIS A 1 87  ? -8.668  8.384   -6.771  0.50 26.58  ? 246 HIS A CD2 1 
ATOM   661 C  CE1 A HIS A 1 87  ? -9.900  8.668   -6.876  0.50 25.88  ? 246 HIS A CE1 1 
ATOM   662 C  CE1 B HIS A 1 87  ? -10.472 7.754   -7.849  0.50 26.97  ? 246 HIS A CE1 1 
ATOM   663 N  NE2 A HIS A 1 87  ? -10.473 7.920   -7.803  0.50 26.69  ? 246 HIS A NE2 1 
ATOM   664 N  NE2 B HIS A 1 87  ? -9.962  8.713   -7.097  0.50 27.02  ? 246 HIS A NE2 1 
ATOM   665 N  N   . HIS A 1 88  ? -8.248  3.272   -7.242  1.00 20.53  ? 247 HIS A N   1 
ATOM   666 C  CA  . HIS A 1 88  ? -9.312  2.296   -7.418  1.00 20.85  ? 247 HIS A CA  1 
ATOM   667 C  C   . HIS A 1 88  ? -9.690  1.625   -6.111  1.00 20.46  ? 247 HIS A C   1 
ATOM   668 O  O   . HIS A 1 88  ? -10.891 1.559   -5.745  1.00 21.03  ? 247 HIS A O   1 
ATOM   669 C  CB  . HIS A 1 88  ? -8.816  1.258   -8.427  1.00 21.67  ? 247 HIS A CB  1 
ATOM   670 C  CG  . HIS A 1 88  ? -9.714  0.072   -8.542  1.00 22.18  ? 247 HIS A CG  1 
ATOM   671 N  ND1 . HIS A 1 88  ? -10.887 0.111   -9.255  1.00 25.51  ? 247 HIS A ND1 1 
ATOM   672 C  CD2 . HIS A 1 88  ? -9.594  -1.184  -8.058  1.00 23.22  ? 247 HIS A CD2 1 
ATOM   673 C  CE1 . HIS A 1 88  ? -11.473 -1.074  -9.184  1.00 26.17  ? 247 HIS A CE1 1 
ATOM   674 N  NE2 . HIS A 1 88  ? -10.712 -1.876  -8.461  1.00 25.38  ? 247 HIS A NE2 1 
ATOM   675 N  N   . HIS A 1 89  ? -8.691  1.109   -5.379  1.00 19.75  ? 248 HIS A N   1 
ATOM   676 C  CA  . HIS A 1 89  ? -8.973  0.332   -4.174  1.00 19.73  ? 248 HIS A CA  1 
ATOM   677 C  C   . HIS A 1 89  ? -9.331  1.268   -3.017  1.00 19.46  ? 248 HIS A C   1 
ATOM   678 O  O   . HIS A 1 89  ? -9.745  0.796   -1.941  1.00 20.00  ? 248 HIS A O   1 
ATOM   679 C  CB  . HIS A 1 89  ? -7.807  -0.595  -3.801  1.00 19.96  ? 248 HIS A CB  1 
ATOM   680 C  CG  . HIS A 1 89  ? -7.606  -1.744  -4.736  1.00 19.78  ? 248 HIS A CG  1 
ATOM   681 N  ND1 . HIS A 1 89  ? -8.396  -2.871  -4.714  1.00 20.64  ? 248 HIS A ND1 1 
ATOM   682 C  CD2 . HIS A 1 89  ? -6.692  -1.953  -5.714  1.00 20.57  ? 248 HIS A CD2 1 
ATOM   683 C  CE1 . HIS A 1 89  ? -7.964  -3.725  -5.631  1.00 20.05  ? 248 HIS A CE1 1 
ATOM   684 N  NE2 . HIS A 1 89  ? -6.933  -3.188  -6.260  1.00 20.06  ? 248 HIS A NE2 1 
ATOM   685 N  N   . SER A 1 90  ? -9.275  2.582   -3.237  1.00 20.14  ? 249 SER A N   1 
ATOM   686 C  CA  . SER A 1 90  ? -9.781  3.532   -2.251  1.00 20.77  ? 249 SER A CA  1 
ATOM   687 C  C   . SER A 1 90  ? -11.317 3.559   -2.244  1.00 21.17  ? 249 SER A C   1 
ATOM   688 O  O   . SER A 1 90  ? -11.906 4.049   -1.299  1.00 23.33  ? 249 SER A O   1 
ATOM   689 C  CB  . SER A 1 90  ? -9.216  4.944   -2.433  1.00 20.63  ? 249 SER A CB  1 
ATOM   690 O  OG  . SER A 1 90  ? -9.851  5.646   -3.488  1.00 21.30  ? 249 SER A OG  1 
ATOM   691 N  N   . THR A 1 91  ? -11.953 3.075   -3.304  1.00 21.95  ? 250 THR A N   1 
ATOM   692 C  CA  . THR A 1 91  ? -13.428 3.018   -3.280  1.00 24.33  ? 250 THR A CA  1 
ATOM   693 C  C   . THR A 1 91  ? -13.983 1.667   -3.392  1.00 24.33  ? 250 THR A C   1 
ATOM   694 O  O   . THR A 1 91  ? -15.116 1.473   -2.942  1.00 25.90  ? 250 THR A O   1 
ATOM   695 C  CB  . THR A 1 91  ? -14.074 3.924   -4.290  1.00 25.67  ? 250 THR A CB  1 
ATOM   696 O  OG1 . THR A 1 91  ? -13.763 3.454   -5.597  1.00 27.47  ? 250 THR A OG1 1 
ATOM   697 C  CG2 . THR A 1 91  ? -13.601 5.367   -4.094  1.00 29.04  ? 250 THR A CG2 1 
ATOM   698 N  N   . VAL A 1 92  ? -13.272 0.715   -3.979  1.00 23.87  ? 251 VAL A N   1 
ATOM   699 C  CA  . VAL A 1 92  ? -13.791 -0.664  -3.960  1.00 25.82  ? 251 VAL A CA  1 
ATOM   700 C  C   . VAL A 1 92  ? -12.699 -1.613  -3.512  1.00 24.80  ? 251 VAL A C   1 
ATOM   701 O  O   . VAL A 1 92  ? -11.559 -1.574  -4.034  1.00 24.57  ? 251 VAL A O   1 
ATOM   702 C  CB  . VAL A 1 92  ? -14.363 -1.126  -5.305  1.00 27.59  ? 251 VAL A CB  1 
ATOM   703 C  CG1 . VAL A 1 92  ? -15.719 -0.459  -5.581  1.00 30.75  ? 251 VAL A CG1 1 
ATOM   704 C  CG2 . VAL A 1 92  ? -13.376 -0.889  -6.407  1.00 26.46  ? 251 VAL A CG2 1 
ATOM   705 N  N   . ALA A 1 93  ? -13.005 -2.431  -2.520  1.00 24.22  ? 252 ALA A N   1 
ATOM   706 C  CA  . ALA A 1 93  ? -11.997 -3.330  -1.961  1.00 23.68  ? 252 ALA A CA  1 
ATOM   707 C  C   . ALA A 1 93  ? -11.455 -4.256  -3.035  1.00 23.39  ? 252 ALA A C   1 
ATOM   708 O  O   . ALA A 1 93  ? -10.225 -4.467  -3.152  1.00 22.91  ? 252 ALA A O   1 
ATOM   709 C  CB  . ALA A 1 93  ? -12.522 -4.086  -0.757  1.00 25.15  ? 252 ALA A CB  1 
ATOM   710 N  N   . ASP A 1 94  ? -12.374 -4.815  -3.819  1.00 24.27  ? 253 ASP A N   1 
ATOM   711 C  CA  . ASP A 1 94  ? -12.049 -5.577  -4.988  1.00 24.96  ? 253 ASP A CA  1 
ATOM   712 C  C   . ASP A 1 94  ? -10.988 -6.632  -4.695  1.00 24.98  ? 253 ASP A C   1 
ATOM   713 O  O   . ASP A 1 94  ? -9.934  -6.663  -5.337  1.00 27.09  ? 253 ASP A O   1 
ATOM   714 C  CB  . ASP A 1 94  ? -11.620 -4.627  -6.114  1.00 25.14  ? 253 ASP A CB  1 
ATOM   715 C  CG  . ASP A 1 94  ? -11.659 -5.255  -7.465  1.00 29.38  ? 253 ASP A CG  1 
ATOM   716 O  OD1 . ASP A 1 94  ? -12.153 -6.407  -7.589  1.00 33.52  ? 253 ASP A OD1 1 
ATOM   717 O  OD2 . ASP A 1 94  ? -11.206 -4.578  -8.413  1.00 33.39  ? 253 ASP A OD2 1 
ATOM   718 N  N   . GLY A 1 95  ? -11.256 -7.476  -3.701  1.00 23.67  ? 254 GLY A N   1 
ATOM   719 C  CA  . GLY A 1 95  ? -10.355 -8.550  -3.381  1.00 24.74  ? 254 GLY A CA  1 
ATOM   720 C  C   . GLY A 1 95  ? -9.575  -8.299  -2.090  1.00 23.87  ? 254 GLY A C   1 
ATOM   721 O  O   . GLY A 1 95  ? -9.297  -9.250  -1.368  1.00 25.39  ? 254 GLY A O   1 
ATOM   722 N  N   . LEU A 1 96  ? -9.233  -7.040  -1.775  1.00 22.03  ? 255 LEU A N   1 
ATOM   723 C  CA  . LEU A 1 96  ? -8.565  -6.724  -0.515  1.00 21.80  ? 255 LEU A CA  1 
ATOM   724 C  C   . LEU A 1 96  ? -9.519  -6.874  0.650   1.00 21.17  ? 255 LEU A C   1 
ATOM   725 O  O   . LEU A 1 96  ? -10.745 -6.803  0.467   1.00 21.53  ? 255 LEU A O   1 
ATOM   726 C  CB  . LEU A 1 96  ? -8.023  -5.288  -0.541  1.00 21.85  ? 255 LEU A CB  1 
ATOM   727 C  CG  . LEU A 1 96  ? -7.112  -4.903  -1.720  1.00 21.82  ? 255 LEU A CG  1 
ATOM   728 C  CD1 . LEU A 1 96  ? -6.718  -3.473  -1.571  1.00 23.72  ? 255 LEU A CD1 1 
ATOM   729 C  CD2 . LEU A 1 96  ? -5.918  -5.837  -1.755  1.00 23.18  ? 255 LEU A CD2 1 
ATOM   730 N  N   . VAL A 1 97  ? -8.999  -7.019  1.856   1.00 20.68  ? 256 VAL A N   1 
ATOM   731 C  CA  . VAL A 1 97  ? -9.871  -7.142  3.031   1.00 20.42  ? 256 VAL A CA  1 
ATOM   732 C  C   . VAL A 1 97  ? -10.720 -5.902  3.219   1.00 20.68  ? 256 VAL A C   1 
ATOM   733 O  O   . VAL A 1 97  ? -11.817 -6.017  3.759   1.00 22.05  ? 256 VAL A O   1 
ATOM   734 C  CB  . VAL A 1 97  ? -9.108  -7.508  4.310   1.00 21.88  ? 256 VAL A CB  1 
ATOM   735 C  CG1 . VAL A 1 97  ? -8.566  -8.902  4.228   1.00 23.17  ? 256 VAL A CG1 1 
ATOM   736 C  CG2 . VAL A 1 97  ? -7.958  -6.551  4.589   1.00 21.40  ? 256 VAL A CG2 1 
ATOM   737 N  N   . THR A 1 98  ? -10.256 -4.730  2.792   1.00 20.30  ? 257 THR A N   1 
ATOM   738 C  CA  . THR A 1 98  ? -11.059 -3.522  2.887   1.00 20.17  ? 257 THR A CA  1 
ATOM   739 C  C   . THR A 1 98  ? -10.491 -2.507  1.914   1.00 19.30  ? 257 THR A C   1 
ATOM   740 O  O   . THR A 1 98  ? -9.524  -2.798  1.203   1.00 20.21  ? 257 THR A O   1 
ATOM   741 C  CB  . THR A 1 98  ? -11.164 -2.940  4.328   1.00 21.13  ? 257 THR A CB  1 
ATOM   742 O  OG1 . THR A 1 98  ? -12.217 -1.968  4.362   1.00 22.49  ? 257 THR A OG1 1 
ATOM   743 C  CG2 . THR A 1 98  ? -9.841  -2.304  4.794   1.00 21.46  ? 257 THR A CG2 1 
ATOM   744 N  N   . THR A 1 99  ? -11.105 -1.342  1.848   1.00 20.02  ? 258 THR A N   1 
ATOM   745 C  CA  . THR A 1 99  ? -10.641 -0.237  0.982   1.00 20.37  ? 258 THR A CA  1 
ATOM   746 C  C   . THR A 1 99  ? -9.456  0.515   1.582   1.00 19.73  ? 258 THR A C   1 
ATOM   747 O  O   . THR A 1 99  ? -9.239  0.533   2.782   1.00 20.92  ? 258 THR A O   1 
ATOM   748 C  CB  . THR A 1 99  ? -11.754 0.770   0.754   1.00 21.27  ? 258 THR A CB  1 
ATOM   749 O  OG1 . THR A 1 99  ? -12.410 1.028   2.003   1.00 23.73  ? 258 THR A OG1 1 
ATOM   750 C  CG2 . THR A 1 99  ? -12.773 0.231   -0.265  1.00 23.02  ? 258 THR A CG2 1 
ATOM   751 N  N   . LEU A 1 100 ? -8.728  1.164   0.685   1.00 19.77  ? 259 LEU A N   1 
ATOM   752 C  CA  . LEU A 1 100 ? -7.547  2.004   1.024   1.00 18.83  ? 259 LEU A CA  1 
ATOM   753 C  C   . LEU A 1 100 ? -8.083  3.409   1.266   1.00 20.09  ? 259 LEU A C   1 
ATOM   754 O  O   . LEU A 1 100 ? -8.131  4.231   0.355   1.00 21.29  ? 259 LEU A O   1 
ATOM   755 C  CB  . LEU A 1 100 ? -6.555  1.956   -0.113  1.00 19.91  ? 259 LEU A CB  1 
ATOM   756 C  CG  . LEU A 1 100 ? -6.094  0.552   -0.496  1.00 19.32  ? 259 LEU A CG  1 
ATOM   757 C  CD1 . LEU A 1 100 ? -5.038  0.654   -1.608  1.00 20.98  ? 259 LEU A CD1 1 
ATOM   758 C  CD2 . LEU A 1 100 ? -5.614  -0.321  0.594   1.00 21.05  ? 259 LEU A CD2 1 
ATOM   759 N  N   . HIS A 1 101 ? -8.536  3.654   2.498   1.00 20.20  ? 260 HIS A N   1 
ATOM   760 C  CA  . HIS A 1 101 ? -9.279  4.888   2.809   1.00 20.34  ? 260 HIS A CA  1 
ATOM   761 C  C   . HIS A 1 101 ? -8.496  6.032   3.414   1.00 20.26  ? 260 HIS A C   1 
ATOM   762 O  O   . HIS A 1 101 ? -8.811  7.205   3.185   1.00 21.58  ? 260 HIS A O   1 
ATOM   763 C  CB  . HIS A 1 101 ? -10.478 4.566   3.717   1.00 21.53  ? 260 HIS A CB  1 
ATOM   764 C  CG  . HIS A 1 101 ? -11.738 4.379   2.951   1.00 22.45  ? 260 HIS A CG  1 
ATOM   765 N  ND1 . HIS A 1 101 ? -12.975 4.274   3.543   1.00 26.28  ? 260 HIS A ND1 1 
ATOM   766 C  CD2 . HIS A 1 101 ? -11.944 4.336   1.619   1.00 23.78  ? 260 HIS A CD2 1 
ATOM   767 C  CE1 . HIS A 1 101 ? -13.882 4.132   2.598   1.00 29.43  ? 260 HIS A CE1 1 
ATOM   768 N  NE2 . HIS A 1 101 ? -13.285 4.166   1.422   1.00 28.33  ? 260 HIS A NE2 1 
ATOM   769 N  N   . TYR A 1 102 ? -7.527  5.703   4.259   1.00 19.32  ? 261 TYR A N   1 
ATOM   770 C  CA  . TYR A 1 102 ? -6.885  6.727   5.082   1.00 19.92  ? 261 TYR A CA  1 
ATOM   771 C  C   . TYR A 1 102 ? -5.366  6.553   5.009   1.00 19.39  ? 261 TYR A C   1 
ATOM   772 O  O   . TYR A 1 102 ? -4.818  5.695   5.689   1.00 19.52  ? 261 TYR A O   1 
ATOM   773 C  CB  . TYR A 1 102 ? -7.356  6.625   6.543   1.00 20.00  ? 261 TYR A CB  1 
ATOM   774 C  CG  . TYR A 1 102 ? -8.843  6.749   6.662   1.00 20.56  ? 261 TYR A CG  1 
ATOM   775 C  CD1 . TYR A 1 102 ? -9.465  7.979   6.426   1.00 20.69  ? 261 TYR A CD1 1 
ATOM   776 C  CD2 . TYR A 1 102 ? -9.612  5.656   7.046   1.00 22.04  ? 261 TYR A CD2 1 
ATOM   777 C  CE1 . TYR A 1 102 ? -10.874 8.095   6.542   1.00 21.52  ? 261 TYR A CE1 1 
ATOM   778 C  CE2 . TYR A 1 102 ? -10.995 5.755   7.156   1.00 22.46  ? 261 TYR A CE2 1 
ATOM   779 C  CZ  . TYR A 1 102 ? -11.612 6.964   6.889   1.00 21.18  ? 261 TYR A CZ  1 
ATOM   780 O  OH  . TYR A 1 102 ? -12.973 7.054   7.011   1.00 23.85  ? 261 TYR A OH  1 
ATOM   781 N  N   . PRO A 1 103 ? -4.680  7.344   4.155   1.00 19.40  ? 262 PRO A N   1 
ATOM   782 C  CA  . PRO A 1 103 ? -3.222  7.306   4.114   1.00 20.02  ? 262 PRO A CA  1 
ATOM   783 C  C   . PRO A 1 103 ? -2.663  7.576   5.521   1.00 19.54  ? 262 PRO A C   1 
ATOM   784 O  O   . PRO A 1 103 ? -3.022  8.569   6.155   1.00 20.83  ? 262 PRO A O   1 
ATOM   785 C  CB  . PRO A 1 103 ? -2.897  8.451   3.167   1.00 20.69  ? 262 PRO A CB  1 
ATOM   786 C  CG  . PRO A 1 103 ? -4.040  8.565   2.270   1.00 20.63  ? 262 PRO A CG  1 
ATOM   787 C  CD  . PRO A 1 103 ? -5.221  8.349   3.224   1.00 20.15  ? 262 PRO A CD  1 
ATOM   788 N  N   . ALA A 1 104 ? -1.783  6.700   5.987   1.00 19.71  ? 263 ALA A N   1 
ATOM   789 C  CA  . ALA A 1 104 ? -1.188  6.905   7.304   1.00 20.74  ? 263 ALA A CA  1 
ATOM   790 C  C   . ALA A 1 104 ? -0.332  8.165   7.299   1.00 22.30  ? 263 ALA A C   1 
ATOM   791 O  O   . ALA A 1 104 ? 0.385   8.424   6.318   1.00 21.13  ? 263 ALA A O   1 
ATOM   792 C  CB  . ALA A 1 104 ? -0.335  5.711   7.692   1.00 21.27  ? 263 ALA A CB  1 
ATOM   793 N  N   . PRO A 1 105 ? -0.413  8.954   8.389   1.00 24.57  ? 264 PRO A N   1 
ATOM   794 C  CA  . PRO A 1 105 ? 0.521   10.075  8.513   1.00 27.75  ? 264 PRO A CA  1 
ATOM   795 C  C   . PRO A 1 105 ? 1.975   9.586   8.482   1.00 30.56  ? 264 PRO A C   1 
ATOM   796 O  O   . PRO A 1 105 ? 2.306   8.564   9.062   1.00 28.37  ? 264 PRO A O   1 
ATOM   797 C  CB  . PRO A 1 105 ? 0.141   10.681  9.864   1.00 28.52  ? 264 PRO A CB  1 
ATOM   798 C  CG  . PRO A 1 105 ? -1.260  10.236  10.125  1.00 29.53  ? 264 PRO A CG  1 
ATOM   799 C  CD  . PRO A 1 105 ? -1.308  8.855   9.561   1.00 27.05  ? 264 PRO A CD  1 
ATOM   800 N  N   . LYS A 1 106 ? 2.821   10.284  7.741   1.00 35.08  ? 265 LYS A N   1 
ATOM   801 C  CA  . LYS A 1 106 ? 4.213   9.876   7.640   1.00 39.53  ? 265 LYS A CA  1 
ATOM   802 C  C   . LYS A 1 106 ? 4.879   10.228  8.949   1.00 42.98  ? 265 LYS A C   1 
ATOM   803 O  O   . LYS A 1 106 ? 4.597   11.297  9.511   1.00 43.28  ? 265 LYS A O   1 
ATOM   804 C  CB  . LYS A 1 106 ? 4.902   10.592  6.480   1.00 39.47  ? 265 LYS A CB  1 
ATOM   805 C  CG  . LYS A 1 106 ? 4.631   9.935   5.139   1.00 38.97  ? 265 LYS A CG  1 
ATOM   806 C  CD  . LYS A 1 106 ? 5.031   10.803  3.969   1.00 38.38  ? 265 LYS A CD  1 
ATOM   807 C  CE  . LYS A 1 106 ? 4.386   10.266  2.704   1.00 35.68  ? 265 LYS A CE  1 
ATOM   808 N  NZ  . LYS A 1 106 ? 4.895   10.905  1.444   1.00 31.41  ? 265 LYS A NZ  1 
ATOM   809 N  N   . CYS A 1 107 ? 5.721   9.332   9.469   1.00 46.85  ? 266 CYS A N   1 
ATOM   810 C  CA  . CYS A 1 107 ? 6.540   9.740   10.606  1.00 50.96  ? 266 CYS A CA  1 
ATOM   811 C  C   . CYS A 1 107 ? 7.783   10.485  10.138  1.00 52.64  ? 266 CYS A C   1 
ATOM   812 O  O   . CYS A 1 107 ? 8.065   11.576  10.638  1.00 53.12  ? 266 CYS A O   1 
ATOM   813 C  CB  . CYS A 1 107 ? 6.850   8.629   11.605  1.00 51.55  ? 266 CYS A CB  1 
ATOM   814 S  SG  . CYS A 1 107 ? 6.697   9.295   13.308  1.00 55.39  ? 266 CYS A SG  1 
ATOM   815 N  N   . ASN A 1 108 ? 8.485   9.909   9.158   1.00 54.27  ? 267 ASN A N   1 
ATOM   816 C  CA  . ASN A 1 108 ? 9.625   10.556  8.468   1.00 55.47  ? 267 ASN A CA  1 
ATOM   817 C  C   . ASN A 1 108 ? 10.272  11.738  9.203   1.00 55.87  ? 267 ASN A C   1 
ATOM   818 O  O   . ASN A 1 108 ? 10.936  11.566  10.236  1.00 56.05  ? 267 ASN A O   1 
ATOM   819 C  CB  . ASN A 1 108 ? 9.233   10.973  7.044   1.00 55.47  ? 267 ASN A CB  1 
HETATM 820 CL CL  . CL  B 2 .   ? -0.186  -10.378 5.857   0.75 22.67  ? 301 CL  A CL  1 
HETATM 821 O  O   . HOH C 3 .   ? -0.061  -14.696 -0.153  1.00 21.11  ? 401 HOH A O   1 
HETATM 822 O  O   . HOH C 3 .   ? -8.311  -12.542 -6.873  1.00 22.31  ? 402 HOH A O   1 
HETATM 823 O  O   . HOH C 3 .   ? -5.113  -4.678  -7.754  1.00 20.18  ? 403 HOH A O   1 
HETATM 824 O  O   . HOH C 3 .   ? 5.313   6.969   18.985  1.00 25.82  ? 404 HOH A O   1 
HETATM 825 O  O   . HOH C 3 .   ? 1.795   6.142   -9.653  1.00 27.09  ? 405 HOH A O   1 
HETATM 826 O  O   . HOH C 3 .   ? 7.816   -4.318  0.601   1.00 24.13  ? 406 HOH A O   1 
HETATM 827 O  O   . HOH C 3 .   ? 3.056   -9.750  1.634   1.00 26.67  ? 407 HOH A O   1 
HETATM 828 O  O   . HOH C 3 .   ? 10.504  5.811   5.111   1.00 26.41  ? 408 HOH A O   1 
HETATM 829 O  O   . HOH C 3 .   ? -11.842 6.804   -0.691  1.00 25.14  ? 409 HOH A O   1 
HETATM 830 O  O   . HOH C 3 .   ? -3.609  7.511   -5.654  1.00 25.89  ? 410 HOH A O   1 
HETATM 831 O  O   . HOH C 3 .   ? -2.605  10.903  -3.596  1.00 30.73  ? 411 HOH A O   1 
HETATM 832 O  O   . HOH C 3 .   ? 14.709  -4.952  2.948   1.00 25.98  ? 412 HOH A O   1 
HETATM 833 O  O   . HOH C 3 .   ? 2.369   16.315  -2.344  1.00 30.57  ? 413 HOH A O   1 
HETATM 834 O  O   . HOH C 3 .   ? -7.225  6.899   0.262   1.00 27.79  ? 414 HOH A O   1 
HETATM 835 O  O   . HOH C 3 .   ? 13.372  2.539   6.846   1.00 28.36  ? 415 HOH A O   1 
HETATM 836 O  O   . HOH C 3 .   ? 7.047   -5.197  -5.598  1.00 33.57  ? 416 HOH A O   1 
HETATM 837 O  O   . HOH C 3 .   ? -3.726  10.729  -0.631  1.00 29.05  ? 417 HOH A O   1 
HETATM 838 O  O   . HOH C 3 .   ? 12.867  -6.905  2.150   1.00 28.02  ? 418 HOH A O   1 
HETATM 839 O  O   . HOH C 3 .   ? -7.637  -5.278  -14.915 1.00 38.98  ? 419 HOH A O   1 
HETATM 840 O  O   . HOH C 3 .   ? 6.891   -7.377  4.421   1.00 42.20  ? 420 HOH A O   1 
HETATM 841 O  O   . HOH C 3 .   ? 0.725   -10.573 8.822   1.00 30.99  ? 421 HOH A O   1 
HETATM 842 O  O   . HOH C 3 .   ? 5.099   -7.814  1.404   1.00 31.49  ? 422 HOH A O   1 
HETATM 843 O  O   . HOH C 3 .   ? -12.124 4.815   -7.055  1.00 38.33  ? 423 HOH A O   1 
HETATM 844 O  O   . HOH C 3 .   ? 3.891   -10.993 3.782   1.00 36.61  ? 424 HOH A O   1 
HETATM 845 O  O   . HOH C 3 .   ? 3.496   3.838   -10.755 1.00 37.40  ? 425 HOH A O   1 
HETATM 846 O  O   . HOH C 3 .   ? 0.402   -8.432  10.440  1.00 32.45  ? 426 HOH A O   1 
HETATM 847 O  O   . HOH C 3 .   ? -12.750 3.131   8.804   1.00 59.73  ? 427 HOH A O   1 
HETATM 848 O  O   . HOH C 3 .   ? -7.949  4.293   -10.803 1.00 34.78  ? 428 HOH A O   1 
HETATM 849 O  O   . HOH C 3 .   ? 15.643  1.879   5.478   1.00 32.68  ? 429 HOH A O   1 
HETATM 850 O  O   . HOH C 3 .   ? 2.581   -11.343 5.688   1.00 41.64  ? 430 HOH A O   1 
HETATM 851 O  O   . HOH C 3 .   ? 9.038   -5.712  2.458   1.00 40.45  ? 431 HOH A O   1 
HETATM 852 O  O   . HOH C 3 .   ? -0.966  -7.252  12.529  1.00 45.28  ? 432 HOH A O   1 
HETATM 853 O  O   . HOH C 3 .   ? -4.577  1.559   -16.042 1.00 41.40  ? 433 HOH A O   1 
HETATM 854 O  O   . HOH C 3 .   ? 7.906   8.553   5.161   1.00 39.17  ? 434 HOH A O   1 
HETATM 855 O  O   . HOH C 3 .   ? -0.401  -13.025 -8.545  1.00 40.49  ? 435 HOH A O   1 
HETATM 856 O  O   . HOH C 3 .   ? 1.590   4.204   16.726  1.00 43.89  ? 436 HOH A O   1 
HETATM 857 O  O   . HOH C 3 .   ? -0.713  4.185   15.025  1.00 31.40  ? 437 HOH A O   1 
HETATM 858 O  O   . HOH C 3 .   ? -12.624 -0.454  6.496   1.00 41.64  ? 438 HOH A O   1 
HETATM 859 O  O   . HOH C 3 .   ? 1.460   10.426  5.002   1.00 31.80  ? 439 HOH A O   1 
HETATM 860 O  O   . HOH C 3 .   ? -0.507  -3.015  13.987  1.00 41.81  ? 440 HOH A O   1 
HETATM 861 O  O   . HOH C 3 .   ? 2.279   -11.791 -4.947  1.00 35.71  ? 441 HOH A O   1 
HETATM 862 O  O   . HOH C 3 .   ? 6.463   -7.203  -2.613  1.00 39.41  ? 442 HOH A O   1 
HETATM 863 O  O   . HOH C 3 .   ? -6.055  7.131   10.025  1.00 35.73  ? 443 HOH A O   1 
HETATM 864 O  O   . HOH C 3 .   ? -13.033 -8.450  4.264   1.00 42.46  ? 444 HOH A O   1 
HETATM 865 O  O   . HOH C 3 .   ? -11.668 1.179   12.612  1.00 77.28  ? 445 HOH A O   1 
HETATM 866 O  O   . HOH C 3 .   ? -5.007  9.142   8.031   1.00 37.38  ? 446 HOH A O   1 
HETATM 867 O  O   . HOH C 3 .   ? -15.978 -2.165  -1.061  1.00 91.89  ? 447 HOH A O   1 
HETATM 868 O  O   . HOH C 3 .   ? 1.919   9.216   -9.244  1.00 42.04  ? 448 HOH A O   1 
HETATM 869 O  O   . HOH C 3 .   ? 7.197   -5.681  -16.550 1.00 44.54  ? 449 HOH A O   1 
HETATM 870 O  O   . HOH C 3 .   ? 3.599   13.343  1.962   1.00 45.72  ? 450 HOH A O   1 
HETATM 871 O  O   . HOH C 3 .   ? -13.112 -8.219  -0.315  1.00 101.21 ? 451 HOH A O   1 
HETATM 872 O  O   . HOH C 3 .   ? 9.791   -5.265  4.691   1.00 33.67  ? 452 HOH A O   1 
HETATM 873 O  O   . HOH C 3 .   ? 2.264   7.467   -16.031 1.00 46.51  ? 453 HOH A O   1 
HETATM 874 O  O   . HOH C 3 .   ? -0.879  8.126   -12.248 1.00 45.83  ? 454 HOH A O   1 
HETATM 875 O  O   . HOH C 3 .   ? -9.815  -11.869 -4.881  1.00 43.00  ? 455 HOH A O   1 
HETATM 876 O  O   . HOH C 3 .   ? 14.544  4.407   -1.382  1.00 89.64  ? 456 HOH A O   1 
HETATM 877 O  O   . HOH C 3 .   ? -1.740  -7.370  -17.550 1.00 39.26  ? 457 HOH A O   1 
HETATM 878 O  O   . HOH C 3 .   ? -11.690 1.296   4.690   1.00 41.07  ? 458 HOH A O   1 
HETATM 879 O  O   . HOH C 3 .   ? -13.431 7.233   -8.801  1.00 43.70  ? 459 HOH A O   1 
HETATM 880 O  O   . HOH C 3 .   ? -14.733 -1.064  8.691   1.00 49.55  ? 460 HOH A O   1 
HETATM 881 O  O   . HOH C 3 .   ? -7.725  4.068   -13.709 1.00 45.36  ? 461 HOH A O   1 
HETATM 882 O  O   . HOH C 3 .   ? -5.210  8.112   -1.129  1.00 33.88  ? 462 HOH A O   1 
HETATM 883 O  O   . HOH C 3 .   ? 12.168  0.494   8.867   1.00 31.02  ? 463 HOH A O   1 
HETATM 884 O  O   . HOH C 3 .   ? 12.640  -0.717  11.247  1.00 29.93  ? 464 HOH A O   1 
HETATM 885 O  O   . HOH C 3 .   ? 5.808   -8.865  -9.781  1.00 36.46  ? 465 HOH A O   1 
HETATM 886 O  O   . HOH C 3 .   ? 0.840   6.947   11.848  1.00 41.33  ? 466 HOH A O   1 
HETATM 887 O  O   . HOH C 3 .   ? -8.067  -9.058  11.130  1.00 67.55  ? 467 HOH A O   1 
HETATM 888 O  O   . HOH C 3 .   ? -5.531  8.076   -3.835  1.00 57.48  ? 468 HOH A O   1 
HETATM 889 O  O   . HOH C 3 .   ? -6.983  6.573   13.022  1.00 37.01  ? 469 HOH A O   1 
HETATM 890 O  O   . HOH C 3 .   ? 11.693  6.560   -1.563  1.00 40.65  ? 470 HOH A O   1 
HETATM 891 O  O   . HOH C 3 .   ? -8.664  -1.989  12.485  1.00 41.52  ? 471 HOH A O   1 
HETATM 892 O  O   . HOH C 3 .   ? -15.342 -4.826  -3.625  1.00 58.01  ? 472 HOH A O   1 
HETATM 893 O  O   . HOH C 3 .   ? 1.244   0.046   19.107  1.00 45.31  ? 473 HOH A O   1 
HETATM 894 O  O   . HOH C 3 .   ? 3.156   1.103   -15.216 1.00 31.87  ? 474 HOH A O   1 
HETATM 895 O  O   . HOH C 3 .   ? -8.418  -2.415  -14.106 1.00 49.04  ? 475 HOH A O   1 
HETATM 896 O  O   . HOH C 3 .   ? -11.250 -10.090 -7.811  1.00 58.18  ? 476 HOH A O   1 
HETATM 897 O  O   . HOH C 3 .   ? -11.585 -6.407  -11.969 1.00 43.75  ? 477 HOH A O   1 
HETATM 898 O  O   . HOH C 3 .   ? -15.095 0.954   2.121   1.00 54.11  ? 478 HOH A O   1 
HETATM 899 O  O   . HOH C 3 .   ? 7.677   -8.983  -0.663  1.00 118.79 ? 479 HOH A O   1 
HETATM 900 O  O   . HOH C 3 .   ? 16.499  4.071   4.174   1.00 104.83 ? 480 HOH A O   1 
HETATM 901 O  O   . HOH C 3 .   ? 5.339   -9.956  -6.769  1.00 71.51  ? 481 HOH A O   1 
HETATM 902 O  O   . HOH C 3 .   ? -12.433 2.842   -9.765  1.00 63.34  ? 482 HOH A O   1 
HETATM 903 O  O   . HOH C 3 .   ? -7.727  5.456   16.773  1.00 54.22  ? 483 HOH A O   1 
HETATM 904 O  O   . HOH C 3 .   ? -3.954  5.082   -17.707 1.00 73.56  ? 484 HOH A O   1 
HETATM 905 O  O   . HOH C 3 .   ? -13.846 -7.513  -2.739  1.00 103.27 ? 485 HOH A O   1 
HETATM 906 O  O   . HOH C 3 .   ? -16.304 2.082   4.779   1.00 63.51  ? 486 HOH A O   1 
HETATM 907 O  O   . HOH C 3 .   ? -14.383 5.099   5.715   1.00 57.33  ? 487 HOH A O   1 
HETATM 908 O  O   . HOH C 3 .   ? 1.282   -7.510  13.813  1.00 68.17  ? 488 HOH A O   1 
HETATM 909 O  O   . HOH C 3 .   ? -14.400 -3.036  4.124   1.00 191.58 ? 489 HOH A O   1 
HETATM 910 O  O   . HOH C 3 .   ? -10.411 4.541   -9.914  1.00 62.09  ? 490 HOH A O   1 
HETATM 911 O  O   . HOH C 3 .   ? -6.348  -8.353  -16.516 1.00 82.55  ? 491 HOH A O   1 
HETATM 912 O  O   . HOH C 3 .   ? 3.534   0.290   -13.087 1.00 54.78  ? 492 HOH A O   1 
HETATM 913 O  O   . HOH C 3 .   ? 10.762  1.997   -6.023  1.00 54.81  ? 493 HOH A O   1 
HETATM 914 O  O   . HOH C 3 .   ? 14.298  6.691   -0.039  1.00 61.18  ? 494 HOH A O   1 
HETATM 915 O  O   . HOH C 3 .   ? -8.255  3.160   17.807  1.00 53.93  ? 495 HOH A O   1 
HETATM 916 O  O   . HOH C 3 .   ? 5.197   0.823   -11.409 1.00 68.10  ? 496 HOH A O   1 
HETATM 917 O  O   . HOH C 3 .   ? -2.705  10.428  13.550  1.00 59.99  ? 497 HOH A O   1 
HETATM 918 O  O   . HOH C 3 .   ? 6.287   1.477   -9.383  1.00 48.39  ? 498 HOH A O   1 
HETATM 919 O  O   . HOH C 3 .   ? 5.767   7.983   -11.726 1.00 51.55  ? 499 HOH A O   1 
HETATM 920 O  O   . HOH C 3 .   ? 6.535   5.845   -10.700 1.00 48.39  ? 500 HOH A O   1 
# 
loop_
_atom_site_anisotrop.id 
_atom_site_anisotrop.type_symbol 
_atom_site_anisotrop.pdbx_label_atom_id 
_atom_site_anisotrop.pdbx_label_alt_id 
_atom_site_anisotrop.pdbx_label_comp_id 
_atom_site_anisotrop.pdbx_label_asym_id 
_atom_site_anisotrop.pdbx_label_seq_id 
_atom_site_anisotrop.pdbx_PDB_ins_code 
_atom_site_anisotrop.U[1][1] 
_atom_site_anisotrop.U[2][2] 
_atom_site_anisotrop.U[3][3] 
_atom_site_anisotrop.U[1][2] 
_atom_site_anisotrop.U[1][3] 
_atom_site_anisotrop.U[2][3] 
_atom_site_anisotrop.pdbx_auth_seq_id 
_atom_site_anisotrop.pdbx_auth_comp_id 
_atom_site_anisotrop.pdbx_auth_asym_id 
_atom_site_anisotrop.pdbx_auth_atom_id 
1   N  N   . SER A 8   ? 0.5452 0.6008 0.5661 -0.0037 0.0350  0.0198  167 SER A N   
2   C  CA  . SER A 8   ? 0.5380 0.5906 0.5563 -0.0055 0.0399  0.0206  167 SER A CA  
3   C  C   . SER A 8   ? 0.5153 0.5642 0.5465 0.0010  0.0425  0.0244  167 SER A C   
4   O  O   . SER A 8   ? 0.5169 0.5709 0.5527 -0.0023 0.0414  0.0273  167 SER A O   
5   C  CB  . SER A 8   ? 0.5532 0.6050 0.5606 -0.0057 0.0341  0.0178  167 SER A CB  
6   O  OG  . SER A 8   ? 0.5517 0.6317 0.5429 -0.0118 0.0329  0.0102  167 SER A OG  
7   N  N   . LEU A 9   ? 0.4639 0.5282 0.5235 -0.0083 0.0542  0.0250  168 LEU A N   
8   C  CA  . LEU A 9   ? 0.3878 0.4813 0.4937 -0.0086 0.0486  0.0211  168 LEU A CA  
9   C  C   . LEU A 9   ? 0.3359 0.4445 0.4932 -0.0216 0.0421  0.0178  168 LEU A C   
10  O  O   . LEU A 9   ? 0.2379 0.4064 0.4609 -0.0172 0.0613  0.0318  168 LEU A O   
11  C  CB  . LEU A 9   ? 0.3971 0.4842 0.4849 -0.0106 0.0411  0.0198  168 LEU A CB  
12  C  CG  . LEU A 9   ? 0.4234 0.5156 0.4845 -0.0047 0.0188  0.0096  168 LEU A CG  
13  C  CD1 . LEU A 9   ? 0.4271 0.5278 0.4925 -0.0016 -0.0102 0.0071  168 LEU A CD1 
14  C  CD2 . LEU A 9   ? 0.4381 0.5487 0.4958 -0.0017 0.0071  0.0009  168 LEU A CD2 
15  N  N   . GLU A 10  ? 0.2870 0.4266 0.5011 -0.0383 0.0504  0.0141  169 GLU A N   
16  C  CA  . GLU A 10  ? 0.2705 0.4300 0.5048 -0.0661 0.0243  0.0022  169 GLU A CA  
17  C  C   . GLU A 10  ? 0.2584 0.3919 0.4783 -0.0859 0.0279  0.0019  169 GLU A C   
18  O  O   . GLU A 10  ? 0.2633 0.4250 0.4973 -0.0987 0.0009  -0.0171 169 GLU A O   
19  C  CB  . GLU A 10  ? 0.2773 0.4436 0.5287 -0.0694 0.0198  -0.0039 169 GLU A CB  
20  C  CG  . GLU A 10  ? 0.4105 0.5422 0.5560 -0.0547 0.0481  0.0165  169 GLU A CG  
21  C  CD  . GLU A 10  ? 0.4671 0.6188 0.6055 -0.0212 0.0722  0.0003  169 GLU A CD  
22  O  OE1 . GLU A 10  ? 0.4748 0.6718 0.6045 -0.0126 0.0699  0.0107  169 GLU A OE1 
23  O  OE2 . GLU A 10  ? 0.4917 0.6453 0.6540 -0.0330 0.0707  0.0265  169 GLU A OE2 
24  N  N   . LYS A 11  ? 0.2472 0.3465 0.4581 -0.0970 0.0571  0.0157  170 LYS A N   
25  C  CA  A LYS A 11  ? 0.2457 0.3321 0.4244 -0.0878 0.0561  0.0179  170 LYS A CA  
26  C  CA  B LYS A 11  ? 0.2513 0.3342 0.4276 -0.0872 0.0585  0.0214  170 LYS A CA  
27  C  C   . LYS A 11  ? 0.2315 0.3087 0.4071 -0.0883 0.0630  0.0186  170 LYS A C   
28  O  O   . LYS A 11  ? 0.2595 0.3135 0.4108 -0.0832 0.0749  0.0156  170 LYS A O   
29  C  CB  A LYS A 11  ? 0.2537 0.3399 0.4246 -0.0864 0.0600  0.0190  170 LYS A CB  
30  C  CB  B LYS A 11  ? 0.2638 0.3443 0.4315 -0.0838 0.0604  0.0232  170 LYS A CB  
31  C  CG  A LYS A 11  ? 0.2618 0.3610 0.4278 -0.0801 0.0523  0.0076  170 LYS A CG  
32  C  CG  B LYS A 11  ? 0.2933 0.3702 0.4401 -0.0805 0.0699  0.0322  170 LYS A CG  
33  C  CD  A LYS A 11  ? 0.3261 0.4158 0.4227 -0.0651 0.0813  0.0135  170 LYS A CD  
34  C  CD  B LYS A 11  ? 0.3850 0.4072 0.4686 -0.0647 0.0596  0.0532  170 LYS A CD  
35  C  CE  A LYS A 11  ? 0.3371 0.4191 0.4191 -0.0695 0.0915  0.0085  170 LYS A CE  
36  C  CE  B LYS A 11  ? 0.4087 0.4314 0.5047 -0.0603 0.0570  0.0592  170 LYS A CE  
37  N  NZ  A LYS A 11  ? 0.3630 0.4496 0.4257 -0.0173 0.0944  0.0184  170 LYS A NZ  
38  N  NZ  B LYS A 11  ? 0.4792 0.4487 0.5299 -0.0504 0.0395  0.0660  170 LYS A NZ  
39  N  N   . HIS A 12  ? 0.1986 0.3038 0.3623 -0.0828 0.0524  0.0122  171 HIS A N   
40  C  CA  . HIS A 12  ? 0.1690 0.2964 0.3316 -0.0790 0.0361  0.0164  171 HIS A CA  
41  C  C   . HIS A 12  ? 0.1794 0.2853 0.3141 -0.0539 0.0336  0.0165  171 HIS A C   
42  O  O   . HIS A 12  ? 0.1642 0.2991 0.3338 -0.0604 0.0218  0.0178  171 HIS A O   
43  C  CB  . HIS A 12  ? 0.2277 0.3048 0.3407 -0.0617 0.0282  0.0059  171 HIS A CB  
44  C  CG  . HIS A 12  ? 0.2421 0.3119 0.3492 -0.0694 0.0061  -0.0074 171 HIS A CG  
45  N  ND1 . HIS A 12  ? 0.2654 0.3425 0.3881 -0.0959 -0.0091 0.0172  171 HIS A ND1 
46  C  CD2 . HIS A 12  ? 0.2917 0.3577 0.3451 -0.0795 0.0098  -0.0249 171 HIS A CD2 
47  C  CE1 . HIS A 12  ? 0.3376 0.3368 0.3838 -0.0714 -0.0099 0.0043  171 HIS A CE1 
48  N  NE2 . HIS A 12  ? 0.3603 0.3706 0.3482 -0.0830 0.0056  -0.0133 171 HIS A NE2 
49  N  N   . SER A 13  ? 0.1616 0.2961 0.3106 -0.0516 0.0247  0.0105  172 SER A N   
50  C  CA  . SER A 13  ? 0.1864 0.3013 0.3017 -0.0425 0.0181  0.0099  172 SER A CA  
51  C  C   . SER A 13  ? 0.1518 0.2954 0.2781 -0.0429 0.0219  0.0087  172 SER A C   
52  O  O   . SER A 13  ? 0.1755 0.3073 0.2913 -0.0455 0.0110  0.0064  172 SER A O   
53  C  CB  . SER A 13  ? 0.1921 0.3155 0.3314 -0.0449 0.0277  0.0055  172 SER A CB  
54  O  OG  . SER A 13  ? 0.1821 0.3318 0.3325 -0.0580 0.0226  0.0282  172 SER A OG  
55  N  N   . TRP A 14  ? 0.1509 0.2768 0.2761 -0.0362 0.0176  -0.0026 173 TRP A N   
56  C  CA  . TRP A 14  ? 0.1517 0.2793 0.2918 -0.0391 0.0048  0.0034  173 TRP A CA  
57  C  C   . TRP A 14  ? 0.1612 0.2636 0.2840 -0.0385 0.0118  0.0116  173 TRP A C   
58  O  O   . TRP A 14  ? 0.1610 0.2801 0.2991 -0.0522 0.0169  0.0205  173 TRP A O   
59  C  CB  . TRP A 14  ? 0.1450 0.3006 0.2924 -0.0618 -0.0006 0.0017  173 TRP A CB  
60  C  CG  . TRP A 14  ? 0.1727 0.2844 0.3170 -0.0626 -0.0230 -0.0077 173 TRP A CG  
61  C  CD1 . TRP A 14  ? 0.1309 0.3404 0.3489 -0.0685 -0.0230 0.0176  173 TRP A CD1 
62  C  CD2 . TRP A 14  ? 0.1351 0.2984 0.3363 -0.0850 -0.0103 -0.0099 173 TRP A CD2 
63  N  NE1 . TRP A 14  ? 0.1821 0.3376 0.3342 -0.0458 -0.0273 0.0176  173 TRP A NE1 
64  C  CE2 . TRP A 14  ? 0.1826 0.3039 0.3277 -0.0820 -0.0248 -0.0003 173 TRP A CE2 
65  C  CE3 . TRP A 14  ? 0.1559 0.3053 0.3246 -0.0735 0.0080  -0.0141 173 TRP A CE3 
66  C  CZ2 . TRP A 14  ? 0.2078 0.3244 0.3278 -0.0902 -0.0303 -0.0105 173 TRP A CZ2 
67  C  CZ3 . TRP A 14  ? 0.2062 0.3357 0.3293 -0.0903 -0.0184 -0.0088 173 TRP A CZ3 
68  C  CH2 . TRP A 14  ? 0.2557 0.3065 0.3237 -0.0794 -0.0040 0.0009  173 TRP A CH2 
69  N  N   . TYR A 15  ? 0.1401 0.2834 0.2801 -0.0477 0.0067  0.0103  174 TYR A N   
70  C  CA  . TYR A 15  ? 0.1456 0.2894 0.2753 -0.0382 -0.0099 0.0163  174 TYR A CA  
71  C  C   . TYR A 15  ? 0.1627 0.2804 0.2887 -0.0472 0.0001  0.0164  174 TYR A C   
72  O  O   . TYR A 15  ? 0.1731 0.2689 0.3348 -0.0716 -0.0118 0.0189  174 TYR A O   
73  C  CB  . TYR A 15  ? 0.1701 0.3129 0.2717 -0.0252 0.0063  0.0212  174 TYR A CB  
74  C  CG  . TYR A 15  ? 0.2022 0.3451 0.2834 -0.0174 0.0160  0.0181  174 TYR A CG  
75  C  CD1 . TYR A 15  ? 0.1977 0.3590 0.3005 -0.0038 0.0181  0.0333  174 TYR A CD1 
76  C  CD2 . TYR A 15  ? 0.2034 0.3634 0.3257 -0.0137 0.0273  -0.0035 174 TYR A CD2 
77  C  CE1 . TYR A 15  ? 0.1963 0.3542 0.2852 -0.0035 0.0316  0.0084  174 TYR A CE1 
78  C  CE2 . TYR A 15  ? 0.2156 0.3729 0.3439 -0.0215 0.0452  0.0050  174 TYR A CE2 
79  C  CZ  . TYR A 15  ? 0.2034 0.3277 0.3305 -0.0272 0.0486  0.0310  174 TYR A CZ  
80  O  OH  . TYR A 15  ? 0.2220 0.3375 0.3273 -0.0218 0.0234  0.0077  174 TYR A OH  
81  N  N   . HIS A 16  ? 0.1573 0.2708 0.2809 -0.0622 -0.0013 0.0187  175 HIS A N   
82  C  CA  . HIS A 16  ? 0.1444 0.2879 0.2829 -0.0654 0.0151  0.0137  175 HIS A CA  
83  C  C   . HIS A 16  ? 0.1622 0.2957 0.2832 -0.0574 0.0010  0.0118  175 HIS A C   
84  O  O   . HIS A 16  ? 0.1436 0.3192 0.3022 -0.0774 0.0004  0.0146  175 HIS A O   
85  C  CB  . HIS A 16  ? 0.1562 0.2897 0.2667 -0.0624 0.0226  0.0102  175 HIS A CB  
86  C  CG  . HIS A 16  ? 0.1701 0.2977 0.2799 -0.0634 -0.0002 -0.0053 175 HIS A CG  
87  N  ND1 . HIS A 16  ? 0.1648 0.3333 0.3016 -0.0572 0.0166  0.0133  175 HIS A ND1 
88  C  CD2 . HIS A 16  ? 0.1560 0.3197 0.2938 -0.0955 0.0024  -0.0042 175 HIS A CD2 
89  C  CE1 . HIS A 16  ? 0.1704 0.3469 0.3014 -0.0440 0.0104  -0.0019 175 HIS A CE1 
90  N  NE2 . HIS A 16  ? 0.1856 0.3154 0.2852 -0.0716 0.0039  -0.0014 175 HIS A NE2 
91  N  N   . GLY A 17  ? 0.1408 0.2907 0.2867 -0.0697 0.0151  0.0152  176 GLY A N   
92  C  CA  . GLY A 17  ? 0.1493 0.2988 0.2927 -0.0613 0.0061  0.0019  176 GLY A CA  
93  C  C   . GLY A 17  ? 0.1448 0.2768 0.2696 -0.0652 0.0074  -0.0029 176 GLY A C   
94  O  O   . GLY A 17  ? 0.1421 0.2753 0.2670 -0.0822 0.0189  -0.0001 176 GLY A O   
95  N  N   . PRO A 18  ? 0.1290 0.2893 0.2830 -0.0665 0.0078  0.0064  177 PRO A N   
96  C  CA  . PRO A 18  ? 0.1344 0.2961 0.2769 -0.0611 0.0138  0.0014  177 PRO A CA  
97  C  C   . PRO A 18  ? 0.1385 0.2794 0.2730 -0.0654 0.0145  0.0018  177 PRO A C   
98  O  O   . PRO A 18  ? 0.1598 0.2882 0.2655 -0.0755 0.0148  0.0010  177 PRO A O   
99  C  CB  . PRO A 18  ? 0.1101 0.3026 0.2882 -0.0671 0.0241  0.0066  177 PRO A CB  
100 C  CG  . PRO A 18  ? 0.1770 0.3216 0.3813 -0.0595 0.0179  0.0374  177 PRO A CG  
101 C  CD  . PRO A 18  ? 0.1268 0.2752 0.2986 -0.0992 0.0219  0.0141  177 PRO A CD  
102 N  N   . VAL A 19  ? 0.1503 0.2867 0.2470 -0.0613 0.0133  0.0139  178 VAL A N   
103 C  CA  . VAL A 19  ? 0.1426 0.2858 0.2535 -0.0509 0.0116  0.0054  178 VAL A CA  
104 C  C   . VAL A 19  ? 0.1317 0.2927 0.2515 -0.0475 0.0338  0.0172  178 VAL A C   
105 O  O   . VAL A 19  ? 0.1561 0.2956 0.2551 -0.0626 0.0166  -0.0064 178 VAL A O   
106 C  CB  . VAL A 19  ? 0.1431 0.3007 0.2657 -0.0333 0.0116  0.0017  178 VAL A CB  
107 C  CG1 . VAL A 19  ? 0.1492 0.3074 0.2628 -0.0487 0.0294  0.0069  178 VAL A CG1 
108 C  CG2 . VAL A 19  ? 0.1411 0.2968 0.2820 -0.0298 0.0132  -0.0013 178 VAL A CG2 
109 N  N   . SER A 20  ? 0.1464 0.2917 0.2559 -0.0437 0.0289  0.0179  179 SER A N   
110 C  CA  . SER A 20  ? 0.1420 0.2848 0.2622 -0.0490 0.0225  0.0205  179 SER A CA  
111 C  C   . SER A 20  ? 0.1515 0.2737 0.2558 -0.0404 0.0220  0.0045  179 SER A C   
112 O  O   . SER A 20  ? 0.1593 0.2850 0.2606 -0.0457 0.0262  0.0045  179 SER A O   
113 C  CB  . SER A 20  ? 0.1670 0.3095 0.2670 -0.0349 0.0198  0.0157  179 SER A CB  
114 O  OG  . SER A 20  ? 0.1631 0.3254 0.2722 -0.0465 0.0125  0.0098  179 SER A OG  
115 N  N   . ARG A 21  ? 0.1632 0.2794 0.2722 -0.0493 0.0249  0.0061  180 ARG A N   
116 C  CA  . ARG A 21  ? 0.1646 0.2904 0.2825 -0.0559 0.0273  0.0078  180 ARG A CA  
117 C  C   . ARG A 21  ? 0.1788 0.2862 0.2675 -0.0454 0.0182  0.0109  180 ARG A C   
118 O  O   . ARG A 21  ? 0.1668 0.2725 0.2796 -0.0485 0.0262  0.0158  180 ARG A O   
119 C  CB  . ARG A 21  ? 0.1755 0.3031 0.3106 -0.0502 0.0219  -0.0017 180 ARG A CB  
120 C  CG  . ARG A 21  ? 0.1685 0.3448 0.3964 -0.0808 0.0143  0.0088  180 ARG A CG  
121 C  CD  . ARG A 21  ? 0.2408 0.3558 0.4763 -0.0824 0.0090  0.0361  180 ARG A CD  
122 N  NE  . ARG A 21  ? 0.3357 0.4564 0.5391 -0.0815 -0.0007 0.0199  180 ARG A NE  
123 C  CZ  . ARG A 21  ? 0.3570 0.4498 0.5579 -0.0752 -0.0337 -0.0084 180 ARG A CZ  
124 N  NH1 . ARG A 21  ? 0.3708 0.4481 0.5456 -0.0904 -0.0563 -0.0458 180 ARG A NH1 
125 N  NH2 . ARG A 21  ? 0.4225 0.4824 0.5975 -0.0832 -0.0294 0.0108  180 ARG A NH2 
126 N  N   . SER A 22  ? 0.2025 0.2970 0.2577 -0.0398 0.0215  0.0206  181 SER A N   
127 C  CA  A SER A 22  ? 0.1822 0.3028 0.2480 -0.0389 0.0147  0.0200  181 SER A CA  
128 C  CA  B SER A 22  ? 0.1916 0.3138 0.2531 -0.0312 0.0213  0.0200  181 SER A CA  
129 C  C   . SER A 22  ? 0.1838 0.3052 0.2401 -0.0335 0.0098  0.0106  181 SER A C   
130 O  O   . SER A 22  ? 0.1820 0.3084 0.2559 -0.0375 0.0142  0.0058  181 SER A O   
131 C  CB  A SER A 22  ? 0.2000 0.3147 0.2635 -0.0332 0.0074  0.0255  181 SER A CB  
132 C  CB  B SER A 22  ? 0.2117 0.3293 0.2716 -0.0221 0.0196  0.0241  181 SER A CB  
133 O  OG  A SER A 22  ? 0.2020 0.3052 0.2836 -0.0408 0.0095  0.0334  181 SER A OG  
134 O  OG  B SER A 22  ? 0.2258 0.3899 0.3210 -0.0043 0.0580  0.0364  181 SER A OG  
135 N  N   . ALA A 23  ? 0.1665 0.2994 0.2481 -0.0517 0.0165  0.0121  182 ALA A N   
136 C  CA  . ALA A 23  ? 0.1447 0.3023 0.2588 -0.0590 0.0093  0.0035  182 ALA A CA  
137 C  C   . ALA A 23  ? 0.1525 0.2916 0.2554 -0.0578 0.0120  -0.0023 182 ALA A C   
138 O  O   . ALA A 23  ? 0.1473 0.3007 0.2716 -0.0556 0.0211  -0.0064 182 ALA A O   
139 C  CB  . ALA A 23  ? 0.1445 0.3171 0.2757 -0.0744 0.0110  0.0067  182 ALA A CB  
140 N  N   . ALA A 24  ? 0.1558 0.2985 0.2457 -0.0521 0.0074  0.0056  183 ALA A N   
141 C  CA  . ALA A 24  ? 0.1605 0.3009 0.2492 -0.0474 0.0101  0.0031  183 ALA A CA  
142 C  C   . ALA A 24  ? 0.1789 0.2985 0.2552 -0.0418 0.0012  -0.0033 183 ALA A C   
143 O  O   . ALA A 24  ? 0.1506 0.2988 0.2597 -0.0501 0.0032  0.0005  183 ALA A O   
144 C  CB  . ALA A 24  ? 0.1628 0.3221 0.2430 -0.0372 0.0037  0.0012  183 ALA A CB  
145 N  N   . GLU A 25  ? 0.1320 0.2984 0.2599 -0.0656 0.0097  0.0067  184 GLU A N   
146 C  CA  . GLU A 25  ? 0.1474 0.2989 0.2690 -0.0582 0.0230  0.0053  184 GLU A CA  
147 C  C   . GLU A 25  ? 0.1590 0.3049 0.2638 -0.0466 0.0061  0.0010  184 GLU A C   
148 O  O   . GLU A 25  ? 0.1531 0.3482 0.2674 -0.0540 0.0383  -0.0086 184 GLU A O   
149 C  CB  . GLU A 25  ? 0.1707 0.3189 0.2667 -0.0483 0.0224  0.0045  184 GLU A CB  
150 C  CG  . GLU A 25  ? 0.1749 0.3073 0.2888 -0.0845 0.0134  -0.0080 184 GLU A CG  
151 C  CD  . GLU A 25  ? 0.3782 0.3371 0.2938 -0.0485 -0.0083 0.0064  184 GLU A CD  
152 O  OE1 . GLU A 25  ? 0.4642 0.3790 0.3272 -0.0371 -0.0454 -0.0066 184 GLU A OE1 
153 O  OE2 . GLU A 25  ? 0.4724 0.3348 0.2835 -0.0540 -0.0286 0.0050  184 GLU A OE2 
154 N  N   . TYR A 26  ? 0.1790 0.3074 0.2540 -0.0520 -0.0045 0.0003  185 TYR A N   
155 C  CA  . TYR A 26  ? 0.1625 0.3112 0.2730 -0.0541 -0.0063 -0.0072 185 TYR A CA  
156 C  C   . TYR A 26  ? 0.1736 0.3147 0.2660 -0.0519 -0.0056 -0.0166 185 TYR A C   
157 O  O   . TYR A 26  ? 0.1597 0.3358 0.2785 -0.0455 -0.0099 -0.0255 185 TYR A O   
158 C  CB  . TYR A 26  ? 0.1615 0.3289 0.2793 -0.0694 -0.0091 -0.0160 185 TYR A CB  
159 C  CG  . TYR A 26  ? 0.1745 0.3170 0.2871 -0.0566 -0.0064 0.0021  185 TYR A CG  
160 C  CD1 . TYR A 26  ? 0.2101 0.3310 0.2742 -0.0457 0.0092  0.0118  185 TYR A CD1 
161 C  CD2 . TYR A 26  ? 0.1670 0.3163 0.3084 -0.0549 0.0224  0.0225  185 TYR A CD2 
162 C  CE1 . TYR A 26  ? 0.2356 0.3215 0.2789 -0.0668 -0.0121 -0.0051 185 TYR A CE1 
163 C  CE2 . TYR A 26  ? 0.2248 0.3192 0.2906 -0.0470 0.0110  0.0013  185 TYR A CE2 
164 C  CZ  . TYR A 26  ? 0.1663 0.3317 0.3066 -0.0738 -0.0084 -0.0184 185 TYR A CZ  
165 O  OH  . TYR A 26  ? 0.2395 0.3393 0.3212 -0.0626 -0.0146 -0.0249 185 TYR A OH  
166 N  N   . LEU A 27  ? 0.1656 0.2924 0.2714 -0.0639 0.0061  0.0006  186 LEU A N   
167 C  CA  . LEU A 27  ? 0.1503 0.3047 0.2904 -0.0573 0.0163  0.0044  186 LEU A CA  
168 C  C   . LEU A 27  ? 0.1764 0.3190 0.2894 -0.0359 0.0164  -0.0064 186 LEU A C   
169 O  O   . LEU A 27  ? 0.1945 0.3354 0.3363 -0.0377 -0.0056 -0.0120 186 LEU A O   
170 C  CB  . LEU A 27  ? 0.1565 0.3133 0.3071 -0.0771 0.0175  0.0072  186 LEU A CB  
171 C  CG  . LEU A 27  ? 0.1776 0.3755 0.3460 -0.0993 -0.0136 -0.0119 186 LEU A CG  
172 C  CD1 . LEU A 27  ? 0.2098 0.4481 0.3703 -0.1188 0.0178  0.0358  186 LEU A CD1 
173 C  CD2 . LEU A 27  ? 0.2413 0.4002 0.4091 -0.1343 0.0190  -0.0163 186 LEU A CD2 
174 N  N   . LEU A 28  ? 0.1425 0.3191 0.2684 -0.0514 0.0090  -0.0003 187 LEU A N   
175 C  CA  . LEU A 28  ? 0.1551 0.3339 0.2699 -0.0419 0.0096  0.0017  187 LEU A CA  
176 C  C   . LEU A 28  ? 0.1616 0.3497 0.2717 -0.0329 0.0226  0.0050  187 LEU A C   
177 O  O   . LEU A 28  ? 0.1658 0.3736 0.3020 -0.0465 0.0237  -0.0031 187 LEU A O   
178 C  CB  . LEU A 28  ? 0.1836 0.3204 0.2722 -0.0448 0.0090  0.0009  187 LEU A CB  
179 C  CG  . LEU A 28  ? 0.1835 0.3260 0.2701 -0.0401 0.0165  -0.0045 187 LEU A CG  
180 C  CD1 . LEU A 28  ? 0.2455 0.3224 0.2948 -0.0372 0.0091  -0.0020 187 LEU A CD1 
181 C  CD2 . LEU A 28  ? 0.2154 0.3338 0.3093 -0.0457 0.0146  0.0060  187 LEU A CD2 
182 N  N   . SER A 29  ? 0.1998 0.3800 0.2707 -0.0312 0.0362  0.0222  188 SER A N   
183 C  CA  . SER A 29  ? 0.2274 0.4234 0.2977 -0.0250 0.0452  0.0270  188 SER A CA  
184 C  C   . SER A 29  ? 0.2347 0.4430 0.3182 -0.0190 0.0438  0.0238  188 SER A C   
185 O  O   . SER A 29  ? 0.2447 0.4617 0.3516 -0.0479 0.0687  0.0291  188 SER A O   
186 C  CB  . SER A 29  ? 0.2577 0.4285 0.2902 -0.0343 0.0375  0.0365  188 SER A CB  
187 O  OG  . SER A 29  ? 0.3068 0.4636 0.3228 -0.0156 0.0251  0.0222  188 SER A OG  
188 N  N   . SER A 30  ? 0.2559 0.4517 0.3251 -0.0007 0.0171  0.0038  189 SER A N   
189 C  CA  . SER A 30  ? 0.3415 0.4669 0.3711 0.0156  0.0249  -0.0063 189 SER A CA  
190 C  C   . SER A 30  ? 0.3377 0.4636 0.3592 0.0227  0.0178  -0.0119 189 SER A C   
191 O  O   . SER A 30  ? 0.3732 0.4856 0.3733 0.0275  0.0232  -0.0160 189 SER A O   
192 C  CB  . SER A 30  ? 0.3607 0.4768 0.3907 0.0085  0.0258  -0.0099 189 SER A CB  
193 O  OG  . SER A 30  ? 0.4583 0.5259 0.4928 -0.0266 0.0495  -0.0005 189 SER A OG  
194 N  N   . LEU A 31  ? 0.3002 0.4478 0.3399 0.0257  0.0132  -0.0113 190 LEU A N   
195 C  CA  . LEU A 31  ? 0.2869 0.4348 0.3347 0.0216  0.0109  -0.0031 190 LEU A CA  
196 C  C   . LEU A 31  ? 0.2819 0.4211 0.3336 0.0199  0.0218  0.0012  190 LEU A C   
197 O  O   . LEU A 31  ? 0.2885 0.4385 0.3463 0.0269  0.0252  0.0104  190 LEU A O   
198 C  CB  . LEU A 31  ? 0.2322 0.4256 0.3324 0.0102  0.0051  -0.0159 190 LEU A CB  
199 C  CG  . LEU A 31  ? 0.2297 0.4170 0.3357 -0.0019 -0.0257 -0.0152 190 LEU A CG  
200 C  CD1 . LEU A 31  ? 0.2312 0.4017 0.3537 -0.0253 -0.0167 -0.0087 190 LEU A CD1 
201 C  CD2 . LEU A 31  ? 0.2346 0.4418 0.4037 0.0031  -0.0031 -0.0413 190 LEU A CD2 
202 N  N   . ILE A 32  ? 0.2591 0.4210 0.3340 0.0017  0.0259  0.0045  191 ILE A N   
203 C  CA  . ILE A 32  ? 0.2481 0.4173 0.3445 -0.0073 0.0346  0.0145  191 ILE A CA  
204 C  C   . ILE A 32  ? 0.2209 0.3952 0.3336 -0.0209 0.0478  0.0222  191 ILE A C   
205 O  O   . ILE A 32  ? 0.1795 0.4130 0.3268 -0.0140 0.0509  0.0274  191 ILE A O   
206 C  CB  . ILE A 32  ? 0.2533 0.4181 0.3507 -0.0067 0.0358  0.0127  191 ILE A CB  
207 C  CG1 . ILE A 32  ? 0.2656 0.4259 0.3465 0.0125  0.0036  0.0151  191 ILE A CG1 
208 C  CG2 . ILE A 32  ? 0.2826 0.4561 0.3944 0.0113  0.0283  -0.0025 191 ILE A CG2 
209 C  CD1 . ILE A 32  ? 0.2920 0.4542 0.3554 0.0432  0.0116  -0.0002 191 ILE A CD1 
210 N  N   . ASN A 33  ? 0.2187 0.3826 0.3557 -0.0433 0.0398  0.0327  192 ASN A N   
211 C  CA  . ASN A 33  ? 0.1850 0.3525 0.3618 -0.0582 0.0489  0.0439  192 ASN A CA  
212 C  C   . ASN A 33  ? 0.1524 0.3277 0.3480 -0.0673 0.0367  0.0373  192 ASN A C   
213 O  O   . ASN A 33  ? 0.1566 0.3397 0.3631 -0.0693 0.0498  0.0319  192 ASN A O   
214 C  CB  . ASN A 33  ? 0.1864 0.3679 0.3794 -0.0668 0.0563  0.0577  192 ASN A CB  
215 C  CG  . ASN A 33  ? 0.1954 0.3781 0.4255 -0.0667 0.0801  0.0658  192 ASN A CG  
216 O  OD1 . ASN A 33  ? 0.2210 0.4379 0.4162 -0.0350 0.0767  0.0908  192 ASN A OD1 
217 N  ND2 . ASN A 33  ? 0.2518 0.4149 0.4956 -0.1081 0.0994  0.0780  192 ASN A ND2 
218 N  N   . GLY A 34  ? 0.1542 0.3276 0.3242 -0.0698 0.0338  0.0348  193 GLY A N   
219 C  CA  . GLY A 34  ? 0.1369 0.3173 0.3021 -0.0645 -0.0017 0.0242  193 GLY A CA  
220 C  C   . GLY A 34  ? 0.1247 0.3061 0.2865 -0.0528 -0.0040 0.0143  193 GLY A C   
221 O  O   . GLY A 34  ? 0.1646 0.3149 0.2850 -0.0491 -0.0103 0.0158  193 GLY A O   
222 N  N   . SER A 35  ? 0.1250 0.3059 0.2836 -0.0581 0.0060  0.0148  194 SER A N   
223 C  CA  . SER A 35  ? 0.1212 0.2890 0.2814 -0.0510 0.0082  0.0010  194 SER A CA  
224 C  C   . SER A 35  ? 0.1452 0.2791 0.2739 -0.0457 0.0023  0.0128  194 SER A C   
225 O  O   . SER A 35  ? 0.1283 0.2788 0.2886 -0.0523 0.0224  0.0220  194 SER A O   
226 C  CB  . SER A 35  ? 0.1520 0.3222 0.2773 -0.0478 0.0087  0.0002  194 SER A CB  
227 O  OG  . SER A 35  ? 0.1825 0.3340 0.2852 -0.0301 0.0256  -0.0050 194 SER A OG  
228 N  N   . PHE A 36  ? 0.1449 0.2751 0.2631 -0.0638 0.0115  0.0062  195 PHE A N   
229 C  CA  . PHE A 36  ? 0.1309 0.2803 0.2554 -0.0657 0.0057  -0.0070 195 PHE A CA  
230 C  C   . PHE A 36  ? 0.1402 0.2614 0.2562 -0.0507 -0.0108 -0.0085 195 PHE A C   
231 O  O   . PHE A 36  ? 0.1369 0.2779 0.2719 -0.0475 0.0124  0.0009  195 PHE A O   
232 C  CB  . PHE A 36  ? 0.1483 0.2868 0.2714 -0.0615 -0.0051 0.0001  195 PHE A CB  
233 C  CG  . PHE A 36  ? 0.1603 0.2767 0.2643 -0.0601 -0.0065 -0.0034 195 PHE A CG  
234 C  CD1 . PHE A 36  ? 0.1368 0.2710 0.2881 -0.0696 -0.0220 -0.0061 195 PHE A CD1 
235 C  CD2 . PHE A 36  ? 0.1208 0.3191 0.2711 -0.0802 -0.0218 -0.0051 195 PHE A CD2 
236 C  CE1 . PHE A 36  ? 0.1429 0.3046 0.2624 -0.0619 -0.0077 0.0021  195 PHE A CE1 
237 C  CE2 . PHE A 36  ? 0.1312 0.2785 0.2850 -0.0703 -0.0172 -0.0009 195 PHE A CE2 
238 C  CZ  . PHE A 36  ? 0.1759 0.2816 0.2627 -0.0718 -0.0040 -0.0068 195 PHE A CZ  
239 N  N   . LEU A 37  ? 0.1233 0.2664 0.2681 -0.0600 -0.0046 -0.0079 196 LEU A N   
240 C  CA  . LEU A 37  ? 0.1030 0.2626 0.2724 -0.0877 0.0069  -0.0023 196 LEU A CA  
241 C  C   . LEU A 37  ? 0.1464 0.2592 0.2713 -0.0556 0.0029  0.0075  196 LEU A C   
242 O  O   . LEU A 37  ? 0.1515 0.2714 0.2919 -0.0611 0.0175  -0.0012 196 LEU A O   
243 C  CB  . LEU A 37  ? 0.1234 0.2851 0.2852 -0.0791 0.0061  0.0081  196 LEU A CB  
244 C  CG  . LEU A 37  ? 0.1480 0.2881 0.3136 -0.0690 0.0092  -0.0003 196 LEU A CG  
245 C  CD1 . LEU A 37  ? 0.1856 0.3465 0.3318 -0.0127 0.0336  0.0199  196 LEU A CD1 
246 C  CD2 . LEU A 37  ? 0.1922 0.3268 0.3057 -0.0871 0.0192  -0.0004 196 LEU A CD2 
247 N  N   . VAL A 38  ? 0.1414 0.2711 0.2705 -0.0578 0.0132  0.0039  197 VAL A N   
248 C  CA  A VAL A 38  ? 0.1244 0.2591 0.2681 -0.0618 0.0036  0.0013  197 VAL A CA  
249 C  CA  B VAL A 38  ? 0.1419 0.2783 0.2858 -0.0543 0.0088  -0.0032 197 VAL A CA  
250 C  C   . VAL A 38  ? 0.1458 0.2510 0.2643 -0.0618 0.0190  -0.0070 197 VAL A C   
251 O  O   . VAL A 38  ? 0.1404 0.2611 0.2872 -0.0640 0.0137  -0.0022 197 VAL A O   
252 C  CB  A VAL A 38  ? 0.1418 0.2450 0.2669 -0.0649 -0.0015 0.0019  197 VAL A CB  
253 C  CB  B VAL A 38  ? 0.1707 0.2842 0.2881 -0.0576 0.0082  -0.0093 197 VAL A CB  
254 C  CG1 A VAL A 38  ? 0.1885 0.2344 0.2646 -0.0615 -0.0026 0.0051  197 VAL A CG1 
255 C  CG1 B VAL A 38  ? 0.2260 0.3225 0.3537 -0.0480 -0.0090 -0.0031 197 VAL A CG1 
256 C  CG2 A VAL A 38  ? 0.1136 0.2475 0.2608 -0.0852 -0.0352 0.0163  197 VAL A CG2 
257 C  CG2 B VAL A 38  ? 0.2148 0.2880 0.3017 -0.0336 0.0235  0.0013  197 VAL A CG2 
258 N  N   . ARG A 39  ? 0.1272 0.2615 0.2643 -0.0658 0.0147  -0.0067 198 ARG A N   
259 C  CA  . ARG A 39  ? 0.1213 0.2698 0.2699 -0.0666 0.0075  -0.0171 198 ARG A CA  
260 C  C   . ARG A 39  ? 0.1270 0.2612 0.2726 -0.0628 0.0076  -0.0121 198 ARG A C   
261 O  O   . ARG A 39  ? 0.1387 0.2858 0.2611 -0.0718 0.0188  -0.0156 198 ARG A O   
262 C  CB  . ARG A 39  ? 0.1406 0.2862 0.2790 -0.0652 -0.0093 -0.0109 198 ARG A CB  
263 C  CG  . ARG A 39  ? 0.1726 0.2923 0.2572 -0.0597 -0.0009 -0.0001 198 ARG A CG  
264 C  CD  . ARG A 39  ? 0.1574 0.2970 0.2635 -0.0522 0.0014  0.0174  198 ARG A CD  
265 N  NE  . ARG A 39  ? 0.1562 0.2966 0.2669 -0.0659 0.0103  0.0048  198 ARG A NE  
266 C  CZ  . ARG A 39  ? 0.1759 0.2726 0.2897 -0.0705 0.0198  0.0196  198 ARG A CZ  
267 N  NH1 . ARG A 39  ? 0.1493 0.3282 0.3022 -0.0422 0.0361  0.0243  198 ARG A NH1 
268 N  NH2 . ARG A 39  ? 0.1926 0.3106 0.3356 -0.0635 0.0355  -0.0002 198 ARG A NH2 
269 N  N   . GLU A 40  ? 0.1017 0.2795 0.2766 -0.0638 0.0175  -0.0060 199 GLU A N   
270 C  CA  . GLU A 40  ? 0.1115 0.2742 0.2638 -0.0594 0.0326  -0.0014 199 GLU A CA  
271 C  C   . GLU A 40  ? 0.1220 0.2755 0.2650 -0.0592 0.0127  -0.0033 199 GLU A C   
272 O  O   . GLU A 40  ? 0.1393 0.2933 0.2553 -0.0619 0.0218  -0.0141 199 GLU A O   
273 C  CB  . GLU A 40  ? 0.1327 0.2938 0.2734 -0.0664 0.0321  0.0070  199 GLU A CB  
274 C  CG  . GLU A 40  ? 0.1530 0.3071 0.3190 -0.0781 0.0215  0.0051  199 GLU A CG  
275 C  CD  . GLU A 40  ? 0.1640 0.3140 0.3228 -0.0633 0.0127  0.0280  199 GLU A CD  
276 O  OE1 . GLU A 40  ? 0.1778 0.3194 0.3231 -0.0683 0.0102  0.0137  199 GLU A OE1 
277 O  OE2 . GLU A 40  ? 0.1711 0.3210 0.3805 -0.0776 0.0339  0.0305  199 GLU A OE2 
278 N  N   . SER A 41  ? 0.1481 0.2812 0.2504 -0.0524 0.0211  -0.0003 200 SER A N   
279 C  CA  A SER A 41  ? 0.1438 0.2786 0.2603 -0.0481 0.0089  -0.0031 200 SER A CA  
280 C  CA  B SER A 41  ? 0.1576 0.2855 0.2654 -0.0522 0.0043  -0.0026 200 SER A CA  
281 C  C   . SER A 41  ? 0.1694 0.2829 0.2580 -0.0443 0.0017  -0.0015 200 SER A C   
282 O  O   . SER A 41  ? 0.1502 0.2897 0.2766 -0.0601 -0.0020 0.0080  200 SER A O   
283 C  CB  A SER A 41  ? 0.1530 0.2844 0.2414 -0.0396 0.0207  0.0063  200 SER A CB  
284 C  CB  B SER A 41  ? 0.1840 0.2980 0.2569 -0.0385 -0.0071 -0.0020 200 SER A CB  
285 O  OG  A SER A 41  ? 0.1188 0.2777 0.2371 -0.0584 0.0172  0.0049  200 SER A OG  
286 O  OG  B SER A 41  ? 0.1616 0.3012 0.3158 -0.0609 0.0049  -0.0060 200 SER A OG  
287 N  N   . GLU A 42  ? 0.1589 0.2948 0.2398 -0.0445 0.0057  -0.0122 201 GLU A N   
288 C  CA  . GLU A 42  ? 0.1586 0.3125 0.2505 -0.0471 0.0198  -0.0141 201 GLU A CA  
289 C  C   . GLU A 42  ? 0.1656 0.2827 0.2617 -0.0487 0.0343  0.0048  201 GLU A C   
290 O  O   . GLU A 42  ? 0.1644 0.3017 0.3056 -0.0709 0.0238  -0.0169 201 GLU A O   
291 C  CB  . GLU A 42  ? 0.1651 0.3271 0.2617 -0.0377 0.0117  -0.0164 201 GLU A CB  
292 C  CG  . GLU A 42  ? 0.1334 0.3355 0.2929 -0.0604 0.0011  -0.0134 201 GLU A CG  
293 C  CD  . GLU A 42  ? 0.1437 0.3376 0.2818 -0.0292 -0.0197 0.0177  201 GLU A CD  
294 O  OE1 . GLU A 42  ? 0.1541 0.3578 0.2648 -0.0684 0.0188  0.0290  201 GLU A OE1 
295 O  OE2 . GLU A 42  ? 0.1612 0.3650 0.3238 -0.0242 -0.0043 0.0343  201 GLU A OE2 
296 N  N   . SER A 43  ? 0.1191 0.2941 0.2563 -0.0615 0.0252  0.0048  202 SER A N   
297 C  CA  . SER A 43  ? 0.1318 0.2988 0.2633 -0.0507 0.0332  0.0085  202 SER A CA  
298 C  C   . SER A 43  ? 0.1337 0.2994 0.2626 -0.0420 0.0200  0.0021  202 SER A C   
299 O  O   . SER A 43  ? 0.1321 0.3086 0.2694 -0.0511 0.0370  0.0075  202 SER A O   
300 C  CB  . SER A 43  ? 0.1423 0.3166 0.2567 -0.0495 0.0264  0.0078  202 SER A CB  
301 O  OG  . SER A 43  ? 0.1403 0.3517 0.2819 -0.0513 0.0097  0.0136  202 SER A OG  
302 N  N   . SER A 44  ? 0.1509 0.3230 0.2592 -0.0573 0.0144  0.0021  203 SER A N   
303 C  CA  . SER A 44  ? 0.1397 0.3210 0.2558 -0.0508 0.0276  0.0212  203 SER A CA  
304 C  C   . SER A 44  ? 0.1390 0.3119 0.2596 -0.0475 0.0297  0.0163  203 SER A C   
305 O  O   . SER A 44  ? 0.1317 0.3290 0.2691 -0.0491 0.0299  0.0129  203 SER A O   
306 C  CB  . SER A 44  ? 0.1602 0.3357 0.2744 -0.0411 0.0236  0.0087  203 SER A CB  
307 O  OG  . SER A 44  ? 0.1903 0.3663 0.2758 -0.0276 0.0083  -0.0105 203 SER A OG  
308 N  N   . PRO A 45  ? 0.1652 0.3150 0.2852 -0.0628 0.0214  0.0209  204 PRO A N   
309 C  CA  . PRO A 45  ? 0.1965 0.3056 0.2921 -0.0606 0.0241  0.0251  204 PRO A CA  
310 C  C   . PRO A 45  ? 0.1846 0.3238 0.3007 -0.0536 0.0138  0.0261  204 PRO A C   
311 O  O   . PRO A 45  ? 0.2185 0.3521 0.3577 -0.0190 0.0040  0.0328  204 PRO A O   
312 C  CB  . PRO A 45  ? 0.2338 0.3177 0.3155 -0.0705 0.0213  0.0273  204 PRO A CB  
313 C  CG  . PRO A 45  ? 0.2327 0.3522 0.3665 -0.0511 0.0236  0.0287  204 PRO A CG  
314 C  CD  . PRO A 45  ? 0.1700 0.3124 0.3130 -0.0681 0.0383  0.0182  204 PRO A CD  
315 N  N   . GLY A 46  ? 0.1762 0.3164 0.2646 -0.0744 0.0278  0.0244  205 GLY A N   
316 C  CA  . GLY A 46  ? 0.2214 0.3353 0.2673 -0.0732 0.0200  0.0108  205 GLY A CA  
317 C  C   . GLY A 46  ? 0.1901 0.3263 0.2641 -0.0623 0.0079  0.0021  205 GLY A C   
318 O  O   . GLY A 46  ? 0.2060 0.3778 0.2830 -0.0818 0.0113  0.0073  205 GLY A O   
319 N  N   . GLN A 47  ? 0.1470 0.3090 0.2569 -0.0680 0.0307  0.0113  206 GLN A N   
320 C  CA  . GLN A 47  ? 0.1603 0.3135 0.2705 -0.0575 0.0273  0.0021  206 GLN A CA  
321 C  C   . GLN A 47  ? 0.1609 0.3112 0.2556 -0.0517 0.0154  -0.0056 206 GLN A C   
322 O  O   . GLN A 47  ? 0.1434 0.3402 0.2908 -0.0535 0.0192  -0.0242 206 GLN A O   
323 C  CB  . GLN A 47  ? 0.1873 0.3168 0.2815 -0.0478 0.0250  0.0074  206 GLN A CB  
324 C  CG  . GLN A 47  ? 0.1923 0.3126 0.3135 -0.0681 0.0228  0.0045  206 GLN A CG  
325 C  CD  . GLN A 47  ? 0.2064 0.3033 0.3288 -0.0611 -0.0069 0.0120  206 GLN A CD  
326 O  OE1 . GLN A 47  ? 0.1729 0.3320 0.3385 -0.0581 -0.0427 -0.0052 206 GLN A OE1 
327 N  NE2 . GLN A 47  ? 0.2026 0.3476 0.4239 -0.0842 -0.0356 0.0387  206 GLN A NE2 
328 N  N   . LEU A 48  ? 0.1624 0.3029 0.2570 -0.0564 0.0174  0.0005  207 LEU A N   
329 C  CA  . LEU A 48  ? 0.1425 0.2990 0.2816 -0.0732 0.0087  -0.0073 207 LEU A CA  
330 C  C   . LEU A 48  ? 0.1561 0.2847 0.2824 -0.0754 -0.0008 -0.0191 207 LEU A C   
331 O  O   . LEU A 48  ? 0.1515 0.3044 0.2869 -0.0716 0.0112  -0.0356 207 LEU A O   
332 C  CB  . LEU A 48  ? 0.1824 0.3310 0.2959 -0.0768 0.0135  0.0014  207 LEU A CB  
333 C  CG  . LEU A 48  ? 0.2030 0.3730 0.2854 -0.0774 -0.0004 0.0182  207 LEU A CG  
334 C  CD1 . LEU A 48  ? 0.2252 0.4236 0.3380 -0.0684 -0.0129 0.0534  207 LEU A CD1 
335 C  CD2 . LEU A 48  ? 0.2281 0.3719 0.3418 -0.1206 -0.0077 0.0235  207 LEU A CD2 
336 N  N   . SER A 49  ? 0.1203 0.2799 0.2766 -0.0701 0.0124  -0.0133 208 SER A N   
337 C  CA  . SER A 49  ? 0.1268 0.2681 0.2867 -0.0699 0.0216  -0.0071 208 SER A CA  
338 C  C   . SER A 49  ? 0.1469 0.2579 0.2655 -0.0624 0.0171  0.0012  208 SER A C   
339 O  O   . SER A 49  ? 0.1371 0.2775 0.2991 -0.0766 0.0150  -0.0044 208 SER A O   
340 C  CB  . SER A 49  ? 0.1407 0.2954 0.3113 -0.0610 0.0221  0.0043  208 SER A CB  
341 O  OG  . SER A 49  ? 0.2064 0.3100 0.3437 -0.0458 0.0237  0.0016  208 SER A OG  
342 N  N   . ILE A 50  ? 0.1387 0.2802 0.2625 -0.0649 0.0230  -0.0068 209 ILE A N   
343 C  CA  . ILE A 50  ? 0.1656 0.2734 0.2588 -0.0588 0.0109  -0.0068 209 ILE A CA  
344 C  C   . ILE A 50  ? 0.1663 0.2706 0.2568 -0.0627 0.0177  -0.0029 209 ILE A C   
345 O  O   . ILE A 50  ? 0.2326 0.2677 0.2820 -0.0678 0.0378  0.0005  209 ILE A O   
346 C  CB  . ILE A 50  ? 0.1488 0.2943 0.2708 -0.0535 -0.0046 -0.0095 209 ILE A CB  
347 C  CG1 . ILE A 50  ? 0.1986 0.3093 0.2873 -0.0670 -0.0197 -0.0060 209 ILE A CG1 
348 C  CG2 . ILE A 50  ? 0.1659 0.3050 0.3036 -0.0541 -0.0047 -0.0286 209 ILE A CG2 
349 C  CD1 . ILE A 50  ? 0.2466 0.3702 0.3108 -0.0225 -0.0561 -0.0364 209 ILE A CD1 
350 N  N   . SER A 51  ? 0.1397 0.2816 0.2445 -0.0674 0.0135  -0.0004 210 SER A N   
351 C  CA  . SER A 51  ? 0.1347 0.2788 0.2528 -0.0565 0.0153  0.0012  210 SER A CA  
352 C  C   . SER A 51  ? 0.1341 0.2702 0.2530 -0.0522 0.0147  0.0081  210 SER A C   
353 O  O   . SER A 51  ? 0.1328 0.2805 0.2695 -0.0605 0.0201  0.0075  210 SER A O   
354 C  CB  . SER A 51  ? 0.1451 0.2864 0.2497 -0.0514 -0.0066 0.0023  210 SER A CB  
355 O  OG  . SER A 51  ? 0.1315 0.3055 0.2793 -0.0552 0.0066  0.0000  210 SER A OG  
356 N  N   . LEU A 52  ? 0.1255 0.2938 0.2711 -0.0661 0.0339  0.0159  211 LEU A N   
357 C  CA  . LEU A 52  ? 0.1331 0.2927 0.2735 -0.0548 0.0234  0.0104  211 LEU A CA  
358 C  C   . LEU A 52  ? 0.1338 0.2895 0.2827 -0.0483 0.0139  0.0175  211 LEU A C   
359 O  O   . LEU A 52  ? 0.1475 0.2889 0.2859 -0.0509 0.0205  0.0296  211 LEU A O   
360 C  CB  . LEU A 52  ? 0.1374 0.3145 0.2723 -0.0619 0.0230  0.0115  211 LEU A CB  
361 C  CG  . LEU A 52  ? 0.1422 0.3175 0.2947 -0.0631 0.0119  0.0102  211 LEU A CG  
362 C  CD1 . LEU A 52  ? 0.1305 0.3232 0.3058 -0.0671 0.0274  0.0242  211 LEU A CD1 
363 C  CD2 . LEU A 52  ? 0.1322 0.3442 0.2970 -0.0651 0.0153  -0.0153 211 LEU A CD2 
364 N  N   . ARG A 53  ? 0.1470 0.3027 0.2844 -0.0522 0.0321  0.0224  212 ARG A N   
365 C  CA  . ARG A 53  ? 0.1629 0.3371 0.2993 -0.0360 0.0482  0.0367  212 ARG A CA  
366 C  C   . ARG A 53  ? 0.1768 0.3342 0.3096 -0.0223 0.0577  0.0495  212 ARG A C   
367 O  O   . ARG A 53  ? 0.1508 0.3498 0.3256 -0.0470 0.0537  0.0667  212 ARG A O   
368 C  CB  . ARG A 53  ? 0.2166 0.3508 0.3029 -0.0248 0.0505  0.0372  212 ARG A CB  
369 C  CG  . ARG A 53  ? 0.2370 0.4216 0.3326 -0.0405 0.0427  0.0230  212 ARG A CG  
370 C  CD  . ARG A 53  ? 0.2964 0.4356 0.3533 -0.0660 -0.0150 0.0303  212 ARG A CD  
371 N  NE  . ARG A 53  ? 0.3722 0.4846 0.3719 -0.0453 -0.0385 -0.0222 212 ARG A NE  
372 C  CZ  . ARG A 53  ? 0.4157 0.4760 0.4139 -0.0708 -0.0613 -0.0121 212 ARG A CZ  
373 N  NH1 . ARG A 53  ? 0.5122 0.4492 0.4486 -0.0561 -0.0764 -0.0183 212 ARG A NH1 
374 N  NH2 . ARG A 53  ? 0.4546 0.5227 0.4559 -0.0748 -0.0246 -0.0261 212 ARG A NH2 
375 N  N   . TYR A 54  ? 0.1704 0.3557 0.3077 -0.0432 0.0578  0.0619  213 TYR A N   
376 C  CA  . TYR A 54  ? 0.1810 0.3689 0.3218 -0.0544 0.0698  0.0542  213 TYR A CA  
377 C  C   . TYR A 54  ? 0.2007 0.3624 0.3209 -0.0528 0.0749  0.0501  213 TYR A C   
378 O  O   . TYR A 54  ? 0.2019 0.3505 0.3163 -0.0708 0.0844  0.0451  213 TYR A O   
379 C  CB  . TYR A 54  ? 0.2075 0.3788 0.3251 -0.0632 0.0659  0.0617  213 TYR A CB  
380 C  CG  . TYR A 54  ? 0.2609 0.4748 0.3433 -0.0929 0.0597  0.0693  213 TYR A CG  
381 C  CD1 . TYR A 54  ? 0.1833 0.5681 0.3647 -0.1060 0.0901  0.0637  213 TYR A CD1 
382 C  CD2 . TYR A 54  ? 0.2772 0.4979 0.3375 -0.1973 0.0634  0.0560  213 TYR A CD2 
383 C  CE1 . TYR A 54  ? 0.2330 0.6242 0.3881 -0.1441 0.0683  0.0737  213 TYR A CE1 
384 C  CE2 . TYR A 54  ? 0.2799 0.5982 0.3638 -0.1710 0.0772  0.0487  213 TYR A CE2 
385 C  CZ  . TYR A 54  ? 0.2483 0.6306 0.4165 -0.1693 0.0458  0.0365  213 TYR A CZ  
386 O  OH  . TYR A 54  ? 0.2652 0.7321 0.4608 -0.2028 0.0207  0.0188  213 TYR A OH  
387 N  N   . GLU A 55  ? 0.2157 0.3798 0.3272 -0.0623 0.0899  0.0509  214 GLU A N   
388 C  CA  . GLU A 55  ? 0.2283 0.3680 0.3312 -0.0817 0.0772  0.0438  214 GLU A CA  
389 C  C   . GLU A 55  ? 0.2355 0.3469 0.3181 -0.0696 0.0739  0.0357  214 GLU A C   
390 O  O   . GLU A 55  ? 0.2326 0.3446 0.3178 -0.0852 0.0741  0.0293  214 GLU A O   
391 C  CB  . GLU A 55  ? 0.2635 0.3887 0.3312 -0.0937 0.0921  0.0518  214 GLU A CB  
392 C  CG  . GLU A 55  ? 0.3024 0.4521 0.4094 -0.0973 0.0741  0.0610  214 GLU A CG  
393 C  CD  . GLU A 55  ? 0.3273 0.5184 0.4691 -0.0611 0.0859  0.0637  214 GLU A CD  
394 O  OE1 . GLU A 55  ? 0.3781 0.5342 0.5105 -0.0636 0.0855  0.0907  214 GLU A OE1 
395 O  OE2 . GLU A 55  ? 0.4189 0.5533 0.5156 -0.0901 0.1079  0.0506  214 GLU A OE2 
396 N  N   . GLY A 56  ? 0.2202 0.3441 0.3262 -0.0717 0.0714  0.0216  215 GLY A N   
397 C  CA  . GLY A 56  ? 0.2377 0.3744 0.3257 -0.0423 0.0683  0.0146  215 GLY A CA  
398 C  C   . GLY A 56  ? 0.2259 0.3727 0.3187 -0.0454 0.0671  0.0272  215 GLY A C   
399 O  O   . GLY A 56  ? 0.2603 0.4397 0.3260 -0.0339 0.0665  0.0212  215 GLY A O   
400 N  N   . ARG A 57  ? 0.2097 0.3438 0.3122 -0.0521 0.0712  0.0303  216 ARG A N   
401 C  CA  . ARG A 57  ? 0.2356 0.3503 0.3126 -0.0366 0.0817  0.0454  216 ARG A CA  
402 C  C   . ARG A 57  ? 0.2086 0.3265 0.3071 -0.0456 0.0571  0.0441  216 ARG A C   
403 O  O   . ARG A 57  ? 0.2144 0.3549 0.3173 -0.0418 0.0658  0.0712  216 ARG A O   
404 C  CB  . ARG A 57  ? 0.2440 0.3580 0.3483 -0.0351 0.0927  0.0383  216 ARG A CB  
405 C  CG  . ARG A 57  ? 0.2978 0.4374 0.3840 -0.0264 0.1287  0.0757  216 ARG A CG  
406 C  CD  . ARG A 57  ? 0.3412 0.5280 0.3769 0.0450  0.1514  0.1216  216 ARG A CD  
407 N  NE  . ARG A 57  ? 0.3949 0.5889 0.4354 0.0568  0.1791  0.1716  216 ARG A NE  
408 C  CZ  . ARG A 57  ? 0.4070 0.6195 0.4303 0.0366  0.2187  0.1942  216 ARG A CZ  
409 N  NH1 . ARG A 57  ? 0.4695 0.6417 0.4668 0.0609  0.2071  0.1650  216 ARG A NH1 
410 N  NH2 . ARG A 57  ? 0.4851 0.6567 0.4654 0.0375  0.2139  0.2135  216 ARG A NH2 
411 N  N   . VAL A 58  ? 0.1857 0.3316 0.2706 -0.0478 0.0474  0.0369  217 VAL A N   
412 C  CA  . VAL A 58  ? 0.1672 0.3191 0.2806 -0.0577 0.0261  0.0315  217 VAL A CA  
413 C  C   . VAL A 58  ? 0.1581 0.3009 0.2806 -0.0596 0.0510  0.0457  217 VAL A C   
414 O  O   . VAL A 58  ? 0.2081 0.3312 0.2942 -0.0319 0.0332  0.0351  217 VAL A O   
415 C  CB  . VAL A 58  ? 0.1550 0.3313 0.2977 -0.0642 0.0142  0.0238  217 VAL A CB  
416 C  CG1 . VAL A 58  ? 0.1842 0.3366 0.3087 -0.0544 0.0116  0.0305  217 VAL A CG1 
417 C  CG2 . VAL A 58  ? 0.1623 0.3304 0.3253 -0.0962 -0.0030 0.0039  217 VAL A CG2 
418 N  N   . TYR A 59  ? 0.1628 0.2903 0.2761 -0.0702 0.0294  0.0260  218 TYR A N   
419 C  CA  . TYR A 59  ? 0.1558 0.2974 0.2794 -0.0632 0.0280  0.0197  218 TYR A CA  
420 C  C   . TYR A 59  ? 0.1796 0.2742 0.2760 -0.0480 0.0164  0.0116  218 TYR A C   
421 O  O   . TYR A 59  ? 0.1869 0.2899 0.3092 -0.0509 0.0523  0.0292  218 TYR A O   
422 C  CB  . TYR A 59  ? 0.1600 0.2974 0.2788 -0.0675 0.0226  0.0122  218 TYR A CB  
423 C  CG  . TYR A 59  ? 0.1572 0.3148 0.2854 -0.0676 0.0134  0.0135  218 TYR A CG  
424 C  CD1 . TYR A 59  ? 0.1633 0.3302 0.3016 -0.0748 0.0237  0.0222  218 TYR A CD1 
425 C  CD2 . TYR A 59  ? 0.1454 0.3127 0.2808 -0.0904 0.0093  0.0163  218 TYR A CD2 
426 C  CE1 . TYR A 59  ? 0.1635 0.3369 0.3141 -0.0681 0.0390  0.0307  218 TYR A CE1 
427 C  CE2 . TYR A 59  ? 0.1697 0.3376 0.3100 -0.0884 0.0257  0.0199  218 TYR A CE2 
428 C  CZ  . TYR A 59  ? 0.1520 0.3385 0.3081 -0.0801 0.0164  0.0407  218 TYR A CZ  
429 O  OH  . TYR A 59  ? 0.1951 0.3987 0.3983 -0.0895 0.0580  0.0697  218 TYR A OH  
430 N  N   . HIS A 60  ? 0.1454 0.2749 0.2645 -0.0584 0.0105  -0.0026 219 HIS A N   
431 C  CA  . HIS A 60  ? 0.1499 0.2968 0.2532 -0.0583 0.0083  0.0034  219 HIS A CA  
432 C  C   . HIS A 60  ? 0.1441 0.2721 0.2672 -0.0537 0.0094  -0.0046 219 HIS A C   
433 O  O   . HIS A 60  ? 0.1770 0.2831 0.2978 -0.0332 -0.0128 -0.0112 219 HIS A O   
434 C  CB  . HIS A 60  ? 0.1416 0.3113 0.2605 -0.0527 -0.0111 -0.0114 219 HIS A CB  
435 C  CG  . HIS A 60  ? 0.1545 0.2822 0.2702 -0.0614 0.0067  -0.0062 219 HIS A CG  
436 N  ND1 . HIS A 60  ? 0.1472 0.2832 0.2786 -0.0672 0.0022  0.0058  219 HIS A ND1 
437 C  CD2 . HIS A 60  ? 0.2070 0.2975 0.2651 -0.0619 -0.0155 -0.0114 219 HIS A CD2 
438 C  CE1 . HIS A 60  ? 0.1792 0.2709 0.2808 -0.0586 -0.0131 0.0034  219 HIS A CE1 
439 N  NE2 . HIS A 60  ? 0.2074 0.2919 0.2720 -0.0605 -0.0062 -0.0075 219 HIS A NE2 
440 N  N   . TYR A 61  ? 0.1402 0.2817 0.2511 -0.0681 0.0107  -0.0020 220 TYR A N   
441 C  CA  . TYR A 61  ? 0.1491 0.2773 0.2546 -0.0694 0.0186  0.0014  220 TYR A CA  
442 C  C   . TYR A 61  ? 0.1535 0.2636 0.2547 -0.0778 0.0038  -0.0062 220 TYR A C   
443 O  O   . TYR A 61  ? 0.1641 0.2744 0.2867 -0.0848 0.0283  -0.0088 220 TYR A O   
444 C  CB  . TYR A 61  ? 0.1357 0.2766 0.2623 -0.0696 0.0275  0.0180  220 TYR A CB  
445 C  CG  . TYR A 61  ? 0.1464 0.2796 0.2615 -0.0735 0.0225  0.0154  220 TYR A CG  
446 C  CD1 . TYR A 61  ? 0.1405 0.3018 0.2968 -0.0695 0.0179  -0.0086 220 TYR A CD1 
447 C  CD2 . TYR A 61  ? 0.1333 0.2882 0.3040 -0.0807 0.0173  0.0098  220 TYR A CD2 
448 C  CE1 . TYR A 61  ? 0.1719 0.3094 0.2941 -0.0546 0.0322  0.0081  220 TYR A CE1 
449 C  CE2 . TYR A 61  ? 0.1394 0.2975 0.3135 -0.0823 0.0098  0.0065  220 TYR A CE2 
450 C  CZ  . TYR A 61  ? 0.1350 0.2962 0.2948 -0.0583 0.0260  0.0142  220 TYR A CZ  
451 O  OH  . TYR A 61  ? 0.1357 0.3472 0.3185 -0.0571 0.0317  0.0239  220 TYR A OH  
452 N  N   . ARG A 62  ? 0.1234 0.2951 0.2625 -0.0798 0.0077  0.0029  221 ARG A N   
453 C  CA  . ARG A 62  ? 0.1516 0.2966 0.2617 -0.0722 0.0344  0.0134  221 ARG A CA  
454 C  C   . ARG A 62  ? 0.1545 0.2950 0.2623 -0.0704 0.0043  -0.0035 221 ARG A C   
455 O  O   . ARG A 62  ? 0.1718 0.3133 0.2824 -0.0889 -0.0265 -0.0069 221 ARG A O   
456 C  CB  . ARG A 62  ? 0.1693 0.3313 0.3014 -0.0531 0.0518  0.0181  221 ARG A CB  
457 C  CG  . ARG A 62  ? 0.2358 0.3793 0.3675 -0.0480 0.0214  0.0173  221 ARG A CG  
458 C  CD  . ARG A 62  ? 0.2117 0.3872 0.4298 -0.0720 0.0159  0.0147  221 ARG A CD  
459 N  NE  . ARG A 62  ? 0.2278 0.3785 0.3868 -0.0805 0.0159  0.0203  221 ARG A NE  
460 C  CZ  . ARG A 62  ? 0.2194 0.3606 0.3941 -0.0692 0.0085  0.0214  221 ARG A CZ  
461 N  NH1 . ARG A 62  ? 0.2366 0.5398 0.3723 -0.0030 0.0376  0.0497  221 ARG A NH1 
462 N  NH2 . ARG A 62  ? 0.1705 0.3599 0.4008 -0.0745 0.0085  0.0060  221 ARG A NH2 
463 N  N   . ILE A 63  ? 0.1559 0.3004 0.2488 -0.0799 0.0190  0.0024  222 ILE A N   
464 C  CA  . ILE A 63  ? 0.1665 0.2997 0.2669 -0.0669 0.0043  -0.0119 222 ILE A CA  
465 C  C   . ILE A 63  ? 0.1696 0.3133 0.2656 -0.0501 -0.0103 -0.0167 222 ILE A C   
466 O  O   . ILE A 63  ? 0.1509 0.3716 0.2898 -0.0522 -0.0009 -0.0265 222 ILE A O   
467 C  CB  . ILE A 63  ? 0.1995 0.3077 0.2621 -0.0624 -0.0022 -0.0004 222 ILE A CB  
468 C  CG1 . ILE A 63  ? 0.2230 0.3009 0.2913 -0.0606 -0.0028 -0.0248 222 ILE A CG1 
469 C  CG2 . ILE A 63  ? 0.2474 0.3395 0.2800 -0.0446 0.0065  0.0018  222 ILE A CG2 
470 C  CD1 . ILE A 63  ? 0.2105 0.3169 0.3226 -0.0795 0.0352  -0.0109 222 ILE A CD1 
471 N  N   . ASN A 64  ? 0.1793 0.3140 0.2554 -0.0566 0.0041  -0.0194 223 ASN A N   
472 C  CA  . ASN A 64  ? 0.2050 0.3071 0.2686 -0.0496 0.0061  -0.0150 223 ASN A CA  
473 C  C   . ASN A 64  ? 0.2005 0.3041 0.2691 -0.0538 0.0171  -0.0175 223 ASN A C   
474 O  O   . ASN A 64  ? 0.1839 0.3146 0.2730 -0.0506 0.0206  -0.0096 223 ASN A O   
475 C  CB  . ASN A 64  ? 0.2256 0.3098 0.2750 -0.0560 0.0174  -0.0113 223 ASN A CB  
476 C  CG  . ASN A 64  ? 0.2097 0.3199 0.3118 -0.0577 0.0316  0.0002  223 ASN A CG  
477 O  OD1 . ASN A 64  ? 0.3182 0.3768 0.3733 -0.0044 0.0523  0.0464  223 ASN A OD1 
478 N  ND2 . ASN A 64  ? 0.2375 0.2479 0.3265 -0.0353 0.0433  -0.0059 223 ASN A ND2 
479 N  N   . THR A 65  ? 0.1970 0.3352 0.2643 -0.0389 0.0187  -0.0162 224 THR A N   
480 C  CA  A THR A 65  ? 0.2250 0.3392 0.2823 -0.0415 0.0200  -0.0104 224 THR A CA  
481 C  CA  B THR A 65  ? 0.2306 0.3369 0.2876 -0.0504 0.0296  -0.0080 224 THR A CA  
482 C  C   . THR A 65  ? 0.2424 0.3382 0.2818 -0.0311 0.0277  -0.0113 224 THR A C   
483 O  O   . THR A 65  ? 0.2861 0.3606 0.3040 -0.0229 0.0113  -0.0160 224 THR A O   
484 C  CB  A THR A 65  ? 0.2371 0.3467 0.2960 -0.0485 0.0282  -0.0101 224 THR A CB  
485 C  CB  B THR A 65  ? 0.2398 0.3486 0.3051 -0.0567 0.0393  -0.0051 224 THR A CB  
486 O  OG1 A THR A 65  ? 0.2385 0.3790 0.3194 -0.0326 0.0137  -0.0102 224 THR A OG1 
487 O  OG1 B THR A 65  ? 0.2275 0.3666 0.3319 -0.0700 0.0396  -0.0108 224 THR A OG1 
488 C  CG2 A THR A 65  ? 0.2007 0.3691 0.3007 -0.0476 -0.0081 -0.0140 224 THR A CG2 
489 C  CG2 B THR A 65  ? 0.2668 0.3622 0.3271 -0.0770 0.0350  0.0033  224 THR A CG2 
490 N  N   . THR A 66  ? 0.2334 0.3514 0.2654 -0.0328 0.0276  -0.0111 225 THR A N   
491 C  CA  . THR A 66  ? 0.2344 0.3601 0.2686 -0.0326 0.0254  -0.0145 225 THR A CA  
492 C  C   . THR A 66  ? 0.2377 0.3435 0.2802 -0.0418 0.0310  -0.0081 225 THR A C   
493 O  O   . THR A 66  ? 0.2436 0.3309 0.2912 -0.0680 0.0358  -0.0171 225 THR A O   
494 C  CB  . THR A 66  ? 0.2377 0.3680 0.2801 -0.0448 0.0235  0.0000  225 THR A CB  
495 O  OG1 . THR A 66  ? 0.2565 0.3771 0.3223 -0.0221 0.0135  -0.0093 225 THR A OG1 
496 C  CG2 . THR A 66  ? 0.1982 0.3914 0.3247 -0.0532 0.0371  -0.0163 225 THR A CG2 
497 N  N   . ALA A 67  ? 0.2312 0.3389 0.2665 -0.0413 0.0340  -0.0095 226 ALA A N   
498 C  CA  . ALA A 67  ? 0.2253 0.3475 0.2655 -0.0354 0.0329  -0.0110 226 ALA A CA  
499 C  C   . ALA A 67  ? 0.2511 0.3337 0.2764 -0.0479 0.0378  -0.0083 226 ALA A C   
500 O  O   . ALA A 67  ? 0.2609 0.3501 0.3183 -0.0835 0.0406  0.0001  226 ALA A O   
501 C  CB  . ALA A 67  ? 0.2322 0.3426 0.2675 -0.0421 0.0180  -0.0193 226 ALA A CB  
502 N  N   . ASP A 68  ? 0.2650 0.3376 0.2783 -0.0384 0.0453  -0.0029 227 ASP A N   
503 C  CA  . ASP A 68  ? 0.3299 0.3632 0.3195 -0.0254 0.0525  -0.0004 227 ASP A CA  
504 C  C   . ASP A 68  ? 0.3380 0.3595 0.3356 -0.0348 0.0677  0.0049  227 ASP A C   
505 O  O   . ASP A 68  ? 0.3847 0.3712 0.3597 -0.0159 0.0712  0.0057  227 ASP A O   
506 C  CB  . ASP A 68  ? 0.3440 0.3943 0.3371 -0.0126 0.0463  0.0071  227 ASP A CB  
507 C  CG  . ASP A 68  ? 0.3411 0.4469 0.3890 -0.0164 0.0328  0.0065  227 ASP A CG  
508 O  OD1 . ASP A 68  ? 0.3249 0.5187 0.3999 -0.0153 0.0993  0.0313  227 ASP A OD1 
509 O  OD2 . ASP A 68  ? 0.3520 0.5566 0.4440 0.0241  0.0176  0.0147  227 ASP A OD2 
510 N  N   . GLY A 69  ? 0.3023 0.3548 0.3148 -0.0631 0.0948  -0.0060 228 GLY A N   
511 C  CA  . GLY A 69  ? 0.3123 0.3622 0.3390 -0.0582 0.0880  -0.0221 228 GLY A CA  
512 C  C   . GLY A 69  ? 0.2858 0.3495 0.3444 -0.0748 0.0818  -0.0242 228 GLY A C   
513 O  O   . GLY A 69  ? 0.3339 0.3885 0.4042 -0.0680 0.0772  -0.0438 228 GLY A O   
514 N  N   . LYS A 70  ? 0.2538 0.3333 0.3086 -0.0707 0.0639  -0.0147 229 LYS A N   
515 C  CA  . LYS A 70  ? 0.2405 0.3242 0.2897 -0.0545 0.0369  -0.0134 229 LYS A CA  
516 C  C   . LYS A 70  ? 0.2410 0.2997 0.2829 -0.0565 0.0297  -0.0198 229 LYS A C   
517 O  O   . LYS A 70  ? 0.2793 0.3461 0.2831 -0.0211 0.0238  -0.0177 229 LYS A O   
518 C  CB  . LYS A 70  ? 0.2209 0.3394 0.2938 -0.0617 0.0311  -0.0099 229 LYS A CB  
519 C  CG  . LYS A 70  ? 0.2684 0.3913 0.3045 -0.0250 0.0156  -0.0157 229 LYS A CG  
520 C  CD  . LYS A 70  ? 0.3299 0.4403 0.3674 -0.0220 -0.0419 -0.0158 229 LYS A CD  
521 C  CE  . LYS A 70  ? 0.3295 0.4709 0.3931 -0.0357 -0.0478 -0.0033 229 LYS A CE  
522 N  NZ  . LYS A 70  ? 0.3492 0.5448 0.4648 -0.0183 -0.0781 -0.0040 229 LYS A NZ  
523 N  N   . VAL A 71  ? 0.2250 0.3142 0.2770 -0.0539 0.0414  -0.0103 230 VAL A N   
524 C  CA  . VAL A 71  ? 0.1953 0.2913 0.2838 -0.0722 0.0363  0.0047  230 VAL A CA  
525 C  C   . VAL A 71  ? 0.1779 0.2939 0.2771 -0.0570 0.0250  0.0025  230 VAL A C   
526 O  O   . VAL A 71  ? 0.1825 0.3030 0.2711 -0.0577 0.0216  0.0167  230 VAL A O   
527 C  CB  . VAL A 71  ? 0.2046 0.3022 0.3017 -0.0720 0.0329  0.0034  230 VAL A CB  
528 C  CG1 . VAL A 71  ? 0.1862 0.3561 0.3456 -0.0973 0.0409  0.0126  230 VAL A CG1 
529 C  CG2 . VAL A 71  ? 0.2001 0.3210 0.3154 -0.0762 0.0291  -0.0013 230 VAL A CG2 
530 N  N   . TYR A 72  ? 0.1703 0.2867 0.2728 -0.0483 0.0238  -0.0001 231 TYR A N   
531 C  CA  . TYR A 72  ? 0.1653 0.2891 0.2586 -0.0655 0.0159  -0.0038 231 TYR A CA  
532 C  C   . TYR A 72  ? 0.1899 0.2800 0.2644 -0.0463 0.0129  0.0028  231 TYR A C   
533 O  O   . TYR A 72  ? 0.1759 0.2879 0.2744 -0.0555 0.0015  -0.0062 231 TYR A O   
534 C  CB  . TYR A 72  ? 0.2024 0.3023 0.2777 -0.0649 0.0051  -0.0098 231 TYR A CB  
535 C  CG  . TYR A 72  ? 0.2187 0.3147 0.2707 -0.0615 -0.0232 -0.0208 231 TYR A CG  
536 C  CD1 . TYR A 72  ? 0.3147 0.3425 0.2981 -0.0110 -0.0172 -0.0166 231 TYR A CD1 
537 C  CD2 . TYR A 72  ? 0.2555 0.2855 0.3282 -0.0701 -0.0558 -0.0119 231 TYR A CD2 
538 C  CE1 . TYR A 72  ? 0.3628 0.3388 0.3105 0.0066  0.0141  -0.0118 231 TYR A CE1 
539 C  CE2 . TYR A 72  ? 0.2550 0.3200 0.3276 -0.0563 -0.0068 -0.0239 231 TYR A CE2 
540 C  CZ  . TYR A 72  ? 0.2917 0.3490 0.3159 -0.0018 -0.0086 -0.0097 231 TYR A CZ  
541 O  OH  . TYR A 72  ? 0.4211 0.3646 0.3601 0.0230  0.0143  -0.0116 231 TYR A OH  
542 N  N   . VAL A 73  ? 0.1763 0.2753 0.2556 -0.0777 0.0237  -0.0027 232 VAL A N   
543 C  CA  . VAL A 73  ? 0.1567 0.2855 0.2737 -0.0761 0.0057  0.0033  232 VAL A CA  
544 C  C   . VAL A 73  ? 0.1797 0.2840 0.2736 -0.0695 -0.0075 0.0016  232 VAL A C   
545 O  O   . VAL A 73  ? 0.1807 0.3030 0.2964 -0.0623 -0.0123 0.0118  232 VAL A O   
546 C  CB  . VAL A 73  ? 0.1581 0.2935 0.2765 -0.0725 0.0048  0.0047  232 VAL A CB  
547 C  CG1 . VAL A 73  ? 0.1768 0.3151 0.2874 -0.0728 -0.0005 0.0025  232 VAL A CG1 
548 C  CG2 . VAL A 73  ? 0.1847 0.3055 0.2890 -0.0625 -0.0011 -0.0083 232 VAL A CG2 
549 N  N   . THR A 74  ? 0.1691 0.2889 0.2761 -0.0832 -0.0080 -0.0070 233 THR A N   
550 C  CA  . THR A 74  ? 0.2133 0.2974 0.2836 -0.0872 -0.0026 -0.0131 233 THR A CA  
551 C  C   . THR A 74  ? 0.2112 0.2898 0.2749 -0.0791 -0.0199 0.0014  233 THR A C   
552 O  O   . THR A 74  ? 0.2263 0.2905 0.2845 -0.0893 -0.0321 0.0102  233 THR A O   
553 C  CB  . THR A 74  ? 0.1836 0.3368 0.3009 -0.1001 0.0217  -0.0331 233 THR A CB  
554 O  OG1 . THR A 74  ? 0.2612 0.3765 0.3345 -0.0935 0.0399  -0.0253 233 THR A OG1 
555 C  CG2 . THR A 74  ? 0.2892 0.3544 0.3454 -0.0945 -0.0169 -0.0331 233 THR A CG2 
556 N  N   . ALA A 75  ? 0.2407 0.2921 0.2778 -0.0881 -0.0012 -0.0047 234 ALA A N   
557 C  CA  . ALA A 75  ? 0.3048 0.3056 0.2966 -0.0909 -0.0046 0.0034  234 ALA A CA  
558 C  C   . ALA A 75  ? 0.3179 0.3192 0.3161 -0.0982 -0.0219 0.0081  234 ALA A C   
559 O  O   . ALA A 75  ? 0.3758 0.3434 0.3298 -0.1020 -0.0318 0.0166  234 ALA A O   
560 C  CB  . ALA A 75  ? 0.3289 0.3186 0.3110 -0.0727 -0.0010 -0.0067 234 ALA A CB  
561 N  N   . GLU A 76  ? 0.2875 0.3172 0.3377 -0.1243 -0.0566 0.0289  235 GLU A N   
562 C  CA  . GLU A 76  ? 0.3082 0.3277 0.3672 -0.1287 -0.0692 0.0340  235 GLU A CA  
563 C  C   . GLU A 76  ? 0.2961 0.3392 0.3611 -0.1181 -0.0661 0.0353  235 GLU A C   
564 O  O   . GLU A 76  ? 0.2879 0.3659 0.3888 -0.1246 -0.0628 0.0490  235 GLU A O   
565 C  CB  . GLU A 76  ? 0.3244 0.3316 0.3969 -0.1330 -0.0636 0.0473  235 GLU A CB  
566 C  CG  . GLU A 76  ? 0.3682 0.3404 0.4079 -0.1415 -0.0864 0.0378  235 GLU A CG  
567 C  CD  . GLU A 76  ? 0.4005 0.3368 0.3953 -0.1132 -0.0698 0.0418  235 GLU A CD  
568 O  OE1 . GLU A 76  ? 0.4631 0.3219 0.3744 -0.1181 -0.0630 0.0274  235 GLU A OE1 
569 O  OE2 . GLU A 76  ? 0.3822 0.3637 0.3617 -0.1495 -0.0554 0.0345  235 GLU A OE2 
570 N  N   . SER A 77  ? 0.2688 0.3390 0.3635 -0.1152 -0.0456 0.0306  236 SER A N   
571 C  CA  . SER A 77  ? 0.2433 0.3367 0.3518 -0.0984 -0.0446 0.0173  236 SER A CA  
572 C  C   . SER A 77  ? 0.2260 0.3063 0.3164 -0.1012 -0.0388 0.0107  236 SER A C   
573 O  O   . SER A 77  ? 0.2145 0.3148 0.3027 -0.0961 -0.0213 0.0169  236 SER A O   
574 C  CB  . SER A 77  ? 0.2544 0.3577 0.3811 -0.0970 -0.0346 0.0143  236 SER A CB  
575 O  OG  . SER A 77  ? 0.2451 0.4367 0.4385 -0.0857 -0.0207 0.0294  236 SER A OG  
576 N  N   . ARG A 78  ? 0.2394 0.3204 0.3005 -0.0875 -0.0386 0.0026  237 ARG A N   
577 C  CA  . ARG A 78  ? 0.2443 0.2936 0.3037 -0.0737 -0.0236 0.0012  237 ARG A CA  
578 C  C   . ARG A 78  ? 0.2308 0.3080 0.2812 -0.0590 -0.0150 0.0028  237 ARG A C   
579 O  O   . ARG A 78  ? 0.2678 0.3274 0.2950 -0.0657 -0.0371 0.0065  237 ARG A O   
580 C  CB  . ARG A 78  ? 0.3006 0.3123 0.3390 -0.0549 -0.0030 -0.0025 237 ARG A CB  
581 C  CG  . ARG A 78  ? 0.3740 0.3273 0.3998 -0.0523 -0.0171 -0.0086 237 ARG A CG  
582 C  CD  . ARG A 78  ? 0.4306 0.3353 0.4913 -0.0439 0.0240  -0.0258 237 ARG A CD  
583 N  NE  . ARG A 78  ? 0.4840 0.3623 0.5176 -0.0535 0.0384  -0.0210 237 ARG A NE  
584 C  CZ  . ARG A 78  ? 0.4729 0.3718 0.5117 -0.0394 0.0610  -0.0302 237 ARG A CZ  
585 N  NH1 . ARG A 78  ? 0.4641 0.4207 0.5761 -0.0383 0.0808  -0.0197 237 ARG A NH1 
586 N  NH2 . ARG A 78  ? 0.4363 0.3789 0.5060 -0.0633 0.0560  -0.0189 237 ARG A NH2 
587 N  N   . PHE A 79  ? 0.2382 0.2943 0.2884 -0.0651 -0.0141 -0.0033 238 PHE A N   
588 C  CA  . PHE A 79  ? 0.2328 0.3045 0.2841 -0.0702 0.0122  0.0084  238 PHE A CA  
589 C  C   . PHE A 79  ? 0.2420 0.3073 0.2823 -0.0656 0.0101  0.0090  238 PHE A C   
590 O  O   . PHE A 79  ? 0.2508 0.3152 0.3011 -0.0538 0.0325  0.0185  238 PHE A O   
591 C  CB  . PHE A 79  ? 0.2367 0.3009 0.2848 -0.0746 0.0085  -0.0002 238 PHE A CB  
592 C  CG  . PHE A 79  ? 0.2520 0.3001 0.3062 -0.0923 0.0209  -0.0068 238 PHE A CG  
593 C  CD1 . PHE A 79  ? 0.2700 0.3365 0.3470 -0.0373 0.0403  -0.0133 238 PHE A CD1 
594 C  CD2 . PHE A 79  ? 0.3120 0.3241 0.2899 -0.1053 0.0565  -0.0350 238 PHE A CD2 
595 C  CE1 . PHE A 79  ? 0.3066 0.3678 0.3801 -0.0582 0.0415  -0.0159 238 PHE A CE1 
596 C  CE2 . PHE A 79  ? 0.3314 0.3597 0.3086 -0.0867 0.0623  -0.0099 238 PHE A CE2 
597 C  CZ  . PHE A 79  ? 0.3057 0.3508 0.3687 -0.0704 0.0750  -0.0244 238 PHE A CZ  
598 N  N   . SER A 80  ? 0.2747 0.3315 0.2955 -0.0611 0.0062  0.0127  239 SER A N   
599 C  CA  . SER A 80  ? 0.2767 0.3393 0.2928 -0.0649 0.0184  0.0102  239 SER A CA  
600 C  C   . SER A 80  ? 0.2615 0.3492 0.2826 -0.0450 0.0343  0.0080  239 SER A C   
601 O  O   . SER A 80  ? 0.2557 0.3736 0.3150 -0.0526 0.0684  -0.0039 239 SER A O   
602 C  CB  . SER A 80  ? 0.3203 0.3691 0.2983 -0.0718 0.0127  0.0195  239 SER A CB  
603 O  OG  . SER A 80  ? 0.4049 0.4311 0.3506 -0.0587 -0.0065 0.0077  239 SER A OG  
604 N  N   . THR A 81  ? 0.2540 0.3387 0.2716 -0.0468 0.0265  -0.0002 240 THR A N   
605 C  CA  . THR A 81  ? 0.2624 0.3248 0.2710 -0.0388 0.0314  0.0046  240 THR A CA  
606 C  C   . THR A 81  ? 0.2311 0.3111 0.2643 -0.0540 0.0392  0.0086  240 THR A C   
607 O  O   . THR A 81  ? 0.2368 0.3165 0.2832 -0.0551 0.0474  0.0135  240 THR A O   
608 C  CB  . THR A 81  ? 0.2928 0.3367 0.2901 -0.0305 0.0431  0.0059  240 THR A CB  
609 O  OG1 . THR A 81  ? 0.3408 0.3186 0.3226 -0.0219 0.0405  0.0077  240 THR A OG1 
610 C  CG2 . THR A 81  ? 0.3257 0.3398 0.2907 -0.0467 0.0493  0.0183  240 THR A CG2 
611 N  N   . LEU A 82  ? 0.2446 0.3224 0.2702 -0.0403 0.0263  0.0057  241 LEU A N   
612 C  CA  . LEU A 82  ? 0.2222 0.3196 0.2750 -0.0383 0.0070  0.0066  241 LEU A CA  
613 C  C   . LEU A 82  ? 0.2214 0.3055 0.2681 -0.0336 0.0125  0.0024  241 LEU A C   
614 O  O   . LEU A 82  ? 0.2125 0.3151 0.2762 -0.0491 0.0130  0.0041  241 LEU A O   
615 C  CB  . LEU A 82  ? 0.2296 0.3485 0.2910 -0.0362 0.0074  0.0118  241 LEU A CB  
616 C  CG  . LEU A 82  ? 0.3094 0.3628 0.2932 -0.0439 -0.0202 -0.0042 241 LEU A CG  
617 C  CD1 . LEU A 82  ? 0.2986 0.3647 0.3460 -0.0427 -0.0273 0.0076  241 LEU A CD1 
618 C  CD2 . LEU A 82  ? 0.3093 0.3978 0.3355 -0.0159 -0.0090 0.0171  241 LEU A CD2 
619 N  N   . ALA A 83  ? 0.2175 0.2932 0.2945 -0.0555 0.0091  -0.0013 242 ALA A N   
620 C  CA  . ALA A 83  ? 0.2199 0.2792 0.2994 -0.0646 0.0010  -0.0039 242 ALA A CA  
621 C  C   . ALA A 83  ? 0.2180 0.2862 0.2817 -0.0555 0.0074  -0.0023 242 ALA A C   
622 O  O   . ALA A 83  ? 0.2133 0.2969 0.2701 -0.0608 0.0214  -0.0019 242 ALA A O   
623 C  CB  . ALA A 83  ? 0.2210 0.2958 0.3246 -0.0691 0.0221  0.0011  242 ALA A CB  
624 N  N   . GLU A 84  ? 0.2236 0.2864 0.2908 -0.0554 -0.0011 -0.0058 243 GLU A N   
625 C  CA  . GLU A 84  ? 0.2486 0.2964 0.2800 -0.0547 -0.0122 -0.0062 243 GLU A CA  
626 C  C   . GLU A 84  ? 0.2154 0.2864 0.2631 -0.0606 -0.0040 0.0003  243 GLU A C   
627 O  O   . GLU A 84  ? 0.1925 0.3256 0.2839 -0.0588 -0.0008 -0.0001 243 GLU A O   
628 C  CB  . GLU A 84  ? 0.2735 0.3272 0.2935 -0.0567 -0.0168 -0.0014 243 GLU A CB  
629 C  CG  . GLU A 84  ? 0.3497 0.3986 0.3226 -0.0274 -0.0226 0.0091  243 GLU A CG  
630 C  CD  . GLU A 84  ? 0.3967 0.5298 0.3633 0.0104  -0.0205 -0.0228 243 GLU A CD  
631 O  OE1 . GLU A 84  ? 0.4856 0.6248 0.3871 0.0105  -0.0537 -0.0467 243 GLU A OE1 
632 O  OE2 . GLU A 84  ? 0.3885 0.6264 0.3806 0.0351  -0.0220 -0.0359 243 GLU A OE2 
633 N  N   . LEU A 85  ? 0.2139 0.2775 0.2634 -0.0600 0.0114  0.0053  244 LEU A N   
634 C  CA  . LEU A 85  ? 0.2227 0.2771 0.2607 -0.0485 -0.0130 -0.0029 244 LEU A CA  
635 C  C   . LEU A 85  ? 0.1902 0.2816 0.2533 -0.0563 0.0046  0.0013  244 LEU A C   
636 O  O   . LEU A 85  ? 0.1901 0.3055 0.2645 -0.0563 0.0116  0.0012  244 LEU A O   
637 C  CB  . LEU A 85  ? 0.2212 0.2838 0.2756 -0.0458 0.0002  0.0010  244 LEU A CB  
638 C  CG  . LEU A 85  ? 0.2130 0.2940 0.2768 -0.0343 -0.0046 0.0003  244 LEU A CG  
639 C  CD1 . LEU A 85  ? 0.2203 0.3113 0.3150 -0.0220 0.0582  0.0156  244 LEU A CD1 
640 C  CD2 . LEU A 85  ? 0.2224 0.3272 0.2899 -0.0560 0.0021  0.0032  244 LEU A CD2 
641 N  N   . VAL A 86  ? 0.2009 0.2893 0.2454 -0.0471 -0.0091 -0.0019 245 VAL A N   
642 C  CA  . VAL A 86  ? 0.1787 0.2930 0.2612 -0.0598 -0.0118 -0.0077 245 VAL A CA  
643 C  C   . VAL A 86  ? 0.1760 0.3001 0.2582 -0.0510 -0.0075 -0.0004 245 VAL A C   
644 O  O   . VAL A 86  ? 0.1782 0.3129 0.2745 -0.0725 0.0056  -0.0058 245 VAL A O   
645 C  CB  . VAL A 86  ? 0.1811 0.2942 0.2627 -0.0697 -0.0075 -0.0073 245 VAL A CB  
646 C  CG1 . VAL A 86  ? 0.1825 0.3105 0.2774 -0.0732 -0.0106 -0.0080 245 VAL A CG1 
647 C  CG2 . VAL A 86  ? 0.1717 0.3298 0.2885 -0.0590 -0.0092 0.0065  245 VAL A CG2 
648 N  N   . HIS A 87  ? 0.1879 0.2936 0.2775 -0.0454 -0.0168 -0.0029 246 HIS A N   
649 C  CA  A HIS A 87  ? 0.2072 0.2949 0.2849 -0.0419 -0.0094 0.0039  246 HIS A CA  
650 C  CA  B HIS A 87  ? 0.2083 0.2958 0.2855 -0.0414 -0.0091 0.0046  246 HIS A CA  
651 C  C   . HIS A 87  ? 0.1966 0.3066 0.2719 -0.0394 -0.0023 -0.0037 246 HIS A C   
652 O  O   . HIS A 87  ? 0.1969 0.3242 0.2860 -0.0439 0.0020  -0.0088 246 HIS A O   
653 C  CB  A HIS A 87  ? 0.2276 0.3103 0.2971 -0.0283 -0.0108 0.0063  246 HIS A CB  
654 C  CB  B HIS A 87  ? 0.2319 0.3120 0.2985 -0.0258 -0.0107 0.0072  246 HIS A CB  
655 C  CG  A HIS A 87  ? 0.2369 0.3314 0.3330 -0.0201 -0.0134 0.0097  246 HIS A CG  
656 C  CG  B HIS A 87  ? 0.2436 0.3319 0.3381 -0.0189 -0.0075 0.0130  246 HIS A CG  
657 N  ND1 A HIS A 87  ? 0.2922 0.3432 0.3725 -0.0023 -0.0019 0.0010  246 HIS A ND1 
658 N  ND1 B HIS A 87  ? 0.2472 0.3634 0.3749 -0.0210 -0.0126 0.0065  246 HIS A ND1 
659 C  CD2 A HIS A 87  ? 0.2077 0.3557 0.3741 -0.0401 -0.0089 0.0144  246 HIS A CD2 
660 C  CD2 B HIS A 87  ? 0.2802 0.3525 0.3772 -0.0127 -0.0064 0.0032  246 HIS A CD2 
661 C  CE1 A HIS A 87  ? 0.2579 0.3593 0.3659 -0.0042 0.0348  0.0019  246 HIS A CE1 
662 C  CE1 B HIS A 87  ? 0.2762 0.3592 0.3893 -0.0140 0.0117  0.0076  246 HIS A CE1 
663 N  NE2 A HIS A 87  ? 0.2602 0.3552 0.3983 -0.0305 0.0104  0.0125  246 HIS A NE2 
664 N  NE2 B HIS A 87  ? 0.2765 0.3646 0.3851 -0.0041 0.0169  0.0016  246 HIS A NE2 
665 N  N   . HIS A 88  ? 0.2029 0.2965 0.2806 -0.0623 -0.0128 -0.0070 247 HIS A N   
666 C  CA  . HIS A 88  ? 0.2019 0.3035 0.2867 -0.0563 -0.0151 -0.0077 247 HIS A CA  
667 C  C   . HIS A 88  ? 0.1939 0.3033 0.2800 -0.0460 -0.0107 -0.0106 247 HIS A C   
668 O  O   . HIS A 88  ? 0.1855 0.3179 0.2955 -0.0643 -0.0025 0.0011  247 HIS A O   
669 C  CB  . HIS A 88  ? 0.2100 0.3021 0.3112 -0.0692 -0.0192 -0.0109 247 HIS A CB  
670 C  CG  . HIS A 88  ? 0.2046 0.3314 0.3065 -0.0794 -0.0242 -0.0159 247 HIS A CG  
671 N  ND1 . HIS A 88  ? 0.2468 0.3758 0.3466 -0.0916 -0.0404 -0.0292 247 HIS A ND1 
672 C  CD2 . HIS A 88  ? 0.2183 0.3276 0.3361 -0.1098 -0.0119 -0.0301 247 HIS A CD2 
673 C  CE1 . HIS A 88  ? 0.2291 0.3723 0.3926 -0.1053 -0.0091 -0.0159 247 HIS A CE1 
674 N  NE2 . HIS A 88  ? 0.2343 0.3815 0.3485 -0.1078 0.0009  -0.0118 247 HIS A NE2 
675 N  N   . HIS A 89  ? 0.1847 0.2907 0.2748 -0.0547 -0.0116 -0.0056 248 HIS A N   
676 C  CA  . HIS A 89  ? 0.1760 0.2943 0.2791 -0.0568 -0.0056 0.0037  248 HIS A CA  
677 C  C   . HIS A 89  ? 0.1656 0.3022 0.2715 -0.0496 -0.0082 -0.0036 248 HIS A C   
678 O  O   . HIS A 89  ? 0.1623 0.3205 0.2771 -0.0609 -0.0091 -0.0083 248 HIS A O   
679 C  CB  . HIS A 89  ? 0.1803 0.2968 0.2811 -0.0469 -0.0123 -0.0018 248 HIS A CB  
680 C  CG  . HIS A 89  ? 0.1717 0.2988 0.2808 -0.0683 -0.0291 -0.0243 248 HIS A CG  
681 N  ND1 . HIS A 89  ? 0.1432 0.2959 0.3449 -0.0778 -0.0329 -0.0287 248 HIS A ND1 
682 C  CD2 . HIS A 89  ? 0.2149 0.2872 0.2793 -0.0520 -0.0065 -0.0232 248 HIS A CD2 
683 C  CE1 . HIS A 89  ? 0.1599 0.2982 0.3035 -0.0689 0.0123  0.0039  248 HIS A CE1 
684 N  NE2 . HIS A 89  ? 0.1861 0.2895 0.2863 -0.0613 0.0082  -0.0022 248 HIS A NE2 
685 N  N   . SER A 90  ? 0.1782 0.2987 0.2884 -0.0493 -0.0075 -0.0197 249 SER A N   
686 C  CA  . SER A 90  ? 0.1908 0.2901 0.3080 -0.0426 0.0006  -0.0042 249 SER A CA  
687 C  C   . SER A 90  ? 0.1939 0.3095 0.3008 -0.0396 -0.0115 -0.0115 249 SER A C   
688 O  O   . SER A 90  ? 0.2018 0.3422 0.3423 -0.0484 -0.0059 -0.0272 249 SER A O   
689 C  CB  . SER A 90  ? 0.1809 0.2914 0.3114 -0.0396 0.0009  -0.0033 249 SER A CB  
690 O  OG  . SER A 90  ? 0.2058 0.3046 0.2987 -0.0596 0.0004  0.0044  249 SER A OG  
691 N  N   . THR A 91  ? 0.1871 0.3182 0.3284 -0.0428 -0.0215 -0.0029 250 THR A N   
692 C  CA  . THR A 91  ? 0.2067 0.3444 0.3733 -0.0457 -0.0247 0.0058  250 THR A CA  
693 C  C   . THR A 91  ? 0.1973 0.3467 0.3804 -0.0404 -0.0315 0.0066  250 THR A C   
694 O  O   . THR A 91  ? 0.1774 0.3939 0.4124 -0.0444 -0.0118 0.0079  250 THR A O   
695 C  CB  . THR A 91  ? 0.2185 0.3604 0.3962 -0.0517 -0.0313 0.0099  250 THR A CB  
696 O  OG1 . THR A 91  ? 0.2657 0.4006 0.3770 -0.0617 -0.0615 0.0268  250 THR A OG1 
697 C  CG2 . THR A 91  ? 0.3366 0.3502 0.4163 -0.0429 -0.0505 0.0113  250 THR A CG2 
698 N  N   . VAL A 92  ? 0.2005 0.3278 0.3783 -0.0634 -0.0350 0.0154  251 VAL A N   
699 C  CA  . VAL A 92  ? 0.2451 0.3337 0.4021 -0.0447 -0.0414 0.0151  251 VAL A CA  
700 C  C   . VAL A 92  ? 0.2132 0.3327 0.3964 -0.0492 -0.0397 0.0174  251 VAL A C   
701 O  O   . VAL A 92  ? 0.1838 0.3364 0.4134 -0.0629 -0.0212 0.0219  251 VAL A O   
702 C  CB  . VAL A 92  ? 0.2809 0.3599 0.4071 -0.0376 -0.0339 0.0092  251 VAL A CB  
703 C  CG1 . VAL A 92  ? 0.3238 0.3972 0.4470 -0.0241 -0.0544 0.0152  251 VAL A CG1 
704 C  CG2 . VAL A 92  ? 0.2667 0.3533 0.3853 -0.0707 -0.0541 0.0027  251 VAL A CG2 
705 N  N   . ALA A 93  ? 0.1935 0.3229 0.4036 -0.0605 -0.0294 0.0168  252 ALA A N   
706 C  CA  . ALA A 93  ? 0.1856 0.3177 0.3961 -0.0637 -0.0250 0.0230  252 ALA A CA  
707 C  C   . ALA A 93  ? 0.1764 0.3187 0.3934 -0.0786 -0.0290 0.0151  252 ALA A C   
708 O  O   . ALA A 93  ? 0.1579 0.3192 0.3932 -0.0678 -0.0043 0.0372  252 ALA A O   
709 C  CB  . ALA A 93  ? 0.2197 0.3366 0.3991 -0.0473 -0.0167 0.0271  252 ALA A CB  
710 N  N   . ASP A 94  ? 0.1879 0.3270 0.4071 -0.0884 -0.0266 0.0152  253 ASP A N   
711 C  CA  . ASP A 94  ? 0.2131 0.3450 0.3900 -0.0751 -0.0304 0.0207  253 ASP A CA  
712 C  C   . ASP A 94  ? 0.2216 0.3421 0.3852 -0.0680 -0.0189 0.0264  253 ASP A C   
713 O  O   . ASP A 94  ? 0.2606 0.3759 0.3927 -0.0498 0.0224  0.0331  253 ASP A O   
714 C  CB  . ASP A 94  ? 0.1996 0.3619 0.3937 -0.0867 -0.0431 0.0184  253 ASP A CB  
715 C  CG  . ASP A 94  ? 0.3299 0.3597 0.4266 -0.1086 -0.0250 0.0025  253 ASP A CG  
716 O  OD1 . ASP A 94  ? 0.4124 0.4101 0.4510 -0.1780 -0.0274 0.0027  253 ASP A OD1 
717 O  OD2 . ASP A 94  ? 0.4267 0.3877 0.4541 -0.1458 -0.0036 -0.0267 253 ASP A OD2 
718 N  N   . GLY A 95  ? 0.2115 0.3188 0.3689 -0.0804 -0.0170 0.0252  254 GLY A N   
719 C  CA  . GLY A 95  ? 0.2755 0.3124 0.3521 -0.0538 -0.0063 0.0233  254 GLY A CA  
720 C  C   . GLY A 95  ? 0.2515 0.3132 0.3421 -0.0485 0.0069  0.0242  254 GLY A C   
721 O  O   . GLY A 95  ? 0.2871 0.3270 0.3507 -0.0480 0.0039  0.0250  254 GLY A O   
722 N  N   . LEU A 96  ? 0.2074 0.3175 0.3120 -0.0609 0.0251  0.0208  255 LEU A N   
723 C  CA  . LEU A 96  ? 0.2167 0.3069 0.3044 -0.0512 0.0302  0.0280  255 LEU A CA  
724 C  C   . LEU A 96  ? 0.1862 0.3129 0.3051 -0.0438 0.0272  0.0297  255 LEU A C   
725 O  O   . LEU A 96  ? 0.1634 0.3283 0.3260 -0.0404 0.0001  0.0197  255 LEU A O   
726 C  CB  . LEU A 96  ? 0.2046 0.3132 0.3123 -0.0457 0.0399  0.0348  255 LEU A CB  
727 C  CG  . LEU A 96  ? 0.2003 0.3138 0.3147 -0.0520 0.0393  0.0534  255 LEU A CG  
728 C  CD1 . LEU A 96  ? 0.2314 0.3122 0.3573 -0.0538 0.0567  0.0613  255 LEU A CD1 
729 C  CD2 . LEU A 96  ? 0.1834 0.3631 0.3339 -0.0417 0.0525  0.0464  255 LEU A CD2 
730 N  N   . VAL A 97  ? 0.1632 0.3092 0.3131 -0.0719 0.0322  0.0337  256 VAL A N   
731 C  CA  . VAL A 97  ? 0.1651 0.3059 0.3048 -0.0711 0.0380  0.0391  256 VAL A CA  
732 C  C   . VAL A 97  ? 0.1749 0.2978 0.3129 -0.0760 0.0419  0.0392  256 VAL A C   
733 O  O   . VAL A 97  ? 0.1562 0.3379 0.3436 -0.0685 0.0472  0.0322  256 VAL A O   
734 C  CB  . VAL A 97  ? 0.1961 0.3184 0.3165 -0.0709 0.0181  0.0303  256 VAL A CB  
735 C  CG1 . VAL A 97  ? 0.2193 0.3257 0.3349 -0.0600 0.0469  0.0325  256 VAL A CG1 
736 C  CG2 . VAL A 97  ? 0.1715 0.3396 0.3017 -0.0664 -0.0092 0.0132  256 VAL A CG2 
737 N  N   . THR A 98  ? 0.1502 0.2944 0.3264 -0.0707 0.0135  0.0345  257 THR A N   
738 C  CA  . THR A 98  ? 0.1740 0.2926 0.2996 -0.0671 0.0268  0.0295  257 THR A CA  
739 C  C   . THR A 98  ? 0.1603 0.2851 0.2877 -0.0714 0.0117  0.0170  257 THR A C   
740 O  O   . THR A 98  ? 0.1693 0.3027 0.2956 -0.0726 0.0187  0.0125  257 THR A O   
741 C  CB  . THR A 98  ? 0.1706 0.3082 0.3238 -0.0657 0.0099  0.0163  257 THR A CB  
742 O  OG1 . THR A 98  ? 0.1938 0.3307 0.3298 -0.0429 0.0439  0.0114  257 THR A OG1 
743 C  CG2 . THR A 98  ? 0.1710 0.3292 0.3151 -0.0760 -0.0140 0.0048  257 THR A CG2 
744 N  N   . THR A 99  ? 0.1787 0.2858 0.2961 -0.0589 0.0167  0.0138  258 THR A N   
745 C  CA  . THR A 99  ? 0.1771 0.2891 0.3077 -0.0583 -0.0068 0.0107  258 THR A CA  
746 C  C   . THR A 99  ? 0.1689 0.2957 0.2848 -0.0603 -0.0035 0.0147  258 THR A C   
747 O  O   . THR A 99  ? 0.1709 0.3207 0.3030 -0.0801 0.0095  0.0130  258 THR A O   
748 C  CB  . THR A 99  ? 0.1932 0.2958 0.3192 -0.0498 -0.0054 0.0056  258 THR A CB  
749 O  OG1 . THR A 99  ? 0.2204 0.3262 0.3552 -0.0487 0.0177  0.0168  258 THR A OG1 
750 C  CG2 . THR A 99  ? 0.1869 0.3407 0.3468 -0.0640 -0.0301 0.0032  258 THR A CG2 
751 N  N   . LEU A 100 ? 0.1513 0.3117 0.2879 -0.0640 0.0079  0.0144  259 LEU A N   
752 C  CA  . LEU A 100 ? 0.1351 0.3025 0.2778 -0.0714 -0.0044 0.0063  259 LEU A CA  
753 C  C   . LEU A 100 ? 0.1694 0.3095 0.2843 -0.0718 -0.0176 0.0052  259 LEU A C   
754 O  O   . LEU A 100 ? 0.2104 0.3087 0.2895 -0.0763 0.0004  0.0126  259 LEU A O   
755 C  CB  . LEU A 100 ? 0.1616 0.3236 0.2713 -0.0740 0.0041  0.0055  259 LEU A CB  
756 C  CG  . LEU A 100 ? 0.1426 0.3165 0.2749 -0.0915 -0.0008 0.0030  259 LEU A CG  
757 C  CD1 . LEU A 100 ? 0.1645 0.3604 0.2723 -0.1208 0.0009  0.0152  259 LEU A CD1 
758 C  CD2 . LEU A 100 ? 0.1900 0.3221 0.2875 -0.0960 -0.0144 0.0146  259 LEU A CD2 
759 N  N   . HIS A 101 ? 0.1732 0.3072 0.2869 -0.0674 0.0047  0.0131  260 HIS A N   
760 C  CA  . HIS A 101 ? 0.1714 0.3178 0.2834 -0.0401 0.0117  0.0199  260 HIS A CA  
761 C  C   . HIS A 101 ? 0.1797 0.3106 0.2790 -0.0303 0.0186  0.0234  260 HIS A C   
762 O  O   . HIS A 101 ? 0.1754 0.3253 0.3192 -0.0223 0.0185  0.0315  260 HIS A O   
763 C  CB  . HIS A 101 ? 0.1525 0.3561 0.3094 -0.0498 0.0083  0.0166  260 HIS A CB  
764 C  CG  . HIS A 101 ? 0.1836 0.3456 0.3234 -0.0364 0.0113  -0.0003 260 HIS A CG  
765 N  ND1 . HIS A 101 ? 0.1818 0.4361 0.3802 -0.0354 0.0180  -0.0017 260 HIS A ND1 
766 C  CD2 . HIS A 101 ? 0.2157 0.3394 0.3486 -0.0569 -0.0511 -0.0123 260 HIS A CD2 
767 C  CE1 . HIS A 101 ? 0.2224 0.5035 0.3923 -0.0288 -0.0266 -0.0125 260 HIS A CE1 
768 N  NE2 . HIS A 101 ? 0.2132 0.4654 0.3976 -0.0516 -0.0649 -0.0095 260 HIS A NE2 
769 N  N   . TYR A 102 ? 0.1387 0.3196 0.2758 -0.0321 0.0299  0.0211  261 TYR A N   
770 C  CA  . TYR A 102 ? 0.1723 0.3069 0.2775 -0.0467 0.0270  0.0074  261 TYR A CA  
771 C  C   . TYR A 102 ? 0.1672 0.2967 0.2728 -0.0400 0.0248  0.0174  261 TYR A C   
772 O  O   . TYR A 102 ? 0.1602 0.2860 0.2956 -0.0598 0.0220  0.0233  261 TYR A O   
773 C  CB  . TYR A 102 ? 0.1579 0.3236 0.2781 -0.0333 0.0287  -0.0016 261 TYR A CB  
774 C  CG  . TYR A 102 ? 0.1667 0.3226 0.2917 -0.0546 0.0285  0.0105  261 TYR A CG  
775 C  CD1 . TYR A 102 ? 0.1748 0.3443 0.2668 -0.0379 0.0409  -0.0030 261 TYR A CD1 
776 C  CD2 . TYR A 102 ? 0.2003 0.3233 0.3138 -0.0542 0.0544  0.0153  261 TYR A CD2 
777 C  CE1 . TYR A 102 ? 0.1846 0.3360 0.2970 -0.0513 0.0486  -0.0119 261 TYR A CE1 
778 C  CE2 . TYR A 102 ? 0.1936 0.3428 0.3168 -0.0643 0.0354  -0.0014 261 TYR A CE2 
779 C  CZ  . TYR A 102 ? 0.1418 0.3411 0.3217 -0.0491 0.0189  -0.0209 261 TYR A CZ  
780 O  OH  . TYR A 102 ? 0.1490 0.3957 0.3613 -0.0590 0.0323  -0.0056 261 TYR A OH  
781 N  N   . PRO A 103 ? 0.1615 0.3012 0.2745 -0.0515 0.0175  0.0181  262 PRO A N   
782 C  CA  . PRO A 103 ? 0.1640 0.3104 0.2861 -0.0429 0.0188  0.0198  262 PRO A CA  
783 C  C   . PRO A 103 ? 0.1624 0.2867 0.2931 -0.0458 0.0236  0.0078  262 PRO A C   
784 O  O   . PRO A 103 ? 0.1735 0.3142 0.3036 -0.0333 0.0084  -0.0066 262 PRO A O   
785 C  CB  . PRO A 103 ? 0.1823 0.3177 0.2859 -0.0435 0.0136  0.0249  262 PRO A CB  
786 C  CG  . PRO A 103 ? 0.1557 0.3374 0.2904 -0.0676 0.0272  0.0454  262 PRO A CG  
787 C  CD  . PRO A 103 ? 0.1729 0.3099 0.2827 -0.0547 0.0316  0.0281  262 PRO A CD  
788 N  N   . ALA A 104 ? 0.1639 0.2984 0.2863 -0.0430 0.0156  0.0062  263 ALA A N   
789 C  CA  . ALA A 104 ? 0.1796 0.3053 0.3030 -0.0588 0.0070  -0.0006 263 ALA A CA  
790 C  C   . ALA A 104 ? 0.2064 0.3209 0.3198 -0.0504 0.0033  -0.0052 263 ALA A C   
791 O  O   . ALA A 104 ? 0.1601 0.3281 0.3145 -0.0573 0.0070  -0.0062 263 ALA A O   
792 C  CB  . ALA A 104 ? 0.1885 0.3148 0.3047 -0.0521 0.0083  0.0099  263 ALA A CB  
793 N  N   . PRO A 105 ? 0.2425 0.3475 0.3436 -0.0597 -0.0190 -0.0180 264 PRO A N   
794 C  CA  . PRO A 105 ? 0.2944 0.3722 0.3875 -0.0562 -0.0247 -0.0316 264 PRO A CA  
795 C  C   . PRO A 105 ? 0.3341 0.4070 0.4199 -0.0449 -0.0394 -0.0379 264 PRO A C   
796 O  O   . PRO A 105 ? 0.2506 0.4184 0.4087 -0.0609 -0.0650 -0.0376 264 PRO A O   
797 C  CB  . PRO A 105 ? 0.3152 0.3796 0.3887 -0.0571 -0.0314 -0.0369 264 PRO A CB  
798 C  CG  . PRO A 105 ? 0.3369 0.3925 0.3926 -0.0450 -0.0157 -0.0359 264 PRO A CG  
799 C  CD  . PRO A 105 ? 0.3076 0.3728 0.3473 -0.0473 -0.0122 -0.0285 264 PRO A CD  
800 N  N   . LYS A 106 ? 0.3969 0.4596 0.4762 -0.0411 -0.0332 -0.0304 265 LYS A N   
801 C  CA  . LYS A 106 ? 0.4608 0.5086 0.5325 -0.0177 -0.0328 -0.0340 265 LYS A CA  
802 C  C   . LYS A 106 ? 0.5148 0.5525 0.5654 -0.0140 -0.0364 -0.0376 265 LYS A C   
803 O  O   . LYS A 106 ? 0.5107 0.5509 0.5826 -0.0103 -0.0448 -0.0413 265 LYS A O   
804 C  CB  . LYS A 106 ? 0.4623 0.5095 0.5275 -0.0200 -0.0315 -0.0339 265 LYS A CB  
805 C  CG  . LYS A 106 ? 0.4501 0.4970 0.5333 -0.0305 -0.0395 -0.0372 265 LYS A CG  
806 C  CD  . LYS A 106 ? 0.4512 0.4877 0.5191 -0.0336 -0.0484 -0.0431 265 LYS A CD  
807 C  CE  . LYS A 106 ? 0.3770 0.4617 0.5168 -0.0378 -0.0468 -0.0369 265 LYS A CE  
808 N  NZ  . LYS A 106 ? 0.2185 0.4142 0.5605 -0.0787 -0.0618 -0.0112 265 LYS A NZ  
809 N  N   . CYS A 107 ? 0.5717 0.5970 0.6116 -0.0002 -0.0345 -0.0294 266 CYS A N   
810 C  CA  . CYS A 107 ? 0.6334 0.6591 0.6434 0.0053  -0.0389 -0.0247 266 CYS A CA  
811 C  C   . CYS A 107 ? 0.6500 0.6800 0.6698 0.0005  -0.0227 -0.0218 266 CYS A C   
812 O  O   . CYS A 107 ? 0.6561 0.6880 0.6740 0.0010  -0.0204 -0.0252 266 CYS A O   
813 C  CB  . CYS A 107 ? 0.6429 0.6599 0.6559 0.0088  -0.0380 -0.0235 266 CYS A CB  
814 S  SG  . CYS A 107 ? 0.7019 0.7456 0.6571 0.0367  -0.1010 -0.0103 266 CYS A SG  
815 N  N   . ASN A 108 ? 0.6743 0.6986 0.6889 -0.0012 -0.0139 -0.0220 267 ASN A N   
816 C  CA  . ASN A 108 ? 0.6900 0.7139 0.7033 -0.0038 -0.0080 -0.0156 267 ASN A CA  
817 C  C   . ASN A 108 ? 0.6954 0.7178 0.7094 -0.0056 -0.0056 -0.0161 267 ASN A C   
818 O  O   . ASN A 108 ? 0.6975 0.7244 0.7073 -0.0069 -0.0026 -0.0146 267 ASN A O   
819 C  CB  . ASN A 108 ? 0.6957 0.7129 0.6988 -0.0043 -0.0093 -0.0156 267 ASN A CB  
820 CL CL  . CL  B .   ? 0.2319 0.3056 0.3235 -0.0561 -0.0005 0.0097  301 CL  A CL  
821 O  O   . HOH C .   ? 0.1673 0.3359 0.2989 -0.0862 -0.0248 -0.0170 401 HOH A O   
822 O  O   . HOH C .   ? 0.2174 0.2881 0.3419 -0.0738 0.0139  0.0142  402 HOH A O   
823 O  O   . HOH C .   ? 0.1837 0.2882 0.2945 -0.0785 -0.0027 -0.0085 403 HOH A O   
824 O  O   . HOH C .   ? 0.3027 0.3412 0.3370 -0.0791 -0.0280 -0.0057 404 HOH A O   
825 O  O   . HOH C .   ? 0.2546 0.4083 0.3662 -0.0734 0.0174  0.0146  405 HOH A O   
826 O  O   . HOH C .   ? 0.2000 0.4036 0.3133 -0.0773 0.0259  0.0193  406 HOH A O   
827 O  O   . HOH C .   ? 0.2061 0.3430 0.4640 -0.0703 0.0511  0.0155  407 HOH A O   
828 O  O   . HOH C .   ? 0.2968 0.3377 0.3686 -0.0710 -0.0564 -0.0089 408 HOH A O   
829 O  O   . HOH C .   ? 0.2088 0.3833 0.3628 -0.0274 0.0144  -0.0390 409 HOH A O   
830 O  O   . HOH C .   ? 0.2265 0.3735 0.3837 -0.0629 -0.0605 -0.0135 410 HOH A O   
831 O  O   . HOH C .   ? 0.3665 0.3858 0.4154 0.0223  0.0373  0.0178  411 HOH A O   
832 O  O   . HOH C .   ? 0.2383 0.3701 0.3786 -0.0544 0.0057  -0.0054 412 HOH A O   
833 O  O   . HOH C .   ? 0.3143 0.3597 0.4873 -0.0277 0.0478  -0.0085 413 HOH A O   
834 O  O   . HOH C .   ? 0.2450 0.3635 0.4470 -0.0857 -0.0010 0.0207  414 HOH A O   
835 O  O   . HOH C .   ? 0.2656 0.4728 0.3389 -0.0088 -0.0219 -0.0240 415 HOH A O   
836 O  O   . HOH C .   ? 0.2207 0.6086 0.4460 -0.0513 -0.0406 -0.2109 416 HOH A O   
837 O  O   . HOH C .   ? 0.2569 0.4657 0.3811 -0.0319 0.0259  0.0501  417 HOH A O   
838 O  O   . HOH C .   ? 0.2958 0.3843 0.3844 -0.1249 -0.0026 0.0157  418 HOH A O   
839 O  O   . HOH C .   ? 0.3397 0.7595 0.3817 -0.2070 -0.0754 0.0014  419 HOH A O   
840 O  O   . HOH C .   ? 0.5146 0.3615 0.7271 0.0042  0.2123  -0.0336 420 HOH A O   
841 O  O   . HOH C .   ? 0.2706 0.5172 0.3895 -0.1234 0.0621  0.0171  421 HOH A O   
842 O  O   . HOH C .   ? 0.2674 0.3397 0.5891 -0.0660 0.0324  0.0488  422 HOH A O   
843 O  O   . HOH C .   ? 0.3233 0.4864 0.6464 -0.0809 -0.1353 0.0718  423 HOH A O   
844 O  O   . HOH C .   ? 0.3220 0.4923 0.5764 -0.1316 -0.0196 -0.0473 424 HOH A O   
845 O  O   . HOH C .   ? 0.3407 0.7096 0.3706 -0.0872 0.0661  0.1033  425 HOH A O   
846 O  O   . HOH C .   ? 0.4176 0.3715 0.4434 0.0002  -0.1128 -0.0058 426 HOH A O   
847 O  O   . HOH C .   ? 0.3400 0.6232 1.3062 -0.0745 0.1840  0.4280  427 HOH A O   
848 O  O   . HOH C .   ? 0.2605 0.5581 0.5026 -0.0782 -0.0348 0.0881  428 HOH A O   
849 O  O   . HOH C .   ? 0.2027 0.5182 0.5205 -0.1006 0.0146  -0.1617 429 HOH A O   
850 O  O   . HOH C .   ? 0.2462 0.6494 0.6865 0.0358  -0.1017 -0.1738 430 HOH A O   
851 O  O   . HOH C .   ? 0.4348 0.3992 0.7029 -0.0871 -0.2192 0.0240  431 HOH A O   
852 O  O   . HOH C .   ? 0.3381 0.7865 0.5958 -0.0154 -0.0165 0.3288  432 HOH A O   
853 O  O   . HOH C .   ? 0.3076 0.5999 0.6654 -0.1497 -0.0908 0.2087  433 HOH A O   
854 O  O   . HOH C .   ? 0.3749 0.5480 0.5653 -0.1097 0.1408  0.0458  434 HOH A O   
855 O  O   . HOH C .   ? 0.7114 0.3886 0.4383 -0.0868 0.2267  0.0238  435 HOH A O   
856 O  O   . HOH C .   ? 0.4155 0.6370 0.6150 0.1111  -0.0907 -0.1911 436 HOH A O   
857 O  O   . HOH C .   ? 0.3015 0.4865 0.4048 -0.0651 0.0699  0.0152  437 HOH A O   
858 O  O   . HOH C .   ? 0.4568 0.7729 0.3521 0.0710  0.0588  0.0137  438 HOH A O   
859 O  O   . HOH C .   ? 0.2551 0.4319 0.5211 -0.0589 -0.0295 -0.0187 439 HOH A O   
860 O  O   . HOH C .   ? 0.4892 0.5990 0.5004 -0.1529 0.1238  0.0181  440 HOH A O   
861 O  O   . HOH C .   ? 0.4847 0.4170 0.4549 -0.1253 0.0628  0.0434  441 HOH A O   
862 O  O   . HOH C .   ? 0.2378 0.4803 0.7792 -0.0504 -0.0113 -0.0576 442 HOH A O   
863 O  O   . HOH C .   ? 0.3752 0.4954 0.4870 -0.0549 -0.0021 -0.0123 443 HOH A O   
864 O  O   . HOH C .   ? 0.4716 0.5517 0.5898 -0.1505 0.0657  0.0125  444 HOH A O   
865 O  O   . HOH C .   ? 0.6124 1.5836 0.7400 -0.2917 -0.1013 0.5333  445 HOH A O   
866 O  O   . HOH C .   ? 0.3455 0.4655 0.6091 -0.1573 0.1097  -0.1227 446 HOH A O   
867 O  O   . HOH C .   ? 0.5537 0.9893 1.9484 -0.0454 0.0944  -0.0334 447 HOH A O   
868 O  O   . HOH C .   ? 0.4350 0.7773 0.3848 -0.2828 0.0753  -0.1330 448 HOH A O   
869 O  O   . HOH C .   ? 0.4553 0.5450 0.6917 -0.0704 0.1441  0.0041  449 HOH A O   
870 O  O   . HOH C .   ? 0.2939 0.4662 0.9769 -0.0300 0.0825  0.0126  450 HOH A O   
871 O  O   . HOH C .   ? 0.5407 1.5114 1.7932 -0.2981 0.0905  0.2409  451 HOH A O   
872 O  O   . HOH C .   ? 0.3107 0.3993 0.5690 -0.0820 -0.0626 -0.0385 452 HOH A O   
873 O  O   . HOH C .   ? 0.4499 0.7480 0.5690 -0.1395 0.0298  0.1744  453 HOH A O   
874 O  O   . HOH C .   ? 0.6839 0.5138 0.5436 -0.0243 0.1510  -0.0046 454 HOH A O   
875 O  O   . HOH C .   ? 0.4434 0.6074 0.5828 -0.1651 0.1643  -0.1537 455 HOH A O   
876 O  O   . HOH C .   ? 0.6040 1.5097 1.2919 -0.4769 0.2646  -0.0958 456 HOH A O   
877 O  O   . HOH C .   ? 0.3923 0.6494 0.4500 -0.1801 -0.0429 -0.0224 457 HOH A O   
878 O  O   . HOH C .   ? 0.3428 0.6920 0.5256 0.0261  -0.0446 -0.0709 458 HOH A O   
879 O  O   . HOH C .   ? 0.4719 0.5763 0.6119 0.0074  0.0357  0.1172  459 HOH A O   
880 O  O   . HOH C .   ? 0.2167 0.8002 0.8656 -0.0917 -0.0630 0.1950  460 HOH A O   
881 O  O   . HOH C .   ? 0.6869 0.5928 0.4437 -0.0497 -0.0338 -0.0944 461 HOH A O   
882 O  O   . HOH C .   ? 0.3151 0.4846 0.4877 -0.1400 0.0830  0.0046  462 HOH A O   
883 O  O   . HOH C .   ? 0.3547 0.3791 0.4446 -0.0251 -0.0760 -0.0801 463 HOH A O   
884 O  O   . HOH C .   ? 0.3117 0.4160 0.4094 -0.0745 -0.0288 -0.0078 464 HOH A O   
885 O  O   . HOH C .   ? 0.4839 0.5059 0.3954 0.1357  0.1028  0.0833  465 HOH A O   
886 O  O   . HOH C .   ? 0.3641 0.6133 0.5926 -0.1165 -0.0623 0.1350  466 HOH A O   
887 O  O   . HOH C .   ? 0.8145 0.8909 0.8610 -0.1240 0.4812  -0.0125 467 HOH A O   
888 O  O   . HOH C .   ? 0.9069 0.7593 0.5175 0.4649  -0.0596 -0.1128 468 HOH A O   
889 O  O   . HOH C .   ? 0.3272 0.5617 0.5171 0.0341  0.0154  -0.0464 469 HOH A O   
890 O  O   . HOH C .   ? 0.5419 0.4513 0.5512 -0.1719 0.1192  0.0384  470 HOH A O   
891 O  O   . HOH C .   ? 0.3978 0.4298 0.7500 -0.0334 0.0320  -0.0720 471 HOH A O   
892 O  O   . HOH C .   ? 0.4725 0.6012 1.1304 -0.3321 -0.0158 0.2852  472 HOH A O   
893 O  O   . HOH C .   ? 0.3117 0.8958 0.5141 -0.0763 -0.1251 0.1285  473 HOH A O   
894 O  O   . HOH C .   ? 0.2738 0.4218 0.5150 -0.1101 0.1114  -0.0110 474 HOH A O   
895 O  O   . HOH C .   ? 0.5792 0.7698 0.5141 -0.0897 -0.1611 -0.0227 475 HOH A O   
896 O  O   . HOH C .   ? 0.5094 0.7090 0.9919 0.0803  0.1266  0.0555  476 HOH A O   
897 O  O   . HOH C .   ? 0.5975 0.5478 0.5167 -0.2141 -0.2303 0.0194  477 HOH A O   
898 O  O   . HOH C .   ? 0.2233 0.9594 0.8731 -0.0997 0.1787  -0.2824 478 HOH A O   
899 O  O   . HOH C .   ? 0.8202 1.6352 2.0581 -0.5711 -0.1494 -0.0167 479 HOH A O   
900 O  O   . HOH C .   ? 0.6079 2.1833 1.1915 -0.5671 -0.7696 0.4535  480 HOH A O   
901 O  O   . HOH C .   ? 0.3329 0.9611 1.4230 0.1487  0.0555  0.1674  481 HOH A O   
902 O  O   . HOH C .   ? 0.5768 0.9218 0.9078 -0.1345 -0.2853 0.4281  482 HOH A O   
903 O  O   . HOH C .   ? 0.4835 0.8907 0.6859 -0.1568 0.3839  -0.1046 483 HOH A O   
904 O  O   . HOH C .   ? 0.8314 1.1337 0.8297 0.0468  0.0124  -0.0177 484 HOH A O   
905 O  O   . HOH C .   ? 0.7460 1.3501 1.8273 -0.2411 0.2238  0.2253  485 HOH A O   
906 O  O   . HOH C .   ? 0.0996 1.1286 1.1846 0.0484  0.2899  0.3623  486 HOH A O   
907 O  O   . HOH C .   ? 0.4891 0.7602 0.9288 -0.2691 0.0443  -0.1017 487 HOH A O   
908 O  O   . HOH C .   ? 0.8242 0.9776 0.7882 0.2422  0.2924  0.3902  488 HOH A O   
909 O  O   . HOH C .   ? 0.7683 1.8498 4.6611 0.2315  -0.2830 -1.5990 489 HOH A O   
910 O  O   . HOH C .   ? 0.7383 1.0148 0.6060 0.3089  0.0323  0.3226  490 HOH A O   
911 O  O   . HOH C .   ? 0.6272 0.6409 1.8681 -0.0383 -0.7481 -0.1223 491 HOH A O   
912 O  O   . HOH C .   ? 0.3346 1.2113 0.5352 0.0679  0.1019  0.0766  492 HOH A O   
913 O  O   . HOH C .   ? 0.8395 0.6492 0.5936 0.1399  -0.0060 0.1873  493 HOH A O   
914 O  O   . HOH C .   ? 0.6560 0.8709 0.7974 -0.2734 -0.0222 0.2196  494 HOH A O   
915 O  O   . HOH C .   ? 0.4864 0.9975 0.5652 -0.3627 0.2446  0.0178  495 HOH A O   
916 O  O   . HOH C .   ? 0.4086 0.6569 1.5218 -0.2015 -0.1420 0.0555  496 HOH A O   
917 O  O   . HOH C .   ? 0.8180 0.8633 0.5978 0.1443  0.2018  -0.0560 497 HOH A O   
918 O  O   . HOH C .   ? 0.1790 0.8311 0.8282 -0.0677 0.0269  0.2565  498 HOH A O   
919 O  O   . HOH C .   ? 0.7426 0.5891 0.6267 -0.0148 0.1845  0.0639  499 HOH A O   
920 O  O   . HOH C .   ? 0.6418 0.6470 0.5497 -0.3851 0.2272  -0.1631 500 HOH A O   
# 
loop_
_pdbx_poly_seq_scheme.asym_id 
_pdbx_poly_seq_scheme.entity_id 
_pdbx_poly_seq_scheme.seq_id 
_pdbx_poly_seq_scheme.mon_id 
_pdbx_poly_seq_scheme.ndb_seq_num 
_pdbx_poly_seq_scheme.pdb_seq_num 
_pdbx_poly_seq_scheme.auth_seq_num 
_pdbx_poly_seq_scheme.pdb_mon_id 
_pdbx_poly_seq_scheme.auth_mon_id 
_pdbx_poly_seq_scheme.pdb_strand_id 
_pdbx_poly_seq_scheme.pdb_ins_code 
_pdbx_poly_seq_scheme.hetero 
A 1 1   GLY 1   160 ?   ?   ?   A . n 
A 1 2   PRO 2   161 ?   ?   ?   A . n 
A 1 3   LEU 3   162 ?   ?   ?   A . n 
A 1 4   GLY 4   163 ?   ?   ?   A . n 
A 1 5   SER 5   164 ?   ?   ?   A . n 
A 1 6   VAL 6   165 ?   ?   ?   A . n 
A 1 7   ASN 7   166 ?   ?   ?   A . n 
A 1 8   SER 8   167 167 SER SER A . n 
A 1 9   LEU 9   168 168 LEU LEU A . n 
A 1 10  GLU 10  169 169 GLU GLU A . n 
A 1 11  LYS 11  170 170 LYS LYS A . n 
A 1 12  HIS 12  171 171 HIS HIS A . n 
A 1 13  SER 13  172 172 SER SER A . n 
A 1 14  TRP 14  173 173 TRP TRP A . n 
A 1 15  TYR 15  174 174 TYR TYR A . n 
A 1 16  HIS 16  175 175 HIS HIS A . n 
A 1 17  GLY 17  176 176 GLY GLY A . n 
A 1 18  PRO 18  177 177 PRO PRO A . n 
A 1 19  VAL 19  178 178 VAL VAL A . n 
A 1 20  SER 20  179 179 SER SER A . n 
A 1 21  ARG 21  180 180 ARG ARG A . n 
A 1 22  SER 22  181 181 SER SER A . n 
A 1 23  ALA 23  182 182 ALA ALA A . n 
A 1 24  ALA 24  183 183 ALA ALA A . n 
A 1 25  GLU 25  184 184 GLU GLU A . n 
A 1 26  TYR 26  185 185 TYR TYR A . n 
A 1 27  LEU 27  186 186 LEU LEU A . n 
A 1 28  LEU 28  187 187 LEU LEU A . n 
A 1 29  SER 29  188 188 SER SER A . n 
A 1 30  SER 30  189 189 SER SER A . n 
A 1 31  LEU 31  190 190 LEU LEU A . n 
A 1 32  ILE 32  191 191 ILE ILE A . n 
A 1 33  ASN 33  192 192 ASN ASN A . n 
A 1 34  GLY 34  193 193 GLY GLY A . n 
A 1 35  SER 35  194 194 SER SER A . n 
A 1 36  PHE 36  195 195 PHE PHE A . n 
A 1 37  LEU 37  196 196 LEU LEU A . n 
A 1 38  VAL 38  197 197 VAL VAL A . n 
A 1 39  ARG 39  198 198 ARG ARG A . n 
A 1 40  GLU 40  199 199 GLU GLU A . n 
A 1 41  SER 41  200 200 SER SER A . n 
A 1 42  GLU 42  201 201 GLU GLU A . n 
A 1 43  SER 43  202 202 SER SER A . n 
A 1 44  SER 44  203 203 SER SER A . n 
A 1 45  PRO 45  204 204 PRO PRO A . n 
A 1 46  GLY 46  205 205 GLY GLY A . n 
A 1 47  GLN 47  206 206 GLN GLN A . n 
A 1 48  LEU 48  207 207 LEU LEU A . n 
A 1 49  SER 49  208 208 SER SER A . n 
A 1 50  ILE 50  209 209 ILE ILE A . n 
A 1 51  SER 51  210 210 SER SER A . n 
A 1 52  LEU 52  211 211 LEU LEU A . n 
A 1 53  ARG 53  212 212 ARG ARG A . n 
A 1 54  TYR 54  213 213 TYR TYR A . n 
A 1 55  GLU 55  214 214 GLU GLU A . n 
A 1 56  GLY 56  215 215 GLY GLY A . n 
A 1 57  ARG 57  216 216 ARG ARG A . n 
A 1 58  VAL 58  217 217 VAL VAL A . n 
A 1 59  TYR 59  218 218 TYR TYR A . n 
A 1 60  HIS 60  219 219 HIS HIS A . n 
A 1 61  TYR 61  220 220 TYR TYR A . n 
A 1 62  ARG 62  221 221 ARG ARG A . n 
A 1 63  ILE 63  222 222 ILE ILE A . n 
A 1 64  ASN 64  223 223 ASN ASN A . n 
A 1 65  THR 65  224 224 THR THR A . n 
A 1 66  THR 66  225 225 THR THR A . n 
A 1 67  ALA 67  226 226 ALA ALA A . n 
A 1 68  ASP 68  227 227 ASP ASP A . n 
A 1 69  GLY 69  228 228 GLY GLY A . n 
A 1 70  LYS 70  229 229 LYS LYS A . n 
A 1 71  VAL 71  230 230 VAL VAL A . n 
A 1 72  TYR 72  231 231 TYR TYR A . n 
A 1 73  VAL 73  232 232 VAL VAL A . n 
A 1 74  THR 74  233 233 THR THR A . n 
A 1 75  ALA 75  234 234 ALA ALA A . n 
A 1 76  GLU 76  235 235 GLU GLU A . n 
A 1 77  SER 77  236 236 SER SER A . n 
A 1 78  ARG 78  237 237 ARG ARG A . n 
A 1 79  PHE 79  238 238 PHE PHE A . n 
A 1 80  SER 80  239 239 SER SER A . n 
A 1 81  THR 81  240 240 THR THR A . n 
A 1 82  LEU 82  241 241 LEU LEU A . n 
A 1 83  ALA 83  242 242 ALA ALA A . n 
A 1 84  GLU 84  243 243 GLU GLU A . n 
A 1 85  LEU 85  244 244 LEU LEU A . n 
A 1 86  VAL 86  245 245 VAL VAL A . n 
A 1 87  HIS 87  246 246 HIS HIS A . n 
A 1 88  HIS 88  247 247 HIS HIS A . n 
A 1 89  HIS 89  248 248 HIS HIS A . n 
A 1 90  SER 90  249 249 SER SER A . n 
A 1 91  THR 91  250 250 THR THR A . n 
A 1 92  VAL 92  251 251 VAL VAL A . n 
A 1 93  ALA 93  252 252 ALA ALA A . n 
A 1 94  ASP 94  253 253 ASP ASP A . n 
A 1 95  GLY 95  254 254 GLY GLY A . n 
A 1 96  LEU 96  255 255 LEU LEU A . n 
A 1 97  VAL 97  256 256 VAL VAL A . n 
A 1 98  THR 98  257 257 THR THR A . n 
A 1 99  THR 99  258 258 THR THR A . n 
A 1 100 LEU 100 259 259 LEU LEU A . n 
A 1 101 HIS 101 260 260 HIS HIS A . n 
A 1 102 TYR 102 261 261 TYR TYR A . n 
A 1 103 PRO 103 262 262 PRO PRO A . n 
A 1 104 ALA 104 263 263 ALA ALA A . n 
A 1 105 PRO 105 264 264 PRO PRO A . n 
A 1 106 LYS 106 265 265 LYS LYS A . n 
A 1 107 CYS 107 266 266 CYS CYS A . n 
A 1 108 ASN 108 267 267 ASN ASN A . n 
A 1 109 LYS 109 268 ?   ?   ?   A . n 
A 1 110 PRO 110 269 ?   ?   ?   A . n 
A 1 111 THR 111 270 ?   ?   ?   A . n 
A 1 112 VAL 112 271 ?   ?   ?   A . n 
A 1 113 TYR 113 272 ?   ?   ?   A . n 
A 1 114 GLY 114 273 ?   ?   ?   A . n 
A 1 115 ILE 115 274 ?   ?   ?   A . n 
A 1 116 LEU 116 275 ?   ?   ?   A . n 
# 
loop_
_pdbx_nonpoly_scheme.asym_id 
_pdbx_nonpoly_scheme.entity_id 
_pdbx_nonpoly_scheme.mon_id 
_pdbx_nonpoly_scheme.ndb_seq_num 
_pdbx_nonpoly_scheme.pdb_seq_num 
_pdbx_nonpoly_scheme.auth_seq_num 
_pdbx_nonpoly_scheme.pdb_mon_id 
_pdbx_nonpoly_scheme.auth_mon_id 
_pdbx_nonpoly_scheme.pdb_strand_id 
_pdbx_nonpoly_scheme.pdb_ins_code 
B 2 CL  1   301 142 CL  CL  A . 
C 3 HOH 1   401 1   HOH HOH A . 
C 3 HOH 2   402 2   HOH HOH A . 
C 3 HOH 3   403 3   HOH HOH A . 
C 3 HOH 4   404 4   HOH HOH A . 
C 3 HOH 5   405 5   HOH HOH A . 
C 3 HOH 6   406 6   HOH HOH A . 
C 3 HOH 7   407 7   HOH HOH A . 
C 3 HOH 8   408 8   HOH HOH A . 
C 3 HOH 9   409 9   HOH HOH A . 
C 3 HOH 10  410 10  HOH HOH A . 
C 3 HOH 11  411 11  HOH HOH A . 
C 3 HOH 12  412 12  HOH HOH A . 
C 3 HOH 13  413 13  HOH HOH A . 
C 3 HOH 14  414 14  HOH HOH A . 
C 3 HOH 15  415 15  HOH HOH A . 
C 3 HOH 16  416 16  HOH HOH A . 
C 3 HOH 17  417 17  HOH HOH A . 
C 3 HOH 18  418 18  HOH HOH A . 
C 3 HOH 19  419 19  HOH HOH A . 
C 3 HOH 20  420 20  HOH HOH A . 
C 3 HOH 21  421 21  HOH HOH A . 
C 3 HOH 22  422 22  HOH HOH A . 
C 3 HOH 23  423 23  HOH HOH A . 
C 3 HOH 24  424 24  HOH HOH A . 
C 3 HOH 25  425 25  HOH HOH A . 
C 3 HOH 26  426 26  HOH HOH A . 
C 3 HOH 27  427 27  HOH HOH A . 
C 3 HOH 28  428 28  HOH HOH A . 
C 3 HOH 29  429 29  HOH HOH A . 
C 3 HOH 30  430 30  HOH HOH A . 
C 3 HOH 31  431 31  HOH HOH A . 
C 3 HOH 32  432 32  HOH HOH A . 
C 3 HOH 33  433 33  HOH HOH A . 
C 3 HOH 34  434 34  HOH HOH A . 
C 3 HOH 35  435 35  HOH HOH A . 
C 3 HOH 36  436 36  HOH HOH A . 
C 3 HOH 37  437 37  HOH HOH A . 
C 3 HOH 38  438 38  HOH HOH A . 
C 3 HOH 39  439 39  HOH HOH A . 
C 3 HOH 40  440 40  HOH HOH A . 
C 3 HOH 41  441 41  HOH HOH A . 
C 3 HOH 42  442 42  HOH HOH A . 
C 3 HOH 43  443 43  HOH HOH A . 
C 3 HOH 44  444 44  HOH HOH A . 
C 3 HOH 45  445 45  HOH HOH A . 
C 3 HOH 46  446 46  HOH HOH A . 
C 3 HOH 47  447 47  HOH HOH A . 
C 3 HOH 48  448 48  HOH HOH A . 
C 3 HOH 49  449 49  HOH HOH A . 
C 3 HOH 50  450 50  HOH HOH A . 
C 3 HOH 51  451 51  HOH HOH A . 
C 3 HOH 52  452 52  HOH HOH A . 
C 3 HOH 53  453 53  HOH HOH A . 
C 3 HOH 54  454 54  HOH HOH A . 
C 3 HOH 55  455 55  HOH HOH A . 
C 3 HOH 56  456 56  HOH HOH A . 
C 3 HOH 57  457 57  HOH HOH A . 
C 3 HOH 58  458 58  HOH HOH A . 
C 3 HOH 59  459 59  HOH HOH A . 
C 3 HOH 60  460 60  HOH HOH A . 
C 3 HOH 61  461 61  HOH HOH A . 
C 3 HOH 62  462 62  HOH HOH A . 
C 3 HOH 63  463 63  HOH HOH A . 
C 3 HOH 64  464 64  HOH HOH A . 
C 3 HOH 65  465 65  HOH HOH A . 
C 3 HOH 66  466 67  HOH HOH A . 
C 3 HOH 67  467 69  HOH HOH A . 
C 3 HOH 68  468 70  HOH HOH A . 
C 3 HOH 69  469 71  HOH HOH A . 
C 3 HOH 70  470 72  HOH HOH A . 
C 3 HOH 71  471 73  HOH HOH A . 
C 3 HOH 72  472 74  HOH HOH A . 
C 3 HOH 73  473 76  HOH HOH A . 
C 3 HOH 74  474 77  HOH HOH A . 
C 3 HOH 75  475 79  HOH HOH A . 
C 3 HOH 76  476 81  HOH HOH A . 
C 3 HOH 77  477 84  HOH HOH A . 
C 3 HOH 78  478 85  HOH HOH A . 
C 3 HOH 79  479 87  HOH HOH A . 
C 3 HOH 80  480 88  HOH HOH A . 
C 3 HOH 81  481 89  HOH HOH A . 
C 3 HOH 82  482 93  HOH HOH A . 
C 3 HOH 83  483 95  HOH HOH A . 
C 3 HOH 84  484 96  HOH HOH A . 
C 3 HOH 85  485 98  HOH HOH A . 
C 3 HOH 86  486 99  HOH HOH A . 
C 3 HOH 87  487 100 HOH HOH A . 
C 3 HOH 88  488 101 HOH HOH A . 
C 3 HOH 89  489 102 HOH HOH A . 
C 3 HOH 90  490 104 HOH HOH A . 
C 3 HOH 91  491 105 HOH HOH A . 
C 3 HOH 92  492 106 HOH HOH A . 
C 3 HOH 93  493 109 HOH HOH A . 
C 3 HOH 94  494 111 HOH HOH A . 
C 3 HOH 95  495 115 HOH HOH A . 
C 3 HOH 96  496 117 HOH HOH A . 
C 3 HOH 97  497 120 HOH HOH A . 
C 3 HOH 98  498 125 HOH HOH A . 
C 3 HOH 99  499 129 HOH HOH A . 
C 3 HOH 100 500 132 HOH HOH A . 
# 
_pdbx_struct_assembly.id                   1 
_pdbx_struct_assembly.details              author_and_software_defined_assembly 
_pdbx_struct_assembly.method_details       PISA 
_pdbx_struct_assembly.oligomeric_details   monomeric 
_pdbx_struct_assembly.oligomeric_count     1 
# 
_pdbx_struct_assembly_gen.assembly_id       1 
_pdbx_struct_assembly_gen.oper_expression   1 
_pdbx_struct_assembly_gen.asym_id_list      A,B,C 
# 
_pdbx_struct_oper_list.id                   1 
_pdbx_struct_oper_list.type                 'identity operation' 
_pdbx_struct_oper_list.name                 1_555 
_pdbx_struct_oper_list.symmetry_operation   x,y,z 
_pdbx_struct_oper_list.matrix[1][1]         1.0000000000 
_pdbx_struct_oper_list.matrix[1][2]         0.0000000000 
_pdbx_struct_oper_list.matrix[1][3]         0.0000000000 
_pdbx_struct_oper_list.vector[1]            0.0000000000 
_pdbx_struct_oper_list.matrix[2][1]         0.0000000000 
_pdbx_struct_oper_list.matrix[2][2]         1.0000000000 
_pdbx_struct_oper_list.matrix[2][3]         0.0000000000 
_pdbx_struct_oper_list.vector[2]            0.0000000000 
_pdbx_struct_oper_list.matrix[3][1]         0.0000000000 
_pdbx_struct_oper_list.matrix[3][2]         0.0000000000 
_pdbx_struct_oper_list.matrix[3][3]         1.0000000000 
_pdbx_struct_oper_list.vector[3]            0.0000000000 
# 
loop_
_pdbx_audit_revision_history.ordinal 
_pdbx_audit_revision_history.data_content_type 
_pdbx_audit_revision_history.major_revision 
_pdbx_audit_revision_history.minor_revision 
_pdbx_audit_revision_history.revision_date 
1 'Structure model' 1 0 2013-04-10 
2 'Structure model' 1 1 2014-06-11 
3 'Structure model' 1 2 2014-07-30 
4 'Structure model' 1 3 2023-09-13 
# 
_pdbx_audit_revision_details.ordinal             1 
_pdbx_audit_revision_details.revision_ordinal    1 
_pdbx_audit_revision_details.data_content_type   'Structure model' 
_pdbx_audit_revision_details.provider            repository 
_pdbx_audit_revision_details.type                'Initial release' 
_pdbx_audit_revision_details.description         ? 
_pdbx_audit_revision_details.details             ? 
# 
loop_
_pdbx_audit_revision_group.ordinal 
_pdbx_audit_revision_group.revision_ordinal 
_pdbx_audit_revision_group.data_content_type 
_pdbx_audit_revision_group.group 
1 2 'Structure model' 'Database references'    
2 3 'Structure model' 'Database references'    
3 4 'Structure model' 'Data collection'        
4 4 'Structure model' 'Database references'    
5 4 'Structure model' 'Derived calculations'   
6 4 'Structure model' 'Refinement description' 
# 
loop_
_pdbx_audit_revision_category.ordinal 
_pdbx_audit_revision_category.revision_ordinal 
_pdbx_audit_revision_category.data_content_type 
_pdbx_audit_revision_category.category 
1 4 'Structure model' chem_comp_atom                
2 4 'Structure model' chem_comp_bond                
3 4 'Structure model' database_2                    
4 4 'Structure model' pdbx_initial_refinement_model 
5 4 'Structure model' struct_ref_seq_dif            
6 4 'Structure model' struct_site                   
# 
loop_
_pdbx_audit_revision_item.ordinal 
_pdbx_audit_revision_item.revision_ordinal 
_pdbx_audit_revision_item.data_content_type 
_pdbx_audit_revision_item.item 
1 4 'Structure model' '_database_2.pdbx_DOI'                
2 4 'Structure model' '_database_2.pdbx_database_accession' 
3 4 'Structure model' '_struct_ref_seq_dif.details'         
4 4 'Structure model' '_struct_site.pdbx_auth_asym_id'      
5 4 'Structure model' '_struct_site.pdbx_auth_comp_id'      
6 4 'Structure model' '_struct_site.pdbx_auth_seq_id'       
# 
loop_
_software.name 
_software.classification 
_software.version 
_software.citation_id 
_software.pdbx_ordinal 
ADSC     'data collection' Quantum  ? 1 
PHASER   phasing           .        ? 2 
REFMAC   refinement        5.5.0109 ? 3 
HKL-2000 'data reduction'  .        ? 4 
HKL-2000 'data scaling'    .        ? 5 
# 
loop_
_pdbx_validate_close_contact.id 
_pdbx_validate_close_contact.PDB_model_num 
_pdbx_validate_close_contact.auth_atom_id_1 
_pdbx_validate_close_contact.auth_asym_id_1 
_pdbx_validate_close_contact.auth_comp_id_1 
_pdbx_validate_close_contact.auth_seq_id_1 
_pdbx_validate_close_contact.PDB_ins_code_1 
_pdbx_validate_close_contact.label_alt_id_1 
_pdbx_validate_close_contact.auth_atom_id_2 
_pdbx_validate_close_contact.auth_asym_id_2 
_pdbx_validate_close_contact.auth_comp_id_2 
_pdbx_validate_close_contact.auth_seq_id_2 
_pdbx_validate_close_contact.PDB_ins_code_2 
_pdbx_validate_close_contact.label_alt_id_2 
_pdbx_validate_close_contact.dist 
1 1 OG A SER 200 ? B O A HOH 412 ? ? 2.14 
2 1 O  A SER 239 ? ? O A HOH 474 ? ? 2.18 
# 
loop_
_pdbx_unobs_or_zero_occ_atoms.id 
_pdbx_unobs_or_zero_occ_atoms.PDB_model_num 
_pdbx_unobs_or_zero_occ_atoms.polymer_flag 
_pdbx_unobs_or_zero_occ_atoms.occupancy_flag 
_pdbx_unobs_or_zero_occ_atoms.auth_asym_id 
_pdbx_unobs_or_zero_occ_atoms.auth_comp_id 
_pdbx_unobs_or_zero_occ_atoms.auth_seq_id 
_pdbx_unobs_or_zero_occ_atoms.PDB_ins_code 
_pdbx_unobs_or_zero_occ_atoms.auth_atom_id 
_pdbx_unobs_or_zero_occ_atoms.label_alt_id 
_pdbx_unobs_or_zero_occ_atoms.label_asym_id 
_pdbx_unobs_or_zero_occ_atoms.label_comp_id 
_pdbx_unobs_or_zero_occ_atoms.label_seq_id 
_pdbx_unobs_or_zero_occ_atoms.label_atom_id 
1 1 Y 1 A ASN 267 ? CG  ? A ASN 108 CG  
2 1 Y 1 A ASN 267 ? OD1 ? A ASN 108 OD1 
3 1 Y 1 A ASN 267 ? ND2 ? A ASN 108 ND2 
# 
loop_
_pdbx_unobs_or_zero_occ_residues.id 
_pdbx_unobs_or_zero_occ_residues.PDB_model_num 
_pdbx_unobs_or_zero_occ_residues.polymer_flag 
_pdbx_unobs_or_zero_occ_residues.occupancy_flag 
_pdbx_unobs_or_zero_occ_residues.auth_asym_id 
_pdbx_unobs_or_zero_occ_residues.auth_comp_id 
_pdbx_unobs_or_zero_occ_residues.auth_seq_id 
_pdbx_unobs_or_zero_occ_residues.PDB_ins_code 
_pdbx_unobs_or_zero_occ_residues.label_asym_id 
_pdbx_unobs_or_zero_occ_residues.label_comp_id 
_pdbx_unobs_or_zero_occ_residues.label_seq_id 
1  1 Y 1 A GLY 160 ? A GLY 1   
2  1 Y 1 A PRO 161 ? A PRO 2   
3  1 Y 1 A LEU 162 ? A LEU 3   
4  1 Y 1 A GLY 163 ? A GLY 4   
5  1 Y 1 A SER 164 ? A SER 5   
6  1 Y 1 A VAL 165 ? A VAL 6   
7  1 Y 1 A ASN 166 ? A ASN 7   
8  1 Y 1 A LYS 268 ? A LYS 109 
9  1 Y 1 A PRO 269 ? A PRO 110 
10 1 Y 1 A THR 270 ? A THR 111 
11 1 Y 1 A VAL 271 ? A VAL 112 
12 1 Y 1 A TYR 272 ? A TYR 113 
13 1 Y 1 A GLY 273 ? A GLY 114 
14 1 Y 1 A ILE 274 ? A ILE 115 
15 1 Y 1 A LEU 275 ? A LEU 116 
# 
loop_
_chem_comp_atom.comp_id 
_chem_comp_atom.atom_id 
_chem_comp_atom.type_symbol 
_chem_comp_atom.pdbx_aromatic_flag 
_chem_comp_atom.pdbx_stereo_config 
_chem_comp_atom.pdbx_ordinal 
ALA N    N  N N 1   
ALA CA   C  N S 2   
ALA C    C  N N 3   
ALA O    O  N N 4   
ALA CB   C  N N 5   
ALA OXT  O  N N 6   
ALA H    H  N N 7   
ALA H2   H  N N 8   
ALA HA   H  N N 9   
ALA HB1  H  N N 10  
ALA HB2  H  N N 11  
ALA HB3  H  N N 12  
ALA HXT  H  N N 13  
ARG N    N  N N 14  
ARG CA   C  N S 15  
ARG C    C  N N 16  
ARG O    O  N N 17  
ARG CB   C  N N 18  
ARG CG   C  N N 19  
ARG CD   C  N N 20  
ARG NE   N  N N 21  
ARG CZ   C  N N 22  
ARG NH1  N  N N 23  
ARG NH2  N  N N 24  
ARG OXT  O  N N 25  
ARG H    H  N N 26  
ARG H2   H  N N 27  
ARG HA   H  N N 28  
ARG HB2  H  N N 29  
ARG HB3  H  N N 30  
ARG HG2  H  N N 31  
ARG HG3  H  N N 32  
ARG HD2  H  N N 33  
ARG HD3  H  N N 34  
ARG HE   H  N N 35  
ARG HH11 H  N N 36  
ARG HH12 H  N N 37  
ARG HH21 H  N N 38  
ARG HH22 H  N N 39  
ARG HXT  H  N N 40  
ASN N    N  N N 41  
ASN CA   C  N S 42  
ASN C    C  N N 43  
ASN O    O  N N 44  
ASN CB   C  N N 45  
ASN CG   C  N N 46  
ASN OD1  O  N N 47  
ASN ND2  N  N N 48  
ASN OXT  O  N N 49  
ASN H    H  N N 50  
ASN H2   H  N N 51  
ASN HA   H  N N 52  
ASN HB2  H  N N 53  
ASN HB3  H  N N 54  
ASN HD21 H  N N 55  
ASN HD22 H  N N 56  
ASN HXT  H  N N 57  
ASP N    N  N N 58  
ASP CA   C  N S 59  
ASP C    C  N N 60  
ASP O    O  N N 61  
ASP CB   C  N N 62  
ASP CG   C  N N 63  
ASP OD1  O  N N 64  
ASP OD2  O  N N 65  
ASP OXT  O  N N 66  
ASP H    H  N N 67  
ASP H2   H  N N 68  
ASP HA   H  N N 69  
ASP HB2  H  N N 70  
ASP HB3  H  N N 71  
ASP HD2  H  N N 72  
ASP HXT  H  N N 73  
CL  CL   CL N N 74  
CYS N    N  N N 75  
CYS CA   C  N R 76  
CYS C    C  N N 77  
CYS O    O  N N 78  
CYS CB   C  N N 79  
CYS SG   S  N N 80  
CYS OXT  O  N N 81  
CYS H    H  N N 82  
CYS H2   H  N N 83  
CYS HA   H  N N 84  
CYS HB2  H  N N 85  
CYS HB3  H  N N 86  
CYS HG   H  N N 87  
CYS HXT  H  N N 88  
GLN N    N  N N 89  
GLN CA   C  N S 90  
GLN C    C  N N 91  
GLN O    O  N N 92  
GLN CB   C  N N 93  
GLN CG   C  N N 94  
GLN CD   C  N N 95  
GLN OE1  O  N N 96  
GLN NE2  N  N N 97  
GLN OXT  O  N N 98  
GLN H    H  N N 99  
GLN H2   H  N N 100 
GLN HA   H  N N 101 
GLN HB2  H  N N 102 
GLN HB3  H  N N 103 
GLN HG2  H  N N 104 
GLN HG3  H  N N 105 
GLN HE21 H  N N 106 
GLN HE22 H  N N 107 
GLN HXT  H  N N 108 
GLU N    N  N N 109 
GLU CA   C  N S 110 
GLU C    C  N N 111 
GLU O    O  N N 112 
GLU CB   C  N N 113 
GLU CG   C  N N 114 
GLU CD   C  N N 115 
GLU OE1  O  N N 116 
GLU OE2  O  N N 117 
GLU OXT  O  N N 118 
GLU H    H  N N 119 
GLU H2   H  N N 120 
GLU HA   H  N N 121 
GLU HB2  H  N N 122 
GLU HB3  H  N N 123 
GLU HG2  H  N N 124 
GLU HG3  H  N N 125 
GLU HE2  H  N N 126 
GLU HXT  H  N N 127 
GLY N    N  N N 128 
GLY CA   C  N N 129 
GLY C    C  N N 130 
GLY O    O  N N 131 
GLY OXT  O  N N 132 
GLY H    H  N N 133 
GLY H2   H  N N 134 
GLY HA2  H  N N 135 
GLY HA3  H  N N 136 
GLY HXT  H  N N 137 
HIS N    N  N N 138 
HIS CA   C  N S 139 
HIS C    C  N N 140 
HIS O    O  N N 141 
HIS CB   C  N N 142 
HIS CG   C  Y N 143 
HIS ND1  N  Y N 144 
HIS CD2  C  Y N 145 
HIS CE1  C  Y N 146 
HIS NE2  N  Y N 147 
HIS OXT  O  N N 148 
HIS H    H  N N 149 
HIS H2   H  N N 150 
HIS HA   H  N N 151 
HIS HB2  H  N N 152 
HIS HB3  H  N N 153 
HIS HD1  H  N N 154 
HIS HD2  H  N N 155 
HIS HE1  H  N N 156 
HIS HE2  H  N N 157 
HIS HXT  H  N N 158 
HOH O    O  N N 159 
HOH H1   H  N N 160 
HOH H2   H  N N 161 
ILE N    N  N N 162 
ILE CA   C  N S 163 
ILE C    C  N N 164 
ILE O    O  N N 165 
ILE CB   C  N S 166 
ILE CG1  C  N N 167 
ILE CG2  C  N N 168 
ILE CD1  C  N N 169 
ILE OXT  O  N N 170 
ILE H    H  N N 171 
ILE H2   H  N N 172 
ILE HA   H  N N 173 
ILE HB   H  N N 174 
ILE HG12 H  N N 175 
ILE HG13 H  N N 176 
ILE HG21 H  N N 177 
ILE HG22 H  N N 178 
ILE HG23 H  N N 179 
ILE HD11 H  N N 180 
ILE HD12 H  N N 181 
ILE HD13 H  N N 182 
ILE HXT  H  N N 183 
LEU N    N  N N 184 
LEU CA   C  N S 185 
LEU C    C  N N 186 
LEU O    O  N N 187 
LEU CB   C  N N 188 
LEU CG   C  N N 189 
LEU CD1  C  N N 190 
LEU CD2  C  N N 191 
LEU OXT  O  N N 192 
LEU H    H  N N 193 
LEU H2   H  N N 194 
LEU HA   H  N N 195 
LEU HB2  H  N N 196 
LEU HB3  H  N N 197 
LEU HG   H  N N 198 
LEU HD11 H  N N 199 
LEU HD12 H  N N 200 
LEU HD13 H  N N 201 
LEU HD21 H  N N 202 
LEU HD22 H  N N 203 
LEU HD23 H  N N 204 
LEU HXT  H  N N 205 
LYS N    N  N N 206 
LYS CA   C  N S 207 
LYS C    C  N N 208 
LYS O    O  N N 209 
LYS CB   C  N N 210 
LYS CG   C  N N 211 
LYS CD   C  N N 212 
LYS CE   C  N N 213 
LYS NZ   N  N N 214 
LYS OXT  O  N N 215 
LYS H    H  N N 216 
LYS H2   H  N N 217 
LYS HA   H  N N 218 
LYS HB2  H  N N 219 
LYS HB3  H  N N 220 
LYS HG2  H  N N 221 
LYS HG3  H  N N 222 
LYS HD2  H  N N 223 
LYS HD3  H  N N 224 
LYS HE2  H  N N 225 
LYS HE3  H  N N 226 
LYS HZ1  H  N N 227 
LYS HZ2  H  N N 228 
LYS HZ3  H  N N 229 
LYS HXT  H  N N 230 
PHE N    N  N N 231 
PHE CA   C  N S 232 
PHE C    C  N N 233 
PHE O    O  N N 234 
PHE CB   C  N N 235 
PHE CG   C  Y N 236 
PHE CD1  C  Y N 237 
PHE CD2  C  Y N 238 
PHE CE1  C  Y N 239 
PHE CE2  C  Y N 240 
PHE CZ   C  Y N 241 
PHE OXT  O  N N 242 
PHE H    H  N N 243 
PHE H2   H  N N 244 
PHE HA   H  N N 245 
PHE HB2  H  N N 246 
PHE HB3  H  N N 247 
PHE HD1  H  N N 248 
PHE HD2  H  N N 249 
PHE HE1  H  N N 250 
PHE HE2  H  N N 251 
PHE HZ   H  N N 252 
PHE HXT  H  N N 253 
PRO N    N  N N 254 
PRO CA   C  N S 255 
PRO C    C  N N 256 
PRO O    O  N N 257 
PRO CB   C  N N 258 
PRO CG   C  N N 259 
PRO CD   C  N N 260 
PRO OXT  O  N N 261 
PRO H    H  N N 262 
PRO HA   H  N N 263 
PRO HB2  H  N N 264 
PRO HB3  H  N N 265 
PRO HG2  H  N N 266 
PRO HG3  H  N N 267 
PRO HD2  H  N N 268 
PRO HD3  H  N N 269 
PRO HXT  H  N N 270 
SER N    N  N N 271 
SER CA   C  N S 272 
SER C    C  N N 273 
SER O    O  N N 274 
SER CB   C  N N 275 
SER OG   O  N N 276 
SER OXT  O  N N 277 
SER H    H  N N 278 
SER H2   H  N N 279 
SER HA   H  N N 280 
SER HB2  H  N N 281 
SER HB3  H  N N 282 
SER HG   H  N N 283 
SER HXT  H  N N 284 
THR N    N  N N 285 
THR CA   C  N S 286 
THR C    C  N N 287 
THR O    O  N N 288 
THR CB   C  N R 289 
THR OG1  O  N N 290 
THR CG2  C  N N 291 
THR OXT  O  N N 292 
THR H    H  N N 293 
THR H2   H  N N 294 
THR HA   H  N N 295 
THR HB   H  N N 296 
THR HG1  H  N N 297 
THR HG21 H  N N 298 
THR HG22 H  N N 299 
THR HG23 H  N N 300 
THR HXT  H  N N 301 
TRP N    N  N N 302 
TRP CA   C  N S 303 
TRP C    C  N N 304 
TRP O    O  N N 305 
TRP CB   C  N N 306 
TRP CG   C  Y N 307 
TRP CD1  C  Y N 308 
TRP CD2  C  Y N 309 
TRP NE1  N  Y N 310 
TRP CE2  C  Y N 311 
TRP CE3  C  Y N 312 
TRP CZ2  C  Y N 313 
TRP CZ3  C  Y N 314 
TRP CH2  C  Y N 315 
TRP OXT  O  N N 316 
TRP H    H  N N 317 
TRP H2   H  N N 318 
TRP HA   H  N N 319 
TRP HB2  H  N N 320 
TRP HB3  H  N N 321 
TRP HD1  H  N N 322 
TRP HE1  H  N N 323 
TRP HE3  H  N N 324 
TRP HZ2  H  N N 325 
TRP HZ3  H  N N 326 
TRP HH2  H  N N 327 
TRP HXT  H  N N 328 
TYR N    N  N N 329 
TYR CA   C  N S 330 
TYR C    C  N N 331 
TYR O    O  N N 332 
TYR CB   C  N N 333 
TYR CG   C  Y N 334 
TYR CD1  C  Y N 335 
TYR CD2  C  Y N 336 
TYR CE1  C  Y N 337 
TYR CE2  C  Y N 338 
TYR CZ   C  Y N 339 
TYR OH   O  N N 340 
TYR OXT  O  N N 341 
TYR H    H  N N 342 
TYR H2   H  N N 343 
TYR HA   H  N N 344 
TYR HB2  H  N N 345 
TYR HB3  H  N N 346 
TYR HD1  H  N N 347 
TYR HD2  H  N N 348 
TYR HE1  H  N N 349 
TYR HE2  H  N N 350 
TYR HH   H  N N 351 
TYR HXT  H  N N 352 
VAL N    N  N N 353 
VAL CA   C  N S 354 
VAL C    C  N N 355 
VAL O    O  N N 356 
VAL CB   C  N N 357 
VAL CG1  C  N N 358 
VAL CG2  C  N N 359 
VAL OXT  O  N N 360 
VAL H    H  N N 361 
VAL H2   H  N N 362 
VAL HA   H  N N 363 
VAL HB   H  N N 364 
VAL HG11 H  N N 365 
VAL HG12 H  N N 366 
VAL HG13 H  N N 367 
VAL HG21 H  N N 368 
VAL HG22 H  N N 369 
VAL HG23 H  N N 370 
VAL HXT  H  N N 371 
# 
loop_
_chem_comp_bond.comp_id 
_chem_comp_bond.atom_id_1 
_chem_comp_bond.atom_id_2 
_chem_comp_bond.value_order 
_chem_comp_bond.pdbx_aromatic_flag 
_chem_comp_bond.pdbx_stereo_config 
_chem_comp_bond.pdbx_ordinal 
ALA N   CA   sing N N 1   
ALA N   H    sing N N 2   
ALA N   H2   sing N N 3   
ALA CA  C    sing N N 4   
ALA CA  CB   sing N N 5   
ALA CA  HA   sing N N 6   
ALA C   O    doub N N 7   
ALA C   OXT  sing N N 8   
ALA CB  HB1  sing N N 9   
ALA CB  HB2  sing N N 10  
ALA CB  HB3  sing N N 11  
ALA OXT HXT  sing N N 12  
ARG N   CA   sing N N 13  
ARG N   H    sing N N 14  
ARG N   H2   sing N N 15  
ARG CA  C    sing N N 16  
ARG CA  CB   sing N N 17  
ARG CA  HA   sing N N 18  
ARG C   O    doub N N 19  
ARG C   OXT  sing N N 20  
ARG CB  CG   sing N N 21  
ARG CB  HB2  sing N N 22  
ARG CB  HB3  sing N N 23  
ARG CG  CD   sing N N 24  
ARG CG  HG2  sing N N 25  
ARG CG  HG3  sing N N 26  
ARG CD  NE   sing N N 27  
ARG CD  HD2  sing N N 28  
ARG CD  HD3  sing N N 29  
ARG NE  CZ   sing N N 30  
ARG NE  HE   sing N N 31  
ARG CZ  NH1  sing N N 32  
ARG CZ  NH2  doub N N 33  
ARG NH1 HH11 sing N N 34  
ARG NH1 HH12 sing N N 35  
ARG NH2 HH21 sing N N 36  
ARG NH2 HH22 sing N N 37  
ARG OXT HXT  sing N N 38  
ASN N   CA   sing N N 39  
ASN N   H    sing N N 40  
ASN N   H2   sing N N 41  
ASN CA  C    sing N N 42  
ASN CA  CB   sing N N 43  
ASN CA  HA   sing N N 44  
ASN C   O    doub N N 45  
ASN C   OXT  sing N N 46  
ASN CB  CG   sing N N 47  
ASN CB  HB2  sing N N 48  
ASN CB  HB3  sing N N 49  
ASN CG  OD1  doub N N 50  
ASN CG  ND2  sing N N 51  
ASN ND2 HD21 sing N N 52  
ASN ND2 HD22 sing N N 53  
ASN OXT HXT  sing N N 54  
ASP N   CA   sing N N 55  
ASP N   H    sing N N 56  
ASP N   H2   sing N N 57  
ASP CA  C    sing N N 58  
ASP CA  CB   sing N N 59  
ASP CA  HA   sing N N 60  
ASP C   O    doub N N 61  
ASP C   OXT  sing N N 62  
ASP CB  CG   sing N N 63  
ASP CB  HB2  sing N N 64  
ASP CB  HB3  sing N N 65  
ASP CG  OD1  doub N N 66  
ASP CG  OD2  sing N N 67  
ASP OD2 HD2  sing N N 68  
ASP OXT HXT  sing N N 69  
CYS N   CA   sing N N 70  
CYS N   H    sing N N 71  
CYS N   H2   sing N N 72  
CYS CA  C    sing N N 73  
CYS CA  CB   sing N N 74  
CYS CA  HA   sing N N 75  
CYS C   O    doub N N 76  
CYS C   OXT  sing N N 77  
CYS CB  SG   sing N N 78  
CYS CB  HB2  sing N N 79  
CYS CB  HB3  sing N N 80  
CYS SG  HG   sing N N 81  
CYS OXT HXT  sing N N 82  
GLN N   CA   sing N N 83  
GLN N   H    sing N N 84  
GLN N   H2   sing N N 85  
GLN CA  C    sing N N 86  
GLN CA  CB   sing N N 87  
GLN CA  HA   sing N N 88  
GLN C   O    doub N N 89  
GLN C   OXT  sing N N 90  
GLN CB  CG   sing N N 91  
GLN CB  HB2  sing N N 92  
GLN CB  HB3  sing N N 93  
GLN CG  CD   sing N N 94  
GLN CG  HG2  sing N N 95  
GLN CG  HG3  sing N N 96  
GLN CD  OE1  doub N N 97  
GLN CD  NE2  sing N N 98  
GLN NE2 HE21 sing N N 99  
GLN NE2 HE22 sing N N 100 
GLN OXT HXT  sing N N 101 
GLU N   CA   sing N N 102 
GLU N   H    sing N N 103 
GLU N   H2   sing N N 104 
GLU CA  C    sing N N 105 
GLU CA  CB   sing N N 106 
GLU CA  HA   sing N N 107 
GLU C   O    doub N N 108 
GLU C   OXT  sing N N 109 
GLU CB  CG   sing N N 110 
GLU CB  HB2  sing N N 111 
GLU CB  HB3  sing N N 112 
GLU CG  CD   sing N N 113 
GLU CG  HG2  sing N N 114 
GLU CG  HG3  sing N N 115 
GLU CD  OE1  doub N N 116 
GLU CD  OE2  sing N N 117 
GLU OE2 HE2  sing N N 118 
GLU OXT HXT  sing N N 119 
GLY N   CA   sing N N 120 
GLY N   H    sing N N 121 
GLY N   H2   sing N N 122 
GLY CA  C    sing N N 123 
GLY CA  HA2  sing N N 124 
GLY CA  HA3  sing N N 125 
GLY C   O    doub N N 126 
GLY C   OXT  sing N N 127 
GLY OXT HXT  sing N N 128 
HIS N   CA   sing N N 129 
HIS N   H    sing N N 130 
HIS N   H2   sing N N 131 
HIS CA  C    sing N N 132 
HIS CA  CB   sing N N 133 
HIS CA  HA   sing N N 134 
HIS C   O    doub N N 135 
HIS C   OXT  sing N N 136 
HIS CB  CG   sing N N 137 
HIS CB  HB2  sing N N 138 
HIS CB  HB3  sing N N 139 
HIS CG  ND1  sing Y N 140 
HIS CG  CD2  doub Y N 141 
HIS ND1 CE1  doub Y N 142 
HIS ND1 HD1  sing N N 143 
HIS CD2 NE2  sing Y N 144 
HIS CD2 HD2  sing N N 145 
HIS CE1 NE2  sing Y N 146 
HIS CE1 HE1  sing N N 147 
HIS NE2 HE2  sing N N 148 
HIS OXT HXT  sing N N 149 
HOH O   H1   sing N N 150 
HOH O   H2   sing N N 151 
ILE N   CA   sing N N 152 
ILE N   H    sing N N 153 
ILE N   H2   sing N N 154 
ILE CA  C    sing N N 155 
ILE CA  CB   sing N N 156 
ILE CA  HA   sing N N 157 
ILE C   O    doub N N 158 
ILE C   OXT  sing N N 159 
ILE CB  CG1  sing N N 160 
ILE CB  CG2  sing N N 161 
ILE CB  HB   sing N N 162 
ILE CG1 CD1  sing N N 163 
ILE CG1 HG12 sing N N 164 
ILE CG1 HG13 sing N N 165 
ILE CG2 HG21 sing N N 166 
ILE CG2 HG22 sing N N 167 
ILE CG2 HG23 sing N N 168 
ILE CD1 HD11 sing N N 169 
ILE CD1 HD12 sing N N 170 
ILE CD1 HD13 sing N N 171 
ILE OXT HXT  sing N N 172 
LEU N   CA   sing N N 173 
LEU N   H    sing N N 174 
LEU N   H2   sing N N 175 
LEU CA  C    sing N N 176 
LEU CA  CB   sing N N 177 
LEU CA  HA   sing N N 178 
LEU C   O    doub N N 179 
LEU C   OXT  sing N N 180 
LEU CB  CG   sing N N 181 
LEU CB  HB2  sing N N 182 
LEU CB  HB3  sing N N 183 
LEU CG  CD1  sing N N 184 
LEU CG  CD2  sing N N 185 
LEU CG  HG   sing N N 186 
LEU CD1 HD11 sing N N 187 
LEU CD1 HD12 sing N N 188 
LEU CD1 HD13 sing N N 189 
LEU CD2 HD21 sing N N 190 
LEU CD2 HD22 sing N N 191 
LEU CD2 HD23 sing N N 192 
LEU OXT HXT  sing N N 193 
LYS N   CA   sing N N 194 
LYS N   H    sing N N 195 
LYS N   H2   sing N N 196 
LYS CA  C    sing N N 197 
LYS CA  CB   sing N N 198 
LYS CA  HA   sing N N 199 
LYS C   O    doub N N 200 
LYS C   OXT  sing N N 201 
LYS CB  CG   sing N N 202 
LYS CB  HB2  sing N N 203 
LYS CB  HB3  sing N N 204 
LYS CG  CD   sing N N 205 
LYS CG  HG2  sing N N 206 
LYS CG  HG3  sing N N 207 
LYS CD  CE   sing N N 208 
LYS CD  HD2  sing N N 209 
LYS CD  HD3  sing N N 210 
LYS CE  NZ   sing N N 211 
LYS CE  HE2  sing N N 212 
LYS CE  HE3  sing N N 213 
LYS NZ  HZ1  sing N N 214 
LYS NZ  HZ2  sing N N 215 
LYS NZ  HZ3  sing N N 216 
LYS OXT HXT  sing N N 217 
PHE N   CA   sing N N 218 
PHE N   H    sing N N 219 
PHE N   H2   sing N N 220 
PHE CA  C    sing N N 221 
PHE CA  CB   sing N N 222 
PHE CA  HA   sing N N 223 
PHE C   O    doub N N 224 
PHE C   OXT  sing N N 225 
PHE CB  CG   sing N N 226 
PHE CB  HB2  sing N N 227 
PHE CB  HB3  sing N N 228 
PHE CG  CD1  doub Y N 229 
PHE CG  CD2  sing Y N 230 
PHE CD1 CE1  sing Y N 231 
PHE CD1 HD1  sing N N 232 
PHE CD2 CE2  doub Y N 233 
PHE CD2 HD2  sing N N 234 
PHE CE1 CZ   doub Y N 235 
PHE CE1 HE1  sing N N 236 
PHE CE2 CZ   sing Y N 237 
PHE CE2 HE2  sing N N 238 
PHE CZ  HZ   sing N N 239 
PHE OXT HXT  sing N N 240 
PRO N   CA   sing N N 241 
PRO N   CD   sing N N 242 
PRO N   H    sing N N 243 
PRO CA  C    sing N N 244 
PRO CA  CB   sing N N 245 
PRO CA  HA   sing N N 246 
PRO C   O    doub N N 247 
PRO C   OXT  sing N N 248 
PRO CB  CG   sing N N 249 
PRO CB  HB2  sing N N 250 
PRO CB  HB3  sing N N 251 
PRO CG  CD   sing N N 252 
PRO CG  HG2  sing N N 253 
PRO CG  HG3  sing N N 254 
PRO CD  HD2  sing N N 255 
PRO CD  HD3  sing N N 256 
PRO OXT HXT  sing N N 257 
SER N   CA   sing N N 258 
SER N   H    sing N N 259 
SER N   H2   sing N N 260 
SER CA  C    sing N N 261 
SER CA  CB   sing N N 262 
SER CA  HA   sing N N 263 
SER C   O    doub N N 264 
SER C   OXT  sing N N 265 
SER CB  OG   sing N N 266 
SER CB  HB2  sing N N 267 
SER CB  HB3  sing N N 268 
SER OG  HG   sing N N 269 
SER OXT HXT  sing N N 270 
THR N   CA   sing N N 271 
THR N   H    sing N N 272 
THR N   H2   sing N N 273 
THR CA  C    sing N N 274 
THR CA  CB   sing N N 275 
THR CA  HA   sing N N 276 
THR C   O    doub N N 277 
THR C   OXT  sing N N 278 
THR CB  OG1  sing N N 279 
THR CB  CG2  sing N N 280 
THR CB  HB   sing N N 281 
THR OG1 HG1  sing N N 282 
THR CG2 HG21 sing N N 283 
THR CG2 HG22 sing N N 284 
THR CG2 HG23 sing N N 285 
THR OXT HXT  sing N N 286 
TRP N   CA   sing N N 287 
TRP N   H    sing N N 288 
TRP N   H2   sing N N 289 
TRP CA  C    sing N N 290 
TRP CA  CB   sing N N 291 
TRP CA  HA   sing N N 292 
TRP C   O    doub N N 293 
TRP C   OXT  sing N N 294 
TRP CB  CG   sing N N 295 
TRP CB  HB2  sing N N 296 
TRP CB  HB3  sing N N 297 
TRP CG  CD1  doub Y N 298 
TRP CG  CD2  sing Y N 299 
TRP CD1 NE1  sing Y N 300 
TRP CD1 HD1  sing N N 301 
TRP CD2 CE2  doub Y N 302 
TRP CD2 CE3  sing Y N 303 
TRP NE1 CE2  sing Y N 304 
TRP NE1 HE1  sing N N 305 
TRP CE2 CZ2  sing Y N 306 
TRP CE3 CZ3  doub Y N 307 
TRP CE3 HE3  sing N N 308 
TRP CZ2 CH2  doub Y N 309 
TRP CZ2 HZ2  sing N N 310 
TRP CZ3 CH2  sing Y N 311 
TRP CZ3 HZ3  sing N N 312 
TRP CH2 HH2  sing N N 313 
TRP OXT HXT  sing N N 314 
TYR N   CA   sing N N 315 
TYR N   H    sing N N 316 
TYR N   H2   sing N N 317 
TYR CA  C    sing N N 318 
TYR CA  CB   sing N N 319 
TYR CA  HA   sing N N 320 
TYR C   O    doub N N 321 
TYR C   OXT  sing N N 322 
TYR CB  CG   sing N N 323 
TYR CB  HB2  sing N N 324 
TYR CB  HB3  sing N N 325 
TYR CG  CD1  doub Y N 326 
TYR CG  CD2  sing Y N 327 
TYR CD1 CE1  sing Y N 328 
TYR CD1 HD1  sing N N 329 
TYR CD2 CE2  doub Y N 330 
TYR CD2 HD2  sing N N 331 
TYR CE1 CZ   doub Y N 332 
TYR CE1 HE1  sing N N 333 
TYR CE2 CZ   sing Y N 334 
TYR CE2 HE2  sing N N 335 
TYR CZ  OH   sing N N 336 
TYR OH  HH   sing N N 337 
TYR OXT HXT  sing N N 338 
VAL N   CA   sing N N 339 
VAL N   H    sing N N 340 
VAL N   H2   sing N N 341 
VAL CA  C    sing N N 342 
VAL CA  CB   sing N N 343 
VAL CA  HA   sing N N 344 
VAL C   O    doub N N 345 
VAL C   OXT  sing N N 346 
VAL CB  CG1  sing N N 347 
VAL CB  CG2  sing N N 348 
VAL CB  HB   sing N N 349 
VAL CG1 HG11 sing N N 350 
VAL CG1 HG12 sing N N 351 
VAL CG1 HG13 sing N N 352 
VAL CG2 HG21 sing N N 353 
VAL CG2 HG22 sing N N 354 
VAL CG2 HG23 sing N N 355 
VAL OXT HXT  sing N N 356 
# 
loop_
_pdbx_entity_nonpoly.entity_id 
_pdbx_entity_nonpoly.name 
_pdbx_entity_nonpoly.comp_id 
2 'CHLORIDE ION' CL  
3 water          HOH 
# 
_pdbx_initial_refinement_model.id               1 
_pdbx_initial_refinement_model.entity_id_list   ? 
_pdbx_initial_refinement_model.type             'experimental model' 
_pdbx_initial_refinement_model.source_name      PDB 
_pdbx_initial_refinement_model.accession_code   3K2M 
_pdbx_initial_refinement_model.details          'PDB entry 3K2M' 
# 
